data_4G6P
# 
_entry.id   4G6P 
# 
_audit_conform.dict_name       mmcif_pdbx.dic 
_audit_conform.dict_version    5.387 
_audit_conform.dict_location   http://mmcif.pdb.org/dictionaries/ascii/mmcif_pdbx.dic 
# 
loop_
_database_2.database_id 
_database_2.database_code 
_database_2.pdbx_database_accession 
_database_2.pdbx_DOI 
PDB   4G6P         pdb_00004g6p 10.2210/pdb4g6p/pdb 
NDB   NA1927       ?            ?                   
RCSB  RCSB073806   ?            ?                   
WWPDB D_1000073806 ?            ?                   
# 
loop_
_pdbx_audit_revision_history.ordinal 
_pdbx_audit_revision_history.data_content_type 
_pdbx_audit_revision_history.major_revision 
_pdbx_audit_revision_history.minor_revision 
_pdbx_audit_revision_history.revision_date 
1 'Structure model' 1 0 2012-08-15 
2 'Structure model' 1 1 2012-11-14 
3 'Structure model' 1 2 2024-02-28 
# 
_pdbx_audit_revision_details.ordinal             1 
_pdbx_audit_revision_details.revision_ordinal    1 
_pdbx_audit_revision_details.data_content_type   'Structure model' 
_pdbx_audit_revision_details.provider            repository 
_pdbx_audit_revision_details.type                'Initial release' 
_pdbx_audit_revision_details.description         ? 
_pdbx_audit_revision_details.details             ? 
# 
loop_
_pdbx_audit_revision_group.ordinal 
_pdbx_audit_revision_group.revision_ordinal 
_pdbx_audit_revision_group.data_content_type 
_pdbx_audit_revision_group.group 
1 2 'Structure model' 'Database references'  
2 3 'Structure model' 'Data collection'      
3 3 'Structure model' 'Database references'  
4 3 'Structure model' 'Derived calculations' 
# 
loop_
_pdbx_audit_revision_category.ordinal 
_pdbx_audit_revision_category.revision_ordinal 
_pdbx_audit_revision_category.data_content_type 
_pdbx_audit_revision_category.category 
1 3 'Structure model' chem_comp_atom               
2 3 'Structure model' chem_comp_bond               
3 3 'Structure model' database_2                   
4 3 'Structure model' pdbx_struct_special_symmetry 
5 3 'Structure model' struct_conn                  
6 3 'Structure model' struct_site                  
# 
loop_
_pdbx_audit_revision_item.ordinal 
_pdbx_audit_revision_item.revision_ordinal 
_pdbx_audit_revision_item.data_content_type 
_pdbx_audit_revision_item.item 
1 3 'Structure model' '_database_2.pdbx_DOI'                
2 3 'Structure model' '_database_2.pdbx_database_accession' 
3 3 'Structure model' '_struct_conn.pdbx_leaving_atom_flag' 
4 3 'Structure model' '_struct_site.pdbx_auth_asym_id'      
5 3 'Structure model' '_struct_site.pdbx_auth_comp_id'      
6 3 'Structure model' '_struct_site.pdbx_auth_seq_id'       
# 
_pdbx_database_status.entry_id                        4G6P 
_pdbx_database_status.status_code                     REL 
_pdbx_database_status.deposit_site                    RCSB 
_pdbx_database_status.process_site                    RCSB 
_pdbx_database_status.recvd_initial_deposition_date   2012-07-19 
_pdbx_database_status.status_code_sf                  REL 
_pdbx_database_status.status_code_mr                  ? 
_pdbx_database_status.SG_entry                        ? 
_pdbx_database_status.status_code_cs                  ? 
_pdbx_database_status.methods_development_category    ? 
_pdbx_database_status.pdb_format_compatible           Y 
_pdbx_database_status.status_code_nmr_data            ? 
# 
loop_
_pdbx_database_related.db_name 
_pdbx_database_related.db_id 
_pdbx_database_related.details 
_pdbx_database_related.content_type 
PDB 4G6R . unspecified 
PDB 4G6S . unspecified 
# 
loop_
_audit_author.name 
_audit_author.pdbx_ordinal 
'Liberman, J.A.' 1 
'Jenkins, J.L.'  2 
'Krucinska, J.'  3 
'Wedekind, J.E.' 4 
# 
_citation.id                        primary 
_citation.title                     
'A Transition-State Interaction Shifts Nucleobase Ionization toward Neutrality To Facilitate Small Ribozyme Catalysis.' 
_citation.journal_abbrev            J.Am.Chem.Soc. 
_citation.journal_volume            134 
_citation.page_first                16933 
_citation.page_last                 16936 
_citation.year                      2012 
_citation.journal_id_ASTM           JACSAT 
_citation.country                   US 
_citation.journal_id_ISSN           0002-7863 
_citation.journal_id_CSD            0004 
_citation.book_publisher            ? 
_citation.pdbx_database_id_PubMed   22989273 
_citation.pdbx_database_id_DOI      10.1021/ja3070528 
# 
loop_
_citation_author.citation_id 
_citation_author.name 
_citation_author.ordinal 
_citation_author.identifier_ORCID 
primary 'Liberman, J.A.' 1 ? 
primary 'Guo, M.'        2 ? 
primary 'Jenkins, J.L.'  3 ? 
primary 'Krucinska, J.'  4 ? 
primary 'Chen, Y.'       5 ? 
primary 'Carey, P.R.'    6 ? 
primary 'Wedekind, J.E.' 7 ? 
# 
loop_
_entity.id 
_entity.type 
_entity.src_method 
_entity.pdbx_description 
_entity.formula_weight 
_entity.pdbx_number_of_molecules 
_entity.pdbx_ec 
_entity.pdbx_mutation 
_entity.pdbx_fragment 
_entity.details 
1 polymer     syn 'Loop A Substrate strand'           4066.497 1 ? ? ? ? 
2 polymer     syn 'Loop A and Loop B Ribozyme strand' 9762.989 1 ? ? ? ? 
3 polymer     syn 'Loop B of the Ribozyme Strand'     5976.554 1 ? ? ? ? 
4 non-polymer syn 'SULFATE ION'                       96.063   1 ? ? ? ? 
5 non-polymer syn 'COBALT HEXAMMINE(III)'             161.116  2 ? ? ? ? 
6 water       nat water                               18.015   3 ? ? ? ? 
# 
loop_
_entity_poly.entity_id 
_entity_poly.type 
_entity_poly.nstd_linkage 
_entity_poly.nstd_monomer 
_entity_poly.pdbx_seq_one_letter_code 
_entity_poly.pdbx_seq_one_letter_code_can 
_entity_poly.pdbx_strand_id 
_entity_poly.pdbx_target_identifier 
1 polyribonucleotide no yes 'UCCC(A2M)GUCCACCG'                  UCCCAGUCCACCG                  A ? 
2 polyribonucleotide no yes 'CGGUGAGAAGGG(S9L)GGCAGAGAAACACACGA' CGGUGAGAAGGGXGGCAGAGAAACACACGA B ? 
3 polyribonucleotide no yes 'UCGUGGU(P5P)CAUUACCUGCC'            UCGUGGUACAUUACCUGCC            C ? 
# 
loop_
_pdbx_entity_nonpoly.entity_id 
_pdbx_entity_nonpoly.name 
_pdbx_entity_nonpoly.comp_id 
4 'SULFATE ION'           SO4 
5 'COBALT HEXAMMINE(III)' NCO 
6 water                   HOH 
# 
loop_
_entity_poly_seq.entity_id 
_entity_poly_seq.num 
_entity_poly_seq.mon_id 
_entity_poly_seq.hetero 
1 1  U   n 
1 2  C   n 
1 3  C   n 
1 4  C   n 
1 5  A2M n 
1 6  G   n 
1 7  U   n 
1 8  C   n 
1 9  C   n 
1 10 A   n 
1 11 C   n 
1 12 C   n 
1 13 G   n 
2 1  C   n 
2 2  G   n 
2 3  G   n 
2 4  U   n 
2 5  G   n 
2 6  A   n 
2 7  G   n 
2 8  A   n 
2 9  A   n 
2 10 G   n 
2 11 G   n 
2 12 G   n 
2 13 S9L n 
2 14 G   n 
2 15 G   n 
2 16 C   n 
2 17 A   n 
2 18 G   n 
2 19 A   n 
2 20 G   n 
2 21 A   n 
2 22 A   n 
2 23 A   n 
2 24 C   n 
2 25 A   n 
2 26 C   n 
2 27 A   n 
2 28 C   n 
2 29 G   n 
2 30 A   n 
3 1  U   n 
3 2  C   n 
3 3  G   n 
3 4  U   n 
3 5  G   n 
3 6  G   n 
3 7  U   n 
3 8  P5P n 
3 9  C   n 
3 10 A   n 
3 11 U   n 
3 12 U   n 
3 13 A   n 
3 14 C   n 
3 15 C   n 
3 16 U   n 
3 17 G   n 
3 18 C   n 
3 19 C   n 
# 
loop_
_chem_comp.id 
_chem_comp.type 
_chem_comp.mon_nstd_flag 
_chem_comp.name 
_chem_comp.pdbx_synonyms 
_chem_comp.formula 
_chem_comp.formula_weight 
A   'RNA linking' y "ADENOSINE-5'-MONOPHOSPHATE"                              ? 'C10 H14 N5 O7 P' 347.221 
A2M 'RNA linking' n 
;2'-O-methyladenosine 5'-(dihydrogen phosphate)
;
? 'C11 H16 N5 O7 P' 361.248 
C   'RNA linking' y "CYTIDINE-5'-MONOPHOSPHATE"                               ? 'C9 H14 N3 O8 P'  323.197 
G   'RNA linking' y "GUANOSINE-5'-MONOPHOSPHATE"                              ? 'C10 H14 N5 O8 P' 363.221 
HOH non-polymer   . WATER                                                     ? 'H2 O'            18.015  
NCO non-polymer   . 'COBALT HEXAMMINE(III)'                                   ? 'Co H18 N6 3'     161.116 
P5P 'RNA linking' n 
;PURINE RIBOSIDE-5'-MONOPHOSPHATE
;
? 'C10 H13 N4 O7 P' 332.207 
S9L non-polymer   . '2-[2-(2-HYDROXYETHOXY)ETHOXY]ETHYL DIHYDROGEN PHOSPHATE' ? 'C6 H15 O7 P'     230.153 
SO4 non-polymer   . 'SULFATE ION'                                             ? 'O4 S -2'         96.063  
U   'RNA linking' y "URIDINE-5'-MONOPHOSPHATE"                                ? 'C9 H13 N2 O9 P'  324.181 
# 
loop_
_pdbx_poly_seq_scheme.asym_id 
_pdbx_poly_seq_scheme.entity_id 
_pdbx_poly_seq_scheme.seq_id 
_pdbx_poly_seq_scheme.mon_id 
_pdbx_poly_seq_scheme.ndb_seq_num 
_pdbx_poly_seq_scheme.pdb_seq_num 
_pdbx_poly_seq_scheme.auth_seq_num 
_pdbx_poly_seq_scheme.pdb_mon_id 
_pdbx_poly_seq_scheme.auth_mon_id 
_pdbx_poly_seq_scheme.pdb_strand_id 
_pdbx_poly_seq_scheme.pdb_ins_code 
_pdbx_poly_seq_scheme.hetero 
A 1 1  U   1  -5 -5 U   U   A . n 
A 1 2  C   2  -4 -4 C   C   A . n 
A 1 3  C   3  -3 -3 C   C   A . n 
A 1 4  C   4  -2 -2 C   C   A . n 
A 1 5  A2M 5  -1 -1 A2M A2M A . n 
A 1 6  G   6  1  1  G   G   A . n 
A 1 7  U   7  2  2  U   U   A . n 
A 1 8  C   8  3  3  C   C   A . n 
A 1 9  C   9  4  4  C   C   A . n 
A 1 10 A   10 5  5  A   A   A . n 
A 1 11 C   11 6  6  C   C   A . n 
A 1 12 C   12 7  7  C   C   A . n 
A 1 13 G   13 8  8  G   G   A . n 
B 2 1  C   1  2  2  C   C   B . n 
B 2 2  G   2  3  3  G   G   B . n 
B 2 3  G   3  4  4  G   G   B . n 
B 2 4  U   4  5  5  U   U   B . n 
B 2 5  G   5  6  6  G   G   B . n 
B 2 6  A   6  7  7  A   A   B . n 
B 2 7  G   7  8  8  G   G   B . n 
B 2 8  A   8  9  9  A   A   B . n 
B 2 9  A   9  10 10 A   A   B . n 
B 2 10 G   10 11 11 G   G   B . n 
B 2 11 G   11 12 12 G   G   B . n 
B 2 12 G   12 13 13 G   G   B . n 
B 2 13 S9L 13 14 14 S9L S9L B . n 
B 2 14 G   14 15 15 G   G   B . n 
B 2 15 G   15 16 16 G   G   B . n 
B 2 16 C   16 17 17 C   C   B . n 
B 2 17 A   17 18 18 A   A   B . n 
B 2 18 G   18 19 19 G   G   B . n 
B 2 19 A   19 20 20 A   A   B . n 
B 2 20 G   20 21 21 G   G   B . n 
B 2 21 A   21 22 22 A   A   B . n 
B 2 22 A   22 23 23 A   A   B . n 
B 2 23 A   23 24 24 A   A   B . n 
B 2 24 C   24 25 25 C   C   B . n 
B 2 25 A   25 26 26 A   A   B . n 
B 2 26 C   26 27 27 C   C   B . n 
B 2 27 A   27 28 28 A   A   B . n 
B 2 28 C   28 29 29 C   C   B . n 
B 2 29 G   29 30 30 G   G   B . n 
B 2 30 A   30 31 31 A   A   B . n 
C 3 1  U   1  31 31 U   U   C . n 
C 3 2  C   2  32 32 C   C   C . n 
C 3 3  G   3  33 33 G   G   C . n 
C 3 4  U   4  34 34 U   U   C . n 
C 3 5  G   5  35 35 G   G   C . n 
C 3 6  G   6  36 36 G   G   C . n 
C 3 7  U   7  37 37 U   U   C . n 
C 3 8  P5P 8  38 38 P5P P5P C . n 
C 3 9  C   9  39 39 C   C   C . n 
C 3 10 A   10 40 40 A   A   C . n 
C 3 11 U   11 41 41 U   U   C . n 
C 3 12 U   12 42 42 U   U   C . n 
C 3 13 A   13 43 43 A   A   C . n 
C 3 14 C   14 44 44 C   C   C . n 
C 3 15 C   15 45 45 C   C   C . n 
C 3 16 U   16 46 46 U   U   C . n 
C 3 17 G   17 47 47 G   G   C . n 
C 3 18 C   18 48 48 C   C   C . n 
C 3 19 C   19 49 49 C   C   C . n 
# 
loop_
_pdbx_nonpoly_scheme.asym_id 
_pdbx_nonpoly_scheme.entity_id 
_pdbx_nonpoly_scheme.mon_id 
_pdbx_nonpoly_scheme.ndb_seq_num 
_pdbx_nonpoly_scheme.pdb_seq_num 
_pdbx_nonpoly_scheme.auth_seq_num 
_pdbx_nonpoly_scheme.pdb_mon_id 
_pdbx_nonpoly_scheme.auth_mon_id 
_pdbx_nonpoly_scheme.pdb_strand_id 
_pdbx_nonpoly_scheme.pdb_ins_code 
D 4 SO4 1 201 201 SO4 SO4 A . 
E 5 NCO 1 101 102 NCO NCO B . 
F 5 NCO 1 101 101 NCO NCO C . 
G 6 HOH 1 201 101 HOH HOH B . 
H 6 HOH 1 201 102 HOH HOH C . 
H 6 HOH 2 202 103 HOH HOH C . 
# 
loop_
_software.pdbx_ordinal 
_software.name 
_software.version 
_software.date 
_software.type 
_software.contact_author 
_software.contact_author_email 
_software.classification 
_software.location 
_software.language 
_software.citation_id 
1 SCALEPACK   .         ?                program 'Zbyszek Otwinowski' hkl@hkl-xray.com         'data scaling'    
http://www.hkl-xray.com/                  ?   ? 
2 PHENIX      1.6.2_432 ?                package 'Paul D. Adams'      PDAdams@lbl.gov          refinement        
http://www.phenix-online.org/             C++ ? 
3 PDB_EXTRACT 3.11      'April 22, 2011' package PDB                  deposit@deposit.rcsb.org 'data extraction' 
http://sw-tools.pdb.org/apps/PDB_EXTRACT/ C++ ? 
4 Blu-Ice     .         ?                ?       ?                    ?                        'data collection' ? ?   ? 
5 HKL-2000    .         ?                ?       ?                    ?                        'data reduction'  ? ?   ? 
6 PHENIX      .         ?                ?       ?                    ?                        phasing           ? ?   ? 
# 
_cell.length_a           93.664 
_cell.length_b           93.664 
_cell.length_c           134.270 
_cell.angle_alpha        90.000 
_cell.angle_beta         90.000 
_cell.angle_gamma        120.000 
_cell.entry_id           4G6P 
_cell.pdbx_unique_axis   ? 
_cell.Z_PDB              12 
_cell.length_a_esd       ? 
_cell.length_b_esd       ? 
_cell.length_c_esd       ? 
_cell.angle_alpha_esd    ? 
_cell.angle_beta_esd     ? 
_cell.angle_gamma_esd    ? 
# 
_symmetry.space_group_name_H-M             'P 61 2 2' 
_symmetry.entry_id                         4G6P 
_symmetry.Int_Tables_number                178 
_symmetry.pdbx_full_space_group_name_H-M   ? 
_symmetry.cell_setting                     ? 
_symmetry.space_group_name_Hall            ? 
# 
_exptl.crystals_number   1 
_exptl.entry_id          4G6P 
_exptl.method            'X-RAY DIFFRACTION' 
# 
_exptl_crystal.id                    1 
_exptl_crystal.density_Matthews      4.29 
_exptl_crystal.density_meas          ? 
_exptl_crystal.density_percent_sol   71.34 
_exptl_crystal.description           ? 
_exptl_crystal.F_000                 ? 
_exptl_crystal.preparation           ? 
# 
_exptl_crystal_grow.crystal_id      1 
_exptl_crystal_grow.method          'VAPOR DIFFUSION, HANGING DROP' 
_exptl_crystal_grow.pH              7.0 
_exptl_crystal_grow.temp            295 
_exptl_crystal_grow.pdbx_details    
;22% (w/v) PEG 2000 MME, 0.1M HEPES pH=7.0, 0.25 M Lithium Sulfate, 1mM Cobalt Hexamine, 2mM spermadine, vapor diffusion, Hanging Drop, temperature 295K
;
_exptl_crystal_grow.temp_details    ? 
_exptl_crystal_grow.pdbx_pH_range   ? 
# 
_diffrn.id                     1 
_diffrn.ambient_temp           100 
_diffrn.ambient_temp_details   ? 
_diffrn.crystal_id             1 
# 
_diffrn_detector.diffrn_id              1 
_diffrn_detector.detector               CCD 
_diffrn_detector.type                   'MARMOSAIC 325 mm CCD' 
_diffrn_detector.pdbx_collection_date   2010-02-05 
_diffrn_detector.details                'Rh coated flat mirror' 
# 
_diffrn_radiation.diffrn_id                        1 
_diffrn_radiation.pdbx_diffrn_protocol             'SINGLE WAVELENGTH' 
_diffrn_radiation.monochromator                    'Si(111)' 
_diffrn_radiation.wavelength_id                    1 
_diffrn_radiation.pdbx_monochromatic_or_laue_m_l   ? 
_diffrn_radiation.pdbx_scattering_type             x-ray 
# 
_diffrn_radiation_wavelength.id           1 
_diffrn_radiation_wavelength.wavelength   0.97885 
_diffrn_radiation_wavelength.wt           1.0 
# 
_diffrn_source.diffrn_id                   1 
_diffrn_source.source                      SYNCHROTRON 
_diffrn_source.type                        'SSRL BEAMLINE BL11-1' 
_diffrn_source.pdbx_wavelength_list        0.97885 
_diffrn_source.pdbx_wavelength             ? 
_diffrn_source.pdbx_synchrotron_site       SSRL 
_diffrn_source.pdbx_synchrotron_beamline   BL11-1 
# 
_reflns.entry_id                     4G6P 
_reflns.d_resolution_high            2.640 
_reflns.d_resolution_low             50.000 
_reflns.number_obs                   10642 
_reflns.pdbx_Rmerge_I_obs            0.043 
_reflns.pdbx_netI_over_sigmaI        20.600 
_reflns.pdbx_chi_squared             1.270 
_reflns.pdbx_redundancy              6.900 
_reflns.percent_possible_obs         98.600 
_reflns.observed_criterion_sigma_F   ? 
_reflns.observed_criterion_sigma_I   ? 
_reflns.number_all                   ? 
_reflns.B_iso_Wilson_estimate        ? 
_reflns.R_free_details               ? 
_reflns.limit_h_max                  ? 
_reflns.limit_h_min                  ? 
_reflns.limit_k_max                  ? 
_reflns.limit_k_min                  ? 
_reflns.limit_l_max                  ? 
_reflns.limit_l_min                  ? 
_reflns.observed_criterion_F_max     ? 
_reflns.observed_criterion_F_min     ? 
_reflns.pdbx_scaling_rejects         ? 
_reflns.pdbx_ordinal                 1 
_reflns.pdbx_diffrn_id               1 
_reflns.pdbx_Rsym_value              ? 
# 
loop_
_reflns_shell.d_res_high 
_reflns_shell.d_res_low 
_reflns_shell.number_measured_obs 
_reflns_shell.number_measured_all 
_reflns_shell.number_unique_obs 
_reflns_shell.Rmerge_I_obs 
_reflns_shell.meanI_over_sigI_obs 
_reflns_shell.pdbx_Rsym_value 
_reflns_shell.pdbx_chi_squared 
_reflns_shell.pdbx_redundancy 
_reflns_shell.percent_possible_obs 
_reflns_shell.number_unique_all 
_reflns_shell.percent_possible_all 
_reflns_shell.pdbx_ordinal 
_reflns_shell.pdbx_diffrn_id 
2.640 2.730  ? ? ? 0.812 ? ? 0.669 6.600 ? 992  94.800  1  1 
2.730 2.840  ? ? ? 0.468 ? ? 0.656 7.000 ? 1042 99.300  2  1 
2.840 2.970  ? ? ? 0.276 ? ? 0.703 7.100 ? 1037 100.000 3  1 
2.970 3.130  ? ? ? 0.119 ? ? 0.854 7.100 ? 1064 100.000 4  1 
3.130 3.330  ? ? ? 0.064 ? ? 1.023 7.100 ? 1047 99.800  5  1 
3.330 3.580  ? ? ? 0.056 ? ? 1.354 7.000 ? 1070 100.000 6  1 
3.580 3.940  ? ? ? 0.045 ? ? 1.706 7.000 ? 1072 100.000 7  1 
3.940 4.510  ? ? ? 0.039 ? ? 1.895 6.900 ? 1076 99.600  8  1 
4.510 5.690  ? ? ? 0.032 ? ? 2.000 6.700 ? 1103 99.400  9  1 
5.690 50.000 ? ? ? 0.027 ? ? 1.796 6.200 ? 1139 93.400  10 1 
# 
_refine.entry_id                                 4G6P 
_refine.ls_d_res_high                            2.6410 
_refine.ls_d_res_low                             31.0170 
_refine.pdbx_ls_sigma_F                          0.000 
_refine.pdbx_data_cutoff_high_absF               ? 
_refine.pdbx_data_cutoff_low_absF                ? 
_refine.ls_percent_reflns_obs                    93.9000 
_refine.ls_number_reflns_obs                     10098 
_refine.ls_number_reflns_all                     ? 
_refine.pdbx_ls_cross_valid_method               ? 
_refine.pdbx_R_Free_selection_details            ? 
_refine.details                                  ? 
_refine.ls_R_factor_obs                          0.1860 
_refine.ls_R_factor_R_work                       0.1854 
_refine.ls_wR_factor_R_work                      ? 
_refine.ls_R_factor_R_free                       0.1971 
_refine.ls_wR_factor_R_free                      ? 
_refine.ls_percent_reflns_R_free                 4.9800 
_refine.ls_number_reflns_R_free                  503 
_refine.ls_R_factor_R_free_error                 ? 
_refine.B_iso_mean                               77.9394 
_refine.solvent_model_param_bsol                 46.5270 
_refine.solvent_model_param_ksol                 0.2950 
_refine.pdbx_isotropic_thermal_model             ? 
_refine.aniso_B[1][1]                            -11.6562 
_refine.aniso_B[2][2]                            -11.6562 
_refine.aniso_B[3][3]                            23.3125 
_refine.aniso_B[1][2]                            -0.0000 
_refine.aniso_B[1][3]                            0.0000 
_refine.aniso_B[2][3]                            -0.0000 
_refine.correlation_coeff_Fo_to_Fc               ? 
_refine.correlation_coeff_Fo_to_Fc_free          ? 
_refine.overall_SU_R_Cruickshank_DPI             ? 
_refine.overall_SU_R_free                        ? 
_refine.pdbx_overall_ESU_R                       ? 
_refine.pdbx_overall_ESU_R_Free                  ? 
_refine.overall_SU_ML                            0.4000 
_refine.overall_SU_B                             ? 
_refine.solvent_model_details                    'FLAT BULK SOLVENT MODEL' 
_refine.pdbx_solvent_vdw_probe_radii             1.0000 
_refine.pdbx_solvent_ion_probe_radii             ? 
_refine.pdbx_solvent_shrinkage_radii             0.7200 
_refine.ls_number_parameters                     ? 
_refine.ls_number_restraints                     ? 
_refine.pdbx_starting_model                      ? 
_refine.pdbx_method_to_determine_struct          'FOURIER SYNTHESIS' 
_refine.pdbx_stereochemistry_target_values       ML 
_refine.pdbx_stereochem_target_val_spec_case     ? 
_refine.overall_FOM_work_R_set                   ? 
_refine.B_iso_max                                135.540 
_refine.B_iso_min                                56.400 
_refine.pdbx_overall_phase_error                 25.9000 
_refine.occupancy_max                            1.000 
_refine.occupancy_min                            0.370 
_refine.pdbx_ls_sigma_I                          ? 
_refine.ls_redundancy_reflns_obs                 ? 
_refine.ls_R_factor_R_free_error_details         ? 
_refine.pdbx_data_cutoff_high_rms_absF           ? 
_refine.overall_FOM_free_R_set                   ? 
_refine.pdbx_diffrn_id                           1 
_refine.pdbx_refine_id                           'X-RAY DIFFRACTION' 
_refine.ls_R_factor_all                          ? 
_refine.pdbx_TLS_residual_ADP_flag               ? 
_refine.pdbx_overall_SU_R_free_Cruickshank_DPI   ? 
_refine.pdbx_overall_SU_R_Blow_DPI               ? 
_refine.pdbx_overall_SU_R_free_Blow_DPI          ? 
# 
_refine_hist.pdbx_refine_id                   'X-RAY DIFFRACTION' 
_refine_hist.cycle_id                         LAST 
_refine_hist.pdbx_number_atoms_protein        0 
_refine_hist.pdbx_number_atoms_nucleic_acid   1310 
_refine_hist.pdbx_number_atoms_ligand         19 
_refine_hist.number_atoms_solvent             3 
_refine_hist.number_atoms_total               1332 
_refine_hist.d_res_high                       2.6410 
_refine_hist.d_res_low                        31.0170 
# 
loop_
_refine_ls_restr.type 
_refine_ls_restr.number 
_refine_ls_restr.dev_ideal 
_refine_ls_restr.dev_ideal_target 
_refine_ls_restr.weight 
_refine_ls_restr.pdbx_restraint_function 
_refine_ls_restr.pdbx_refine_id 
f_bond_d           1504 0.006  ? ? ? 'X-RAY DIFFRACTION' 
f_angle_d          2343 0.960  ? ? ? 'X-RAY DIFFRACTION' 
f_chiral_restr     307  0.069  ? ? ? 'X-RAY DIFFRACTION' 
f_plane_restr      62   0.008  ? ? ? 'X-RAY DIFFRACTION' 
f_dihedral_angle_d 784  16.957 ? ? ? 'X-RAY DIFFRACTION' 
# 
loop_
_refine_ls_shell.d_res_high 
_refine_ls_shell.d_res_low 
_refine_ls_shell.pdbx_total_number_of_bins_used 
_refine_ls_shell.percent_reflns_obs 
_refine_ls_shell.number_reflns_R_work 
_refine_ls_shell.R_factor_all 
_refine_ls_shell.R_factor_R_work 
_refine_ls_shell.R_factor_R_free 
_refine_ls_shell.percent_reflns_R_free 
_refine_ls_shell.number_reflns_R_free 
_refine_ls_shell.R_factor_R_free_error 
_refine_ls_shell.number_reflns_all 
_refine_ls_shell.number_reflns_obs 
_refine_ls_shell.redundancy_reflns_obs 
_refine_ls_shell.pdbx_refine_id 
2.641  2.9067 4 83.0000 2055 . 0.4623 0.5461 . 107 . 2162 . . 'X-RAY DIFFRACTION' 
2.9067 3.3269 4 96.0000 2385 . 0.2661 0.3038 . 124 . 2509 . . 'X-RAY DIFFRACTION' 
3.3269 4.1899 4 99.0000 2515 . 0.1865 0.1783 . 133 . 2648 . . 'X-RAY DIFFRACTION' 
4.1899 31.017 4 98.0000 2640 . 0.1395 0.1516 . 139 . 2779 . . 'X-RAY DIFFRACTION' 
# 
_struct.entry_id                  4G6P 
_struct.title                     'Minimal Hairpin Ribozyme in the Precatalytic State with A38P Variation' 
_struct.pdbx_model_details        ? 
_struct.pdbx_CASP_flag            ? 
_struct.pdbx_model_type_details   ? 
# 
_struct_keywords.entry_id        4G6P 
_struct_keywords.text            'RNA, Structure-activity relationship, Nucleic Acid Conformation' 
_struct_keywords.pdbx_keywords   RNA 
# 
loop_
_struct_asym.id 
_struct_asym.pdbx_blank_PDB_chainid_flag 
_struct_asym.pdbx_modified 
_struct_asym.entity_id 
_struct_asym.details 
A N N 1 ? 
B N N 2 ? 
C N N 3 ? 
D N N 4 ? 
E N N 5 ? 
F N N 5 ? 
G N N 6 ? 
H N N 6 ? 
# 
loop_
_struct_ref.id 
_struct_ref.db_name 
_struct_ref.db_code 
_struct_ref.pdbx_db_accession 
_struct_ref.entity_id 
_struct_ref.pdbx_seq_one_letter_code 
_struct_ref.pdbx_align_begin 
_struct_ref.pdbx_db_isoform 
1 PDB 4G6P 4G6P 1 UCCCAGUCCACCG                  ? ? 
2 PDB 4G6P 4G6P 2 CGGUGAGAAGGGXGGCAGAGAAACACACGA ? ? 
3 PDB 4G6P 4G6P 3 UCGUGGUACAUUACCUGCC            ? ? 
# 
loop_
_struct_ref_seq.align_id 
_struct_ref_seq.ref_id 
_struct_ref_seq.pdbx_PDB_id_code 
_struct_ref_seq.pdbx_strand_id 
_struct_ref_seq.seq_align_beg 
_struct_ref_seq.pdbx_seq_align_beg_ins_code 
_struct_ref_seq.seq_align_end 
_struct_ref_seq.pdbx_seq_align_end_ins_code 
_struct_ref_seq.pdbx_db_accession 
_struct_ref_seq.db_align_beg 
_struct_ref_seq.pdbx_db_align_beg_ins_code 
_struct_ref_seq.db_align_end 
_struct_ref_seq.pdbx_db_align_end_ins_code 
_struct_ref_seq.pdbx_auth_seq_align_beg 
_struct_ref_seq.pdbx_auth_seq_align_end 
1 1 4G6P A 1 ? 13 ? 4G6P -5 ? 8  ? -5 8  
2 2 4G6P B 1 ? 30 ? 4G6P 2  ? 31 ? 2  31 
3 3 4G6P C 1 ? 19 ? 4G6P 31 ? 49 ? 31 49 
# 
_pdbx_struct_assembly.id                   1 
_pdbx_struct_assembly.details              author_and_software_defined_assembly 
_pdbx_struct_assembly.method_details       PISA 
_pdbx_struct_assembly.oligomeric_details   trimeric 
_pdbx_struct_assembly.oligomeric_count     3 
# 
loop_
_pdbx_struct_assembly_prop.biol_id 
_pdbx_struct_assembly_prop.type 
_pdbx_struct_assembly_prop.value 
_pdbx_struct_assembly_prop.details 
1 'ABSA (A^2)' 6570 ? 
1 MORE         -25  ? 
1 'SSA (A^2)'  9380 ? 
# 
_pdbx_struct_assembly_gen.assembly_id       1 
_pdbx_struct_assembly_gen.oper_expression   1 
_pdbx_struct_assembly_gen.asym_id_list      A,B,C,D,E,F,G,H 
# 
_pdbx_struct_oper_list.id                   1 
_pdbx_struct_oper_list.type                 'identity operation' 
_pdbx_struct_oper_list.name                 1_555 
_pdbx_struct_oper_list.symmetry_operation   x,y,z 
_pdbx_struct_oper_list.matrix[1][1]         1.0000000000 
_pdbx_struct_oper_list.matrix[1][2]         0.0000000000 
_pdbx_struct_oper_list.matrix[1][3]         0.0000000000 
_pdbx_struct_oper_list.vector[1]            0.0000000000 
_pdbx_struct_oper_list.matrix[2][1]         0.0000000000 
_pdbx_struct_oper_list.matrix[2][2]         1.0000000000 
_pdbx_struct_oper_list.matrix[2][3]         0.0000000000 
_pdbx_struct_oper_list.vector[2]            0.0000000000 
_pdbx_struct_oper_list.matrix[3][1]         0.0000000000 
_pdbx_struct_oper_list.matrix[3][2]         0.0000000000 
_pdbx_struct_oper_list.matrix[3][3]         1.0000000000 
_pdbx_struct_oper_list.vector[3]            0.0000000000 
# 
_struct_biol.id        1 
_struct_biol.details   ? 
# 
loop_
_struct_conn.id 
_struct_conn.conn_type_id 
_struct_conn.pdbx_leaving_atom_flag 
_struct_conn.pdbx_PDB_id 
_struct_conn.ptnr1_label_asym_id 
_struct_conn.ptnr1_label_comp_id 
_struct_conn.ptnr1_label_seq_id 
_struct_conn.ptnr1_label_atom_id 
_struct_conn.pdbx_ptnr1_label_alt_id 
_struct_conn.pdbx_ptnr1_PDB_ins_code 
_struct_conn.pdbx_ptnr1_standard_comp_id 
_struct_conn.ptnr1_symmetry 
_struct_conn.ptnr2_label_asym_id 
_struct_conn.ptnr2_label_comp_id 
_struct_conn.ptnr2_label_seq_id 
_struct_conn.ptnr2_label_atom_id 
_struct_conn.pdbx_ptnr2_label_alt_id 
_struct_conn.pdbx_ptnr2_PDB_ins_code 
_struct_conn.ptnr1_auth_asym_id 
_struct_conn.ptnr1_auth_comp_id 
_struct_conn.ptnr1_auth_seq_id 
_struct_conn.ptnr2_auth_asym_id 
_struct_conn.ptnr2_auth_comp_id 
_struct_conn.ptnr2_auth_seq_id 
_struct_conn.ptnr2_symmetry 
_struct_conn.pdbx_ptnr3_label_atom_id 
_struct_conn.pdbx_ptnr3_label_seq_id 
_struct_conn.pdbx_ptnr3_label_comp_id 
_struct_conn.pdbx_ptnr3_label_asym_id 
_struct_conn.pdbx_ptnr3_label_alt_id 
_struct_conn.pdbx_ptnr3_PDB_ins_code 
_struct_conn.details 
_struct_conn.pdbx_dist_value 
_struct_conn.pdbx_value_order 
_struct_conn.pdbx_role 
covale1  covale both ? A C   4  "O3'" ? ? ? 1_555 A A2M 5  P  ? ? A C   -2 A A2M -1 1_555 ? ? ? ? ? ? ?                    1.608 ? 
? 
covale2  covale both ? B G   12 "O3'" ? ? ? 1_555 B S9L 13 P  ? ? B G   13 B S9L 14 1_555 ? ? ? ? ? ? ?                    1.604 ? 
? 
covale3  covale both ? B S9L 13 "O3'" ? ? ? 1_555 B G   14 P  ? ? B S9L 14 B G   15 1_555 ? ? ? ? ? ? ?                    1.608 ? 
? 
covale4  covale both ? C U   7  "O3'" ? ? ? 1_555 C P5P 8  P  ? ? C U   37 C P5P 38 1_555 ? ? ? ? ? ? ?                    1.600 ? 
? 
covale5  covale both ? C P5P 8  "O3'" ? ? ? 1_555 C C   9  P  ? ? C P5P 38 C C   39 1_555 ? ? ? ? ? ? ?                    1.616 ? 
? 
hydrog1  hydrog ?    ? A C   2  N3    ? ? ? 1_555 B G   12 N1 ? ? A C   -4 B G   13 1_555 ? ? ? ? ? ? WATSON-CRICK         ?     ? 
? 
hydrog2  hydrog ?    ? A C   2  N4    ? ? ? 1_555 B G   12 O6 ? ? A C   -4 B G   13 1_555 ? ? ? ? ? ? WATSON-CRICK         ?     ? 
? 
hydrog3  hydrog ?    ? A C   2  O2    ? ? ? 1_555 B G   12 N2 ? ? A C   -4 B G   13 1_555 ? ? ? ? ? ? WATSON-CRICK         ?     ? 
? 
hydrog4  hydrog ?    ? A C   3  N3    ? ? ? 1_555 B G   11 N1 ? ? A C   -3 B G   12 1_555 ? ? ? ? ? ? WATSON-CRICK         ?     ? 
? 
hydrog5  hydrog ?    ? A C   3  N4    ? ? ? 1_555 B G   11 O6 ? ? A C   -3 B G   12 1_555 ? ? ? ? ? ? WATSON-CRICK         ?     ? 
? 
hydrog6  hydrog ?    ? A C   3  O2    ? ? ? 1_555 B G   11 N2 ? ? A C   -3 B G   12 1_555 ? ? ? ? ? ? WATSON-CRICK         ?     ? 
? 
hydrog7  hydrog ?    ? A C   4  N3    ? ? ? 1_555 B G   10 N1 ? ? A C   -2 B G   11 1_555 ? ? ? ? ? ? WATSON-CRICK         ?     ? 
? 
hydrog8  hydrog ?    ? A C   4  N4    ? ? ? 1_555 B G   10 O6 ? ? A C   -2 B G   11 1_555 ? ? ? ? ? ? WATSON-CRICK         ?     ? 
? 
hydrog9  hydrog ?    ? A C   4  O2    ? ? ? 1_555 B G   10 N2 ? ? A C   -2 B G   11 1_555 ? ? ? ? ? ? WATSON-CRICK         ?     ? 
? 
hydrog10 hydrog ?    ? A A2M 5  N3    ? ? ? 1_555 B A   8  N6 ? ? A A2M -1 B A   9  1_555 ? ? ? ? ? ? 'A2M-A MISPAIR'      ?     ? 
? 
hydrog11 hydrog ?    ? A G   6  N1    ? ? ? 1_555 B C   24 N3 ? ? A G   1  B C   25 1_555 ? ? ? ? ? ? WATSON-CRICK         ?     ? 
? 
hydrog12 hydrog ?    ? A G   6  N2    ? ? ? 1_555 B C   24 O2 ? ? A G   1  B C   25 1_555 ? ? ? ? ? ? WATSON-CRICK         ?     ? 
? 
hydrog13 hydrog ?    ? A G   6  O6    ? ? ? 1_555 B C   24 N4 ? ? A G   1  B C   25 1_555 ? ? ? ? ? ? WATSON-CRICK         ?     ? 
? 
hydrog14 hydrog ?    ? A U   7  O4    ? ? ? 1_555 B G   7  N2 ? ? A U   2  B G   8  1_555 ? ? ? ? ? ? 'U-G MISPAIR'        ?     ? 
? 
hydrog15 hydrog ?    ? A C   8  N4    ? ? ? 1_555 B A   6  N1 ? ? A C   3  B A   7  1_555 ? ? ? ? ? ? 'C-A MISPAIR'        ?     ? 
? 
hydrog16 hydrog ?    ? A C   9  N3    ? ? ? 1_555 B G   5  N1 ? ? A C   4  B G   6  1_555 ? ? ? ? ? ? WATSON-CRICK         ?     ? 
? 
hydrog17 hydrog ?    ? A C   9  N4    ? ? ? 1_555 B G   5  O6 ? ? A C   4  B G   6  1_555 ? ? ? ? ? ? WATSON-CRICK         ?     ? 
? 
hydrog18 hydrog ?    ? A C   9  O2    ? ? ? 1_555 B G   5  N2 ? ? A C   4  B G   6  1_555 ? ? ? ? ? ? WATSON-CRICK         ?     ? 
? 
hydrog19 hydrog ?    ? A A   10 N1    ? ? ? 1_555 B U   4  N3 ? ? A A   5  B U   5  1_555 ? ? ? ? ? ? WATSON-CRICK         ?     ? 
? 
hydrog20 hydrog ?    ? A A   10 N6    ? ? ? 1_555 B U   4  O4 ? ? A A   5  B U   5  1_555 ? ? ? ? ? ? WATSON-CRICK         ?     ? 
? 
hydrog21 hydrog ?    ? A C   11 N3    ? ? ? 1_555 B G   3  N1 ? ? A C   6  B G   4  1_555 ? ? ? ? ? ? WATSON-CRICK         ?     ? 
? 
hydrog22 hydrog ?    ? A C   11 N4    ? ? ? 1_555 B G   3  O6 ? ? A C   6  B G   4  1_555 ? ? ? ? ? ? WATSON-CRICK         ?     ? 
? 
hydrog23 hydrog ?    ? A C   11 O2    ? ? ? 1_555 B G   3  N2 ? ? A C   6  B G   4  1_555 ? ? ? ? ? ? WATSON-CRICK         ?     ? 
? 
hydrog24 hydrog ?    ? A C   12 N3    ? ? ? 1_555 B G   2  N1 ? ? A C   7  B G   3  1_555 ? ? ? ? ? ? WATSON-CRICK         ?     ? 
? 
hydrog25 hydrog ?    ? A C   12 N4    ? ? ? 1_555 B G   2  O6 ? ? A C   7  B G   3  1_555 ? ? ? ? ? ? WATSON-CRICK         ?     ? 
? 
hydrog26 hydrog ?    ? A C   12 O2    ? ? ? 1_555 B G   2  N2 ? ? A C   7  B G   3  1_555 ? ? ? ? ? ? WATSON-CRICK         ?     ? 
? 
hydrog27 hydrog ?    ? A G   13 N1    ? ? ? 1_555 B C   1  N3 ? ? A G   8  B C   2  1_555 ? ? ? ? ? ? WATSON-CRICK         ?     ? 
? 
hydrog28 hydrog ?    ? A G   13 N2    ? ? ? 1_555 B C   1  O2 ? ? A G   8  B C   2  1_555 ? ? ? ? ? ? WATSON-CRICK         ?     ? 
? 
hydrog29 hydrog ?    ? A G   13 O6    ? ? ? 1_555 B C   1  N4 ? ? A G   8  B C   2  1_555 ? ? ? ? ? ? WATSON-CRICK         ?     ? 
? 
hydrog30 hydrog ?    ? B G   14 N1    ? ? ? 1_555 C C   19 N3 ? ? B G   15 C C   49 1_555 ? ? ? ? ? ? WATSON-CRICK         ?     ? 
? 
hydrog31 hydrog ?    ? B G   14 N2    ? ? ? 1_555 C C   19 O2 ? ? B G   15 C C   49 1_555 ? ? ? ? ? ? WATSON-CRICK         ?     ? 
? 
hydrog32 hydrog ?    ? B G   14 O6    ? ? ? 1_555 C C   19 N4 ? ? B G   15 C C   49 1_555 ? ? ? ? ? ? WATSON-CRICK         ?     ? 
? 
hydrog33 hydrog ?    ? B G   15 N1    ? ? ? 1_555 C C   18 N3 ? ? B G   16 C C   48 1_555 ? ? ? ? ? ? WATSON-CRICK         ?     ? 
? 
hydrog34 hydrog ?    ? B G   15 N2    ? ? ? 1_555 C C   18 O2 ? ? B G   16 C C   48 1_555 ? ? ? ? ? ? WATSON-CRICK         ?     ? 
? 
hydrog35 hydrog ?    ? B G   15 O6    ? ? ? 1_555 C C   18 N4 ? ? B G   16 C C   48 1_555 ? ? ? ? ? ? WATSON-CRICK         ?     ? 
? 
hydrog36 hydrog ?    ? B C   16 N3    ? ? ? 1_555 C G   17 N1 ? ? B C   17 C G   47 1_555 ? ? ? ? ? ? WATSON-CRICK         ?     ? 
? 
hydrog37 hydrog ?    ? B C   16 N4    ? ? ? 1_555 C G   17 O6 ? ? B C   17 C G   47 1_555 ? ? ? ? ? ? WATSON-CRICK         ?     ? 
? 
hydrog38 hydrog ?    ? B C   16 O2    ? ? ? 1_555 C G   17 N2 ? ? B C   17 C G   47 1_555 ? ? ? ? ? ? WATSON-CRICK         ?     ? 
? 
hydrog39 hydrog ?    ? B A   17 N1    ? ? ? 1_555 C U   16 N3 ? ? B A   18 C U   46 1_555 ? ? ? ? ? ? WATSON-CRICK         ?     ? 
? 
hydrog40 hydrog ?    ? B A   17 N6    ? ? ? 1_555 C U   16 O4 ? ? B A   18 C U   46 1_555 ? ? ? ? ? ? WATSON-CRICK         ?     ? 
? 
hydrog41 hydrog ?    ? B G   18 N1    ? ? ? 1_555 C C   15 N3 ? ? B G   19 C C   45 1_555 ? ? ? ? ? ? WATSON-CRICK         ?     ? 
? 
hydrog42 hydrog ?    ? B G   18 N2    ? ? ? 1_555 C C   15 O2 ? ? B G   19 C C   45 1_555 ? ? ? ? ? ? WATSON-CRICK         ?     ? 
? 
hydrog43 hydrog ?    ? B G   18 O6    ? ? ? 1_555 C C   15 N4 ? ? B G   19 C C   45 1_555 ? ? ? ? ? ? WATSON-CRICK         ?     ? 
? 
hydrog44 hydrog ?    ? B A   19 N1    ? ? ? 1_555 C C   14 N4 ? ? B A   20 C C   44 1_555 ? ? ? ? ? ? 'A-C MISPAIR'        ?     ? 
? 
hydrog45 hydrog ?    ? B G   20 N2    ? ? ? 1_555 C A   13 N7 ? ? B G   21 C A   43 1_555 ? ? ? ? ? ? TYPE_11_PAIR         ?     ? 
? 
hydrog46 hydrog ?    ? B G   20 N3    ? ? ? 1_555 C A   13 N6 ? ? B G   21 C A   43 1_555 ? ? ? ? ? ? TYPE_11_PAIR         ?     ? 
? 
hydrog47 hydrog ?    ? B A   21 N6    ? ? ? 1_555 C U   11 O2 ? ? B A   22 C U   41 1_555 ? ? ? ? ? ? 'REVERSED HOOGSTEEN' ?     ? 
? 
hydrog48 hydrog ?    ? B A   21 N7    ? ? ? 1_555 C U   11 N3 ? ? B A   22 C U   41 1_555 ? ? ? ? ? ? 'REVERSED HOOGSTEEN' ?     ? 
? 
hydrog49 hydrog ?    ? B A   22 N6    ? ? ? 1_555 C A   10 N1 ? ? B A   23 C A   40 1_555 ? ? ? ? ? ? 'A-A MISPAIR'        ?     ? 
? 
hydrog50 hydrog ?    ? B A   23 N6    ? ? ? 1_555 C P5P 8  N7 ? ? B A   24 C P5P 38 1_555 ? ? ? ? ? ? 'A-P5P MISPAIR'      ?     ? 
? 
hydrog51 hydrog ?    ? B A   25 N1    ? ? ? 1_555 C G   6  N1 ? ? B A   26 C G   36 1_555 ? ? ? ? ? ? TYPE_8_PAIR          ?     ? 
? 
hydrog52 hydrog ?    ? B A   25 N6    ? ? ? 1_555 C G   6  O6 ? ? B A   26 C G   36 1_555 ? ? ? ? ? ? TYPE_8_PAIR          ?     ? 
? 
hydrog53 hydrog ?    ? B C   26 N3    ? ? ? 1_555 C G   5  N1 ? ? B C   27 C G   35 1_555 ? ? ? ? ? ? WATSON-CRICK         ?     ? 
? 
hydrog54 hydrog ?    ? B C   26 N4    ? ? ? 1_555 C G   5  O6 ? ? B C   27 C G   35 1_555 ? ? ? ? ? ? WATSON-CRICK         ?     ? 
? 
hydrog55 hydrog ?    ? B C   26 O2    ? ? ? 1_555 C G   5  N2 ? ? B C   27 C G   35 1_555 ? ? ? ? ? ? WATSON-CRICK         ?     ? 
? 
hydrog56 hydrog ?    ? B A   27 N1    ? ? ? 1_555 C U   4  N3 ? ? B A   28 C U   34 1_555 ? ? ? ? ? ? WATSON-CRICK         ?     ? 
? 
hydrog57 hydrog ?    ? B A   27 N6    ? ? ? 1_555 C U   4  O4 ? ? B A   28 C U   34 1_555 ? ? ? ? ? ? WATSON-CRICK         ?     ? 
? 
hydrog58 hydrog ?    ? B C   28 N3    ? ? ? 1_555 C G   3  N1 ? ? B C   29 C G   33 1_555 ? ? ? ? ? ? WATSON-CRICK         ?     ? 
? 
hydrog59 hydrog ?    ? B C   28 N4    ? ? ? 1_555 C G   3  O6 ? ? B C   29 C G   33 1_555 ? ? ? ? ? ? WATSON-CRICK         ?     ? 
? 
hydrog60 hydrog ?    ? B C   28 O2    ? ? ? 1_555 C G   3  N2 ? ? B C   29 C G   33 1_555 ? ? ? ? ? ? WATSON-CRICK         ?     ? 
? 
hydrog61 hydrog ?    ? B G   29 N1    ? ? ? 1_555 C C   2  N3 ? ? B G   30 C C   32 1_555 ? ? ? ? ? ? WATSON-CRICK         ?     ? 
? 
hydrog62 hydrog ?    ? B G   29 N2    ? ? ? 1_555 C C   2  O2 ? ? B G   30 C C   32 1_555 ? ? ? ? ? ? WATSON-CRICK         ?     ? 
? 
hydrog63 hydrog ?    ? B G   29 O6    ? ? ? 1_555 C C   2  N4 ? ? B G   30 C C   32 1_555 ? ? ? ? ? ? WATSON-CRICK         ?     ? 
? 
hydrog64 hydrog ?    ? B A   30 N1    ? ? ? 1_555 C U   1  N3 ? ? B A   31 C U   31 1_555 ? ? ? ? ? ? WATSON-CRICK         ?     ? 
? 
hydrog65 hydrog ?    ? B A   30 N6    ? ? ? 1_555 C U   1  O4 ? ? B A   31 C U   31 1_555 ? ? ? ? ? ? WATSON-CRICK         ?     ? 
? 
# 
loop_
_struct_conn_type.id 
_struct_conn_type.criteria 
_struct_conn_type.reference 
covale ? ? 
hydrog ? ? 
# 
loop_
_struct_site.id 
_struct_site.pdbx_evidence_code 
_struct_site.pdbx_auth_asym_id 
_struct_site.pdbx_auth_comp_id 
_struct_site.pdbx_auth_seq_id 
_struct_site.pdbx_auth_ins_code 
_struct_site.pdbx_num_residues 
_struct_site.details 
AC1 Software A SO4 201 ? 3 'BINDING SITE FOR RESIDUE SO4 A 201' 
AC2 Software B NCO 101 ? 6 'BINDING SITE FOR RESIDUE NCO B 101' 
AC3 Software C NCO 101 ? 4 'BINDING SITE FOR RESIDUE NCO C 101' 
# 
loop_
_struct_site_gen.id 
_struct_site_gen.site_id 
_struct_site_gen.pdbx_num_res 
_struct_site_gen.label_comp_id 
_struct_site_gen.label_asym_id 
_struct_site_gen.label_seq_id 
_struct_site_gen.pdbx_auth_ins_code 
_struct_site_gen.auth_comp_id 
_struct_site_gen.auth_asym_id 
_struct_site_gen.auth_seq_id 
_struct_site_gen.label_atom_id 
_struct_site_gen.label_alt_id 
_struct_site_gen.symmetry 
_struct_site_gen.details 
1  AC1 3 U   A 1  ? U   A -5  . ? 1_555  ? 
2  AC1 3 C   A 2  ? C   A -4  . ? 1_555  ? 
3  AC1 3 NCO E .  ? NCO B 101 . ? 1_555  ? 
4  AC2 6 U   A 1  ? U   A -5  . ? 10_665 ? 
5  AC2 6 C   A 2  ? C   A -4  . ? 1_555  ? 
6  AC2 6 SO4 D .  ? SO4 A 201 . ? 1_555  ? 
7  AC2 6 G   B 10 ? G   B 11  . ? 1_555  ? 
8  AC2 6 G   B 11 ? G   B 12  . ? 1_555  ? 
9  AC2 6 G   B 12 ? G   B 13  . ? 1_555  ? 
10 AC3 4 A   B 19 ? A   B 20  . ? 1_555  ? 
11 AC3 4 G   B 20 ? G   B 21  . ? 1_555  ? 
12 AC3 4 A   C 10 ? A   C 40  . ? 1_555  ? 
13 AC3 4 U   C 11 ? U   C 41  . ? 1_555  ? 
# 
_pdbx_validate_rmsd_bond.id                        1 
_pdbx_validate_rmsd_bond.PDB_model_num             1 
_pdbx_validate_rmsd_bond.auth_atom_id_1            "O3'" 
_pdbx_validate_rmsd_bond.auth_asym_id_1            A 
_pdbx_validate_rmsd_bond.auth_comp_id_1            A2M 
_pdbx_validate_rmsd_bond.auth_seq_id_1             -1 
_pdbx_validate_rmsd_bond.PDB_ins_code_1            ? 
_pdbx_validate_rmsd_bond.label_alt_id_1            A 
_pdbx_validate_rmsd_bond.auth_atom_id_2            P 
_pdbx_validate_rmsd_bond.auth_asym_id_2            A 
_pdbx_validate_rmsd_bond.auth_comp_id_2            G 
_pdbx_validate_rmsd_bond.auth_seq_id_2             1 
_pdbx_validate_rmsd_bond.PDB_ins_code_2            ? 
_pdbx_validate_rmsd_bond.label_alt_id_2            A 
_pdbx_validate_rmsd_bond.bond_value                1.514 
_pdbx_validate_rmsd_bond.bond_target_value         1.607 
_pdbx_validate_rmsd_bond.bond_deviation            -0.093 
_pdbx_validate_rmsd_bond.bond_standard_deviation   0.012 
_pdbx_validate_rmsd_bond.linker_flag               Y 
# 
loop_
_pdbx_validate_rmsd_angle.id 
_pdbx_validate_rmsd_angle.PDB_model_num 
_pdbx_validate_rmsd_angle.auth_atom_id_1 
_pdbx_validate_rmsd_angle.auth_asym_id_1 
_pdbx_validate_rmsd_angle.auth_comp_id_1 
_pdbx_validate_rmsd_angle.auth_seq_id_1 
_pdbx_validate_rmsd_angle.PDB_ins_code_1 
_pdbx_validate_rmsd_angle.label_alt_id_1 
_pdbx_validate_rmsd_angle.auth_atom_id_2 
_pdbx_validate_rmsd_angle.auth_asym_id_2 
_pdbx_validate_rmsd_angle.auth_comp_id_2 
_pdbx_validate_rmsd_angle.auth_seq_id_2 
_pdbx_validate_rmsd_angle.PDB_ins_code_2 
_pdbx_validate_rmsd_angle.label_alt_id_2 
_pdbx_validate_rmsd_angle.auth_atom_id_3 
_pdbx_validate_rmsd_angle.auth_asym_id_3 
_pdbx_validate_rmsd_angle.auth_comp_id_3 
_pdbx_validate_rmsd_angle.auth_seq_id_3 
_pdbx_validate_rmsd_angle.PDB_ins_code_3 
_pdbx_validate_rmsd_angle.label_alt_id_3 
_pdbx_validate_rmsd_angle.angle_value 
_pdbx_validate_rmsd_angle.angle_target_value 
_pdbx_validate_rmsd_angle.angle_deviation 
_pdbx_validate_rmsd_angle.angle_standard_deviation 
_pdbx_validate_rmsd_angle.linker_flag 
1 1 "O3'" A C   -2 ? ? P     A A2M -1 ? ? OP2 A A2M -1 ? ? 126.57 110.50 16.07 1.10 Y 
2 1 "C3'" A A2M -1 ? ? "O3'" A A2M -1 ? A P   A G   1  ? A 134.23 119.70 14.53 1.20 Y 
# 
loop_
_pdbx_struct_mod_residue.id 
_pdbx_struct_mod_residue.label_asym_id 
_pdbx_struct_mod_residue.label_comp_id 
_pdbx_struct_mod_residue.label_seq_id 
_pdbx_struct_mod_residue.auth_asym_id 
_pdbx_struct_mod_residue.auth_comp_id 
_pdbx_struct_mod_residue.auth_seq_id 
_pdbx_struct_mod_residue.PDB_ins_code 
_pdbx_struct_mod_residue.parent_comp_id 
_pdbx_struct_mod_residue.details 
1 A A2M 5 A A2M -1 ? A ?                                  
2 C P5P 8 C P5P 38 ? A 
;PURINE RIBOSIDE-5'-MONOPHOSPHATE
;
# 
_pdbx_struct_special_symmetry.id              1 
_pdbx_struct_special_symmetry.PDB_model_num   1 
_pdbx_struct_special_symmetry.auth_asym_id    A 
_pdbx_struct_special_symmetry.auth_comp_id    U 
_pdbx_struct_special_symmetry.auth_seq_id     -5 
_pdbx_struct_special_symmetry.PDB_ins_code    ? 
_pdbx_struct_special_symmetry.label_asym_id   A 
_pdbx_struct_special_symmetry.label_comp_id   U 
_pdbx_struct_special_symmetry.label_seq_id    1 
# 
loop_
_chem_comp_atom.comp_id 
_chem_comp_atom.atom_id 
_chem_comp_atom.type_symbol 
_chem_comp_atom.pdbx_aromatic_flag 
_chem_comp_atom.pdbx_stereo_config 
_chem_comp_atom.pdbx_ordinal 
A   OP3    O  N N 1   
A   P      P  N N 2   
A   OP1    O  N N 3   
A   OP2    O  N N 4   
A   "O5'"  O  N N 5   
A   "C5'"  C  N N 6   
A   "C4'"  C  N R 7   
A   "O4'"  O  N N 8   
A   "C3'"  C  N S 9   
A   "O3'"  O  N N 10  
A   "C2'"  C  N R 11  
A   "O2'"  O  N N 12  
A   "C1'"  C  N R 13  
A   N9     N  Y N 14  
A   C8     C  Y N 15  
A   N7     N  Y N 16  
A   C5     C  Y N 17  
A   C6     C  Y N 18  
A   N6     N  N N 19  
A   N1     N  Y N 20  
A   C2     C  Y N 21  
A   N3     N  Y N 22  
A   C4     C  Y N 23  
A   HOP3   H  N N 24  
A   HOP2   H  N N 25  
A   "H5'"  H  N N 26  
A   "H5''" H  N N 27  
A   "H4'"  H  N N 28  
A   "H3'"  H  N N 29  
A   "HO3'" H  N N 30  
A   "H2'"  H  N N 31  
A   "HO2'" H  N N 32  
A   "H1'"  H  N N 33  
A   H8     H  N N 34  
A   H61    H  N N 35  
A   H62    H  N N 36  
A   H2     H  N N 37  
A2M P      P  N N 38  
A2M OP1    O  N N 39  
A2M OP3    O  N N 40  
A2M "O5'"  O  N N 41  
A2M "C5'"  C  N N 42  
A2M "C4'"  C  N R 43  
A2M "O4'"  O  N N 44  
A2M "C3'"  C  N R 45  
A2M "O3'"  O  N N 46  
A2M "C2'"  C  N R 47  
A2M "O2'"  O  N N 48  
A2M "C1'"  C  N R 49  
A2M "CM'"  C  N N 50  
A2M N9     N  Y N 51  
A2M C8     C  Y N 52  
A2M N7     N  Y N 53  
A2M C5     C  Y N 54  
A2M C6     C  Y N 55  
A2M N6     N  N N 56  
A2M N1     N  Y N 57  
A2M C2     C  Y N 58  
A2M N3     N  Y N 59  
A2M C4     C  Y N 60  
A2M HOP3   H  N N 61  
A2M "H5'"  H  N N 62  
A2M "H5''" H  N N 63  
A2M "H4'"  H  N N 64  
A2M "H3'"  H  N N 65  
A2M "HO3'" H  N N 66  
A2M "H2'"  H  N N 67  
A2M "H1'"  H  N N 68  
A2M "HM'1" H  N N 69  
A2M "HM'2" H  N N 70  
A2M "HM'3" H  N N 71  
A2M H8     H  N N 72  
A2M H61    H  N N 73  
A2M H62    H  N N 74  
A2M H2     H  N N 75  
A2M OP2    O  N N 76  
A2M HOP2   H  N N 77  
C   OP3    O  N N 78  
C   P      P  N N 79  
C   OP1    O  N N 80  
C   OP2    O  N N 81  
C   "O5'"  O  N N 82  
C   "C5'"  C  N N 83  
C   "C4'"  C  N R 84  
C   "O4'"  O  N N 85  
C   "C3'"  C  N S 86  
C   "O3'"  O  N N 87  
C   "C2'"  C  N R 88  
C   "O2'"  O  N N 89  
C   "C1'"  C  N R 90  
C   N1     N  N N 91  
C   C2     C  N N 92  
C   O2     O  N N 93  
C   N3     N  N N 94  
C   C4     C  N N 95  
C   N4     N  N N 96  
C   C5     C  N N 97  
C   C6     C  N N 98  
C   HOP3   H  N N 99  
C   HOP2   H  N N 100 
C   "H5'"  H  N N 101 
C   "H5''" H  N N 102 
C   "H4'"  H  N N 103 
C   "H3'"  H  N N 104 
C   "HO3'" H  N N 105 
C   "H2'"  H  N N 106 
C   "HO2'" H  N N 107 
C   "H1'"  H  N N 108 
C   H41    H  N N 109 
C   H42    H  N N 110 
C   H5     H  N N 111 
C   H6     H  N N 112 
G   OP3    O  N N 113 
G   P      P  N N 114 
G   OP1    O  N N 115 
G   OP2    O  N N 116 
G   "O5'"  O  N N 117 
G   "C5'"  C  N N 118 
G   "C4'"  C  N R 119 
G   "O4'"  O  N N 120 
G   "C3'"  C  N S 121 
G   "O3'"  O  N N 122 
G   "C2'"  C  N R 123 
G   "O2'"  O  N N 124 
G   "C1'"  C  N R 125 
G   N9     N  Y N 126 
G   C8     C  Y N 127 
G   N7     N  Y N 128 
G   C5     C  Y N 129 
G   C6     C  N N 130 
G   O6     O  N N 131 
G   N1     N  N N 132 
G   C2     C  N N 133 
G   N2     N  N N 134 
G   N3     N  N N 135 
G   C4     C  Y N 136 
G   HOP3   H  N N 137 
G   HOP2   H  N N 138 
G   "H5'"  H  N N 139 
G   "H5''" H  N N 140 
G   "H4'"  H  N N 141 
G   "H3'"  H  N N 142 
G   "HO3'" H  N N 143 
G   "H2'"  H  N N 144 
G   "HO2'" H  N N 145 
G   "H1'"  H  N N 146 
G   H8     H  N N 147 
G   H1     H  N N 148 
G   H21    H  N N 149 
G   H22    H  N N 150 
HOH O      O  N N 151 
HOH H1     H  N N 152 
HOH H2     H  N N 153 
NCO CO     CO N N 154 
NCO N1     N  N N 155 
NCO N2     N  N N 156 
NCO N3     N  N N 157 
NCO N4     N  N N 158 
NCO N5     N  N N 159 
NCO N6     N  N N 160 
NCO HN11   H  N N 161 
NCO HN12   H  N N 162 
NCO HN13   H  N N 163 
NCO HN21   H  N N 164 
NCO HN22   H  N N 165 
NCO HN23   H  N N 166 
NCO HN31   H  N N 167 
NCO HN32   H  N N 168 
NCO HN33   H  N N 169 
NCO HN41   H  N N 170 
NCO HN42   H  N N 171 
NCO HN43   H  N N 172 
NCO HN51   H  N N 173 
NCO HN52   H  N N 174 
NCO HN53   H  N N 175 
NCO HN61   H  N N 176 
NCO HN62   H  N N 177 
NCO HN63   H  N N 178 
P5P N1     N  Y N 179 
P5P C2     C  Y N 180 
P5P N3     N  Y N 181 
P5P C4     C  Y N 182 
P5P C5     C  Y N 183 
P5P C6     C  Y N 184 
P5P N7     N  Y N 185 
P5P C8     C  Y N 186 
P5P N9     N  Y N 187 
P5P "C1'"  C  N R 188 
P5P "C2'"  C  N R 189 
P5P "O2'"  O  N N 190 
P5P "C3'"  C  N S 191 
P5P "O3'"  O  N N 192 
P5P "C4'"  C  N R 193 
P5P "O4'"  O  N N 194 
P5P "C5'"  C  N N 195 
P5P "O5'"  O  N N 196 
P5P P      P  N N 197 
P5P OP1    O  N N 198 
P5P OP2    O  N N 199 
P5P OP3    O  N N 200 
P5P H2     H  N N 201 
P5P H6     H  N N 202 
P5P H8     H  N N 203 
P5P "H1'"  H  N N 204 
P5P "H2'"  H  N N 205 
P5P "HO2'" H  N N 206 
P5P "H3'"  H  N N 207 
P5P "HO3'" H  N N 208 
P5P "H4'"  H  N N 209 
P5P "H5'1" H  N N 210 
P5P "H5'2" H  N N 211 
P5P HOP2   H  N N 212 
P5P HOP3   H  N N 213 
S9L O3P    O  N N 214 
S9L P      P  N N 215 
S9L O1P    O  N N 216 
S9L O2P    O  N N 217 
S9L "O5'"  O  N N 218 
S9L C12    C  N N 219 
S9L C22    C  N N 220 
S9L OH3    O  N N 221 
S9L C13    C  N N 222 
S9L C23    C  N N 223 
S9L OH4    O  N N 224 
S9L C14    C  N N 225 
S9L C24    C  N N 226 
S9L "O3'"  O  N N 227 
S9L HO3P   H  N N 228 
S9L HO1P   H  N N 229 
S9L H121   H  N N 230 
S9L H122   H  N N 231 
S9L H221   H  N N 232 
S9L H222   H  N N 233 
S9L H131   H  N N 234 
S9L H132   H  N N 235 
S9L H231   H  N N 236 
S9L H232   H  N N 237 
S9L H141   H  N N 238 
S9L H142   H  N N 239 
S9L H241   H  N N 240 
S9L H242   H  N N 241 
S9L "HO3'" H  N N 242 
SO4 S      S  N N 243 
SO4 O1     O  N N 244 
SO4 O2     O  N N 245 
SO4 O3     O  N N 246 
SO4 O4     O  N N 247 
U   OP3    O  N N 248 
U   P      P  N N 249 
U   OP1    O  N N 250 
U   OP2    O  N N 251 
U   "O5'"  O  N N 252 
U   "C5'"  C  N N 253 
U   "C4'"  C  N R 254 
U   "O4'"  O  N N 255 
U   "C3'"  C  N S 256 
U   "O3'"  O  N N 257 
U   "C2'"  C  N R 258 
U   "O2'"  O  N N 259 
U   "C1'"  C  N R 260 
U   N1     N  N N 261 
U   C2     C  N N 262 
U   O2     O  N N 263 
U   N3     N  N N 264 
U   C4     C  N N 265 
U   O4     O  N N 266 
U   C5     C  N N 267 
U   C6     C  N N 268 
U   HOP3   H  N N 269 
U   HOP2   H  N N 270 
U   "H5'"  H  N N 271 
U   "H5''" H  N N 272 
U   "H4'"  H  N N 273 
U   "H3'"  H  N N 274 
U   "HO3'" H  N N 275 
U   "H2'"  H  N N 276 
U   "HO2'" H  N N 277 
U   "H1'"  H  N N 278 
U   H3     H  N N 279 
U   H5     H  N N 280 
U   H6     H  N N 281 
# 
loop_
_chem_comp_bond.comp_id 
_chem_comp_bond.atom_id_1 
_chem_comp_bond.atom_id_2 
_chem_comp_bond.value_order 
_chem_comp_bond.pdbx_aromatic_flag 
_chem_comp_bond.pdbx_stereo_config 
_chem_comp_bond.pdbx_ordinal 
A   OP3   P      sing N N 1   
A   OP3   HOP3   sing N N 2   
A   P     OP1    doub N N 3   
A   P     OP2    sing N N 4   
A   P     "O5'"  sing N N 5   
A   OP2   HOP2   sing N N 6   
A   "O5'" "C5'"  sing N N 7   
A   "C5'" "C4'"  sing N N 8   
A   "C5'" "H5'"  sing N N 9   
A   "C5'" "H5''" sing N N 10  
A   "C4'" "O4'"  sing N N 11  
A   "C4'" "C3'"  sing N N 12  
A   "C4'" "H4'"  sing N N 13  
A   "O4'" "C1'"  sing N N 14  
A   "C3'" "O3'"  sing N N 15  
A   "C3'" "C2'"  sing N N 16  
A   "C3'" "H3'"  sing N N 17  
A   "O3'" "HO3'" sing N N 18  
A   "C2'" "O2'"  sing N N 19  
A   "C2'" "C1'"  sing N N 20  
A   "C2'" "H2'"  sing N N 21  
A   "O2'" "HO2'" sing N N 22  
A   "C1'" N9     sing N N 23  
A   "C1'" "H1'"  sing N N 24  
A   N9    C8     sing Y N 25  
A   N9    C4     sing Y N 26  
A   C8    N7     doub Y N 27  
A   C8    H8     sing N N 28  
A   N7    C5     sing Y N 29  
A   C5    C6     sing Y N 30  
A   C5    C4     doub Y N 31  
A   C6    N6     sing N N 32  
A   C6    N1     doub Y N 33  
A   N6    H61    sing N N 34  
A   N6    H62    sing N N 35  
A   N1    C2     sing Y N 36  
A   C2    N3     doub Y N 37  
A   C2    H2     sing N N 38  
A   N3    C4     sing Y N 39  
A2M P     OP1    doub N N 40  
A2M P     OP3    sing N N 41  
A2M P     "O5'"  sing N N 42  
A2M OP3   HOP3   sing N N 43  
A2M "O5'" "C5'"  sing N N 44  
A2M "C5'" "C4'"  sing N N 45  
A2M "C5'" "H5'"  sing N N 46  
A2M "C5'" "H5''" sing N N 47  
A2M "C4'" "O4'"  sing N N 48  
A2M "C4'" "C3'"  sing N N 49  
A2M "C4'" "H4'"  sing N N 50  
A2M "O4'" "C1'"  sing N N 51  
A2M "C3'" "O3'"  sing N N 52  
A2M "C3'" "C2'"  sing N N 53  
A2M "C3'" "H3'"  sing N N 54  
A2M "O3'" "HO3'" sing N N 55  
A2M "C2'" "O2'"  sing N N 56  
A2M "C2'" "C1'"  sing N N 57  
A2M "C2'" "H2'"  sing N N 58  
A2M "O2'" "CM'"  sing N N 59  
A2M "C1'" N9     sing N N 60  
A2M "C1'" "H1'"  sing N N 61  
A2M "CM'" "HM'1" sing N N 62  
A2M "CM'" "HM'2" sing N N 63  
A2M "CM'" "HM'3" sing N N 64  
A2M N9    C8     sing Y N 65  
A2M N9    C4     sing Y N 66  
A2M C8    N7     doub Y N 67  
A2M C8    H8     sing N N 68  
A2M N7    C5     sing Y N 69  
A2M C5    C6     sing Y N 70  
A2M C5    C4     doub Y N 71  
A2M C6    N6     sing N N 72  
A2M C6    N1     doub Y N 73  
A2M N6    H61    sing N N 74  
A2M N6    H62    sing N N 75  
A2M N1    C2     sing Y N 76  
A2M C2    N3     doub Y N 77  
A2M C2    H2     sing N N 78  
A2M N3    C4     sing Y N 79  
A2M P     OP2    sing N N 80  
A2M OP2   HOP2   sing N N 81  
C   OP3   P      sing N N 82  
C   OP3   HOP3   sing N N 83  
C   P     OP1    doub N N 84  
C   P     OP2    sing N N 85  
C   P     "O5'"  sing N N 86  
C   OP2   HOP2   sing N N 87  
C   "O5'" "C5'"  sing N N 88  
C   "C5'" "C4'"  sing N N 89  
C   "C5'" "H5'"  sing N N 90  
C   "C5'" "H5''" sing N N 91  
C   "C4'" "O4'"  sing N N 92  
C   "C4'" "C3'"  sing N N 93  
C   "C4'" "H4'"  sing N N 94  
C   "O4'" "C1'"  sing N N 95  
C   "C3'" "O3'"  sing N N 96  
C   "C3'" "C2'"  sing N N 97  
C   "C3'" "H3'"  sing N N 98  
C   "O3'" "HO3'" sing N N 99  
C   "C2'" "O2'"  sing N N 100 
C   "C2'" "C1'"  sing N N 101 
C   "C2'" "H2'"  sing N N 102 
C   "O2'" "HO2'" sing N N 103 
C   "C1'" N1     sing N N 104 
C   "C1'" "H1'"  sing N N 105 
C   N1    C2     sing N N 106 
C   N1    C6     sing N N 107 
C   C2    O2     doub N N 108 
C   C2    N3     sing N N 109 
C   N3    C4     doub N N 110 
C   C4    N4     sing N N 111 
C   C4    C5     sing N N 112 
C   N4    H41    sing N N 113 
C   N4    H42    sing N N 114 
C   C5    C6     doub N N 115 
C   C5    H5     sing N N 116 
C   C6    H6     sing N N 117 
G   OP3   P      sing N N 118 
G   OP3   HOP3   sing N N 119 
G   P     OP1    doub N N 120 
G   P     OP2    sing N N 121 
G   P     "O5'"  sing N N 122 
G   OP2   HOP2   sing N N 123 
G   "O5'" "C5'"  sing N N 124 
G   "C5'" "C4'"  sing N N 125 
G   "C5'" "H5'"  sing N N 126 
G   "C5'" "H5''" sing N N 127 
G   "C4'" "O4'"  sing N N 128 
G   "C4'" "C3'"  sing N N 129 
G   "C4'" "H4'"  sing N N 130 
G   "O4'" "C1'"  sing N N 131 
G   "C3'" "O3'"  sing N N 132 
G   "C3'" "C2'"  sing N N 133 
G   "C3'" "H3'"  sing N N 134 
G   "O3'" "HO3'" sing N N 135 
G   "C2'" "O2'"  sing N N 136 
G   "C2'" "C1'"  sing N N 137 
G   "C2'" "H2'"  sing N N 138 
G   "O2'" "HO2'" sing N N 139 
G   "C1'" N9     sing N N 140 
G   "C1'" "H1'"  sing N N 141 
G   N9    C8     sing Y N 142 
G   N9    C4     sing Y N 143 
G   C8    N7     doub Y N 144 
G   C8    H8     sing N N 145 
G   N7    C5     sing Y N 146 
G   C5    C6     sing N N 147 
G   C5    C4     doub Y N 148 
G   C6    O6     doub N N 149 
G   C6    N1     sing N N 150 
G   N1    C2     sing N N 151 
G   N1    H1     sing N N 152 
G   C2    N2     sing N N 153 
G   C2    N3     doub N N 154 
G   N2    H21    sing N N 155 
G   N2    H22    sing N N 156 
G   N3    C4     sing N N 157 
HOH O     H1     sing N N 158 
HOH O     H2     sing N N 159 
NCO CO    N1     sing N N 160 
NCO CO    N2     sing N N 161 
NCO CO    N3     sing N N 162 
NCO CO    N4     sing N N 163 
NCO CO    N5     sing N N 164 
NCO CO    N6     sing N N 165 
NCO N1    HN11   sing N N 166 
NCO N1    HN12   sing N N 167 
NCO N1    HN13   sing N N 168 
NCO N2    HN21   sing N N 169 
NCO N2    HN22   sing N N 170 
NCO N2    HN23   sing N N 171 
NCO N3    HN31   sing N N 172 
NCO N3    HN32   sing N N 173 
NCO N3    HN33   sing N N 174 
NCO N4    HN41   sing N N 175 
NCO N4    HN42   sing N N 176 
NCO N4    HN43   sing N N 177 
NCO N5    HN51   sing N N 178 
NCO N5    HN52   sing N N 179 
NCO N5    HN53   sing N N 180 
NCO N6    HN61   sing N N 181 
NCO N6    HN62   sing N N 182 
NCO N6    HN63   sing N N 183 
P5P N1    C2     sing Y N 184 
P5P N1    C6     doub Y N 185 
P5P C2    N3     doub Y N 186 
P5P C2    H2     sing N N 187 
P5P N3    C4     sing Y N 188 
P5P C4    C5     doub Y N 189 
P5P C4    N9     sing Y N 190 
P5P C5    C6     sing Y N 191 
P5P C5    N7     sing Y N 192 
P5P C6    H6     sing N N 193 
P5P N7    C8     doub Y N 194 
P5P C8    N9     sing Y N 195 
P5P C8    H8     sing N N 196 
P5P N9    "C1'"  sing N N 197 
P5P "C1'" "C2'"  sing N N 198 
P5P "C1'" "O4'"  sing N N 199 
P5P "C1'" "H1'"  sing N N 200 
P5P "C2'" "O2'"  sing N N 201 
P5P "C2'" "C3'"  sing N N 202 
P5P "C2'" "H2'"  sing N N 203 
P5P "O2'" "HO2'" sing N N 204 
P5P "C3'" "O3'"  sing N N 205 
P5P "C3'" "C4'"  sing N N 206 
P5P "C3'" "H3'"  sing N N 207 
P5P "O3'" "HO3'" sing N N 208 
P5P "C4'" "O4'"  sing N N 209 
P5P "C4'" "C5'"  sing N N 210 
P5P "C4'" "H4'"  sing N N 211 
P5P "C5'" "O5'"  sing N N 212 
P5P "C5'" "H5'1" sing N N 213 
P5P "C5'" "H5'2" sing N N 214 
P5P "O5'" P      sing N N 215 
P5P P     OP1    doub N N 216 
P5P P     OP2    sing N N 217 
P5P P     OP3    sing N N 218 
P5P OP2   HOP2   sing N N 219 
P5P OP3   HOP3   sing N N 220 
S9L O3P   P      sing N N 221 
S9L O3P   HO3P   sing N N 222 
S9L P     O2P    doub N N 223 
S9L P     O1P    sing N N 224 
S9L P     "O5'"  sing N N 225 
S9L O1P   HO1P   sing N N 226 
S9L "O5'" C12    sing N N 227 
S9L C12   C22    sing N N 228 
S9L C12   H121   sing N N 229 
S9L C12   H122   sing N N 230 
S9L C22   OH3    sing N N 231 
S9L C22   H221   sing N N 232 
S9L C22   H222   sing N N 233 
S9L OH3   C23    sing N N 234 
S9L C13   C23    sing N N 235 
S9L C13   OH4    sing N N 236 
S9L C13   H131   sing N N 237 
S9L C13   H132   sing N N 238 
S9L C23   H231   sing N N 239 
S9L C23   H232   sing N N 240 
S9L OH4   C24    sing N N 241 
S9L C14   C24    sing N N 242 
S9L C14   "O3'"  sing N N 243 
S9L C14   H141   sing N N 244 
S9L C14   H142   sing N N 245 
S9L C24   H241   sing N N 246 
S9L C24   H242   sing N N 247 
S9L "O3'" "HO3'" sing N N 248 
SO4 S     O1     doub N N 249 
SO4 S     O2     doub N N 250 
SO4 S     O3     sing N N 251 
SO4 S     O4     sing N N 252 
U   OP3   P      sing N N 253 
U   OP3   HOP3   sing N N 254 
U   P     OP1    doub N N 255 
U   P     OP2    sing N N 256 
U   P     "O5'"  sing N N 257 
U   OP2   HOP2   sing N N 258 
U   "O5'" "C5'"  sing N N 259 
U   "C5'" "C4'"  sing N N 260 
U   "C5'" "H5'"  sing N N 261 
U   "C5'" "H5''" sing N N 262 
U   "C4'" "O4'"  sing N N 263 
U   "C4'" "C3'"  sing N N 264 
U   "C4'" "H4'"  sing N N 265 
U   "O4'" "C1'"  sing N N 266 
U   "C3'" "O3'"  sing N N 267 
U   "C3'" "C2'"  sing N N 268 
U   "C3'" "H3'"  sing N N 269 
U   "O3'" "HO3'" sing N N 270 
U   "C2'" "O2'"  sing N N 271 
U   "C2'" "C1'"  sing N N 272 
U   "C2'" "H2'"  sing N N 273 
U   "O2'" "HO2'" sing N N 274 
U   "C1'" N1     sing N N 275 
U   "C1'" "H1'"  sing N N 276 
U   N1    C2     sing N N 277 
U   N1    C6     sing N N 278 
U   C2    O2     doub N N 279 
U   C2    N3     sing N N 280 
U   N3    C4     sing N N 281 
U   N3    H3     sing N N 282 
U   C4    O4     doub N N 283 
U   C4    C5     sing N N 284 
U   C5    C6     doub N N 285 
U   C5    H5     sing N N 286 
U   C6    H6     sing N N 287 
# 
loop_
_ndb_struct_conf_na.entry_id 
_ndb_struct_conf_na.feature 
4G6P 'double helix'         
4G6P 'a-form double helix'  
4G6P 'bulge loop'           
4G6P 'mismatched base pair' 
4G6P 'internal loop'        
# 
loop_
_ndb_struct_na_base_pair.model_number 
_ndb_struct_na_base_pair.i_label_asym_id 
_ndb_struct_na_base_pair.i_label_comp_id 
_ndb_struct_na_base_pair.i_label_seq_id 
_ndb_struct_na_base_pair.i_symmetry 
_ndb_struct_na_base_pair.j_label_asym_id 
_ndb_struct_na_base_pair.j_label_comp_id 
_ndb_struct_na_base_pair.j_label_seq_id 
_ndb_struct_na_base_pair.j_symmetry 
_ndb_struct_na_base_pair.shear 
_ndb_struct_na_base_pair.stretch 
_ndb_struct_na_base_pair.stagger 
_ndb_struct_na_base_pair.buckle 
_ndb_struct_na_base_pair.propeller 
_ndb_struct_na_base_pair.opening 
_ndb_struct_na_base_pair.pair_number 
_ndb_struct_na_base_pair.pair_name 
_ndb_struct_na_base_pair.i_auth_asym_id 
_ndb_struct_na_base_pair.i_auth_seq_id 
_ndb_struct_na_base_pair.i_PDB_ins_code 
_ndb_struct_na_base_pair.j_auth_asym_id 
_ndb_struct_na_base_pair.j_auth_seq_id 
_ndb_struct_na_base_pair.j_PDB_ins_code 
_ndb_struct_na_base_pair.hbond_type_28 
_ndb_struct_na_base_pair.hbond_type_12 
1 A C   2  1_555 B G   12 1_555 0.310  -0.154 -0.120 6.892   -19.624 3.350    1  A_C-4:G13_B   A -4 ? B 13 ? 19 1  
1 A C   3  1_555 B G   11 1_555 0.112  -0.148 -0.103 -1.997  -7.365  -0.342   2  A_C-3:G12_B   A -3 ? B 12 ? 19 1  
1 A C   4  1_555 B G   10 1_555 0.151  -0.036 0.009  3.455   2.925   3.210    3  A_C-2:G11_B   A -2 ? B 11 ? 19 1  
1 A A2M 5  1_555 B A   8  1_555 6.653  -3.696 -0.140 15.193  7.295   -27.920  4  A_A2M-1:A9_B  A -1 ? B 9  ? ?  ?  
1 A U   7  1_555 B G   7  1_555 -8.088 -3.377 -0.448 13.650  2.496   -1.830   5  A_U2:G8_B     A 2  ? B 8  ? ?  ?  
1 A C   8  1_555 B A   6  1_555 -1.964 0.733  -1.299 24.789  -17.102 5.213    6  A_C3:A7_B     A 3  ? B 7  ? ?  ?  
1 A C   9  1_555 B G   5  1_555 -0.186 0.127  -0.250 10.723  -11.982 0.265    7  A_C4:G6_B     A 4  ? B 6  ? 19 1  
1 A A   10 1_555 B U   4  1_555 0.086  0.035  0.398  4.247   -12.138 1.908    8  A_A5:U5_B     A 5  ? B 5  ? 20 1  
1 A C   11 1_555 B G   3  1_555 0.260  0.175  0.131  6.636   -12.814 3.980    9  A_C6:G4_B     A 6  ? B 4  ? 19 1  
1 A C   12 1_555 B G   2  1_555 0.154  -0.151 0.541  -0.626  -10.305 1.229    10 A_C7:G3_B     A 7  ? B 3  ? 19 1  
1 A G   13 1_555 B C   1  1_555 -0.388 -0.015 0.240  -0.455  -10.262 5.465    11 A_G8:C2_B     A 8  ? B 2  ? 19 1  
1 B G   14 1_555 C C   19 1_555 -0.422 0.055  0.713  7.609   -9.190  1.954    12 B_G15:C49_C   B 15 ? C 49 ? 19 1  
1 B G   15 1_555 C C   18 1_555 -0.291 -0.039 0.287  8.804   -12.446 -0.331   13 B_G16:C48_C   B 16 ? C 48 ? 19 1  
1 B C   16 1_555 C G   17 1_555 -0.014 0.093  0.080  5.191   -13.167 3.168    14 B_C17:G47_C   B 17 ? C 47 ? 19 1  
1 B A   17 1_555 C U   16 1_555 -0.450 0.007  0.093  -0.682  -9.119  2.042    15 B_A18:U46_C   B 18 ? C 46 ? 20 1  
1 B G   18 1_555 C C   15 1_555 -0.194 -0.215 -0.409 -10.107 -7.855  0.498    16 B_G19:C45_C   B 19 ? C 45 ? 19 1  
1 B A   19 1_555 C C   14 1_555 2.044  0.350  -0.199 -12.609 -6.205  17.725   17 B_A20:C44_C   B 20 ? C 44 ? ?  1  
1 B G   20 1_555 C A   13 1_555 7.055  -4.631 0.004  -8.801  -0.621  -8.124   18 B_G21:A43_C   B 21 ? C 43 ? 11 10 
1 B A   21 1_555 C U   11 1_555 -4.357 -1.811 -0.293 -1.385  -8.848  -98.156  19 B_A22:U41_C   B 22 ? C 41 ? 24 4  
1 B A   22 1_555 C A   10 1_555 -4.201 1.287  -0.368 2.366   -15.705 -96.450  20 B_A23:A40_C   B 23 ? C 40 ? ?  ?  
1 B A   23 1_555 C P5P 8  1_555 5.149  2.853  -0.649 -4.034  -15.782 -145.668 21 B_A24:P5P38_C B 24 ? C 38 ? ?  ?  
1 B C   24 1_555 A G   6  1_555 0.133  -0.054 0.084  20.063  -12.200 0.061    22 B_C25:G1_A    B 25 ? A 1  ? 19 1  
1 B A   25 1_555 C G   6  1_555 -0.031 1.461  -0.472 -10.951 -17.335 -15.605  23 B_A26:G36_C   B 26 ? C 36 ? 8  1  
1 B C   26 1_555 C G   5  1_555 -0.144 -0.194 0.277  6.353   -20.838 -0.521   24 B_C27:G35_C   B 27 ? C 35 ? 19 1  
1 B A   27 1_555 C U   4  1_555 0.203  -0.163 0.413  4.305   -19.355 -0.851   25 B_A28:U34_C   B 28 ? C 34 ? 20 1  
1 B C   28 1_555 C G   3  1_555 0.057  -0.084 0.241  4.773   -11.762 3.110    26 B_C29:G33_C   B 29 ? C 33 ? 19 1  
1 B G   29 1_555 C C   2  1_555 -0.351 -0.056 0.236  -5.830  -14.945 -0.276   27 B_G30:C32_C   B 30 ? C 32 ? 19 1  
1 B A   30 1_555 C U   1  1_555 0.338  0.008  0.316  -3.296  -9.387  3.403    28 B_A31:U31_C   B 31 ? C 31 ? 20 1  
# 
loop_
_ndb_struct_na_base_pair_step.model_number 
_ndb_struct_na_base_pair_step.i_label_asym_id_1 
_ndb_struct_na_base_pair_step.i_label_comp_id_1 
_ndb_struct_na_base_pair_step.i_label_seq_id_1 
_ndb_struct_na_base_pair_step.i_symmetry_1 
_ndb_struct_na_base_pair_step.j_label_asym_id_1 
_ndb_struct_na_base_pair_step.j_label_comp_id_1 
_ndb_struct_na_base_pair_step.j_label_seq_id_1 
_ndb_struct_na_base_pair_step.j_symmetry_1 
_ndb_struct_na_base_pair_step.i_label_asym_id_2 
_ndb_struct_na_base_pair_step.i_label_comp_id_2 
_ndb_struct_na_base_pair_step.i_label_seq_id_2 
_ndb_struct_na_base_pair_step.i_symmetry_2 
_ndb_struct_na_base_pair_step.j_label_asym_id_2 
_ndb_struct_na_base_pair_step.j_label_comp_id_2 
_ndb_struct_na_base_pair_step.j_label_seq_id_2 
_ndb_struct_na_base_pair_step.j_symmetry_2 
_ndb_struct_na_base_pair_step.shift 
_ndb_struct_na_base_pair_step.slide 
_ndb_struct_na_base_pair_step.rise 
_ndb_struct_na_base_pair_step.tilt 
_ndb_struct_na_base_pair_step.roll 
_ndb_struct_na_base_pair_step.twist 
_ndb_struct_na_base_pair_step.x_displacement 
_ndb_struct_na_base_pair_step.y_displacement 
_ndb_struct_na_base_pair_step.helical_rise 
_ndb_struct_na_base_pair_step.inclination 
_ndb_struct_na_base_pair_step.tip 
_ndb_struct_na_base_pair_step.helical_twist 
_ndb_struct_na_base_pair_step.step_number 
_ndb_struct_na_base_pair_step.step_name 
_ndb_struct_na_base_pair_step.i_auth_asym_id_1 
_ndb_struct_na_base_pair_step.i_auth_seq_id_1 
_ndb_struct_na_base_pair_step.i_PDB_ins_code_1 
_ndb_struct_na_base_pair_step.j_auth_asym_id_1 
_ndb_struct_na_base_pair_step.j_auth_seq_id_1 
_ndb_struct_na_base_pair_step.j_PDB_ins_code_1 
_ndb_struct_na_base_pair_step.i_auth_asym_id_2 
_ndb_struct_na_base_pair_step.i_auth_seq_id_2 
_ndb_struct_na_base_pair_step.i_PDB_ins_code_2 
_ndb_struct_na_base_pair_step.j_auth_asym_id_2 
_ndb_struct_na_base_pair_step.j_auth_seq_id_2 
_ndb_struct_na_base_pair_step.j_PDB_ins_code_2 
1 A C   2  1_555 B G   12 1_555 A C   3  1_555 B G   11 1_555 -0.737 -1.859 3.549 -0.924  9.606  31.173  -4.995  1.152  2.884 
17.361 1.670   32.597  1  AA_C-4C-3:G12G13_BB   A -4 ? B 13 ? A -3 ? B 12 ? 
1 A C   3  1_555 B G   11 1_555 A C   4  1_555 B G   10 1_555 0.677  -1.650 3.278 0.494   9.378  26.318  -5.476  -1.295 2.561 
19.811 -1.044  27.916  2  AA_C-3C-2:G11G12_BB   A -3 ? B 12 ? A -2 ? B 11 ? 
1 A C   4  1_555 B G   10 1_555 A A2M 5  1_555 B A   8  1_555 -0.081 -0.849 5.290 -3.590  29.970 74.857  -1.944  -0.091 4.740 
23.757 2.846   79.879  3  AA_C-2A2M-1:A9G11_BB  A -2 ? B 11 ? A -1 ? B 9  ? 
1 A A2M 5  1_555 B A   8  1_555 A U   7  1_555 B G   7  1_555 -1.104 -0.228 3.365 2.411   3.543  4.338   -18.707 21.650 1.826 
36.932 -25.129 6.097   4  AA_A2M-1U2:G8A9_BB    A -1 ? B 9  ? A 2  ? B 8  ? 
1 A U   7  1_555 B G   7  1_555 A C   8  1_555 B A   6  1_555 0.133  -0.850 3.143 -0.613  7.124  57.762  -1.230  -0.168 3.027 
7.343  0.631   58.165  5  AA_U2C3:A7G8_BB       A 2  ? B 8  ? A 3  ? B 7  ? 
1 A C   8  1_555 B A   6  1_555 A C   9  1_555 B G   5  1_555 -0.144 -1.362 3.847 -7.456  9.324  37.205  -3.317  -0.805 3.388 
14.174 11.335  39.009  6  AA_C3C4:G6A7_BB       A 3  ? B 7  ? A 4  ? B 6  ? 
1 A C   9  1_555 B G   5  1_555 A A   10 1_555 B U   4  1_555 -0.252 -1.676 3.271 -4.817  12.019 33.205  -4.358  -0.234 2.542 
20.106 8.059   35.574  7  AA_C4A5:U5G6_BB       A 4  ? B 6  ? A 5  ? B 5  ? 
1 A A   10 1_555 B U   4  1_555 A C   11 1_555 B G   3  1_555 -0.279 -1.569 3.233 1.051   2.384  29.423  -3.568  0.763  3.087 
4.682  -2.064  29.536  8  AA_A5C6:G4U5_BB       A 5  ? B 5  ? A 6  ? B 4  ? 
1 A C   11 1_555 B G   3  1_555 A C   12 1_555 B G   2  1_555 -0.039 -2.006 3.288 -3.640  7.651  32.295  -4.685  -0.499 2.742 
13.468 6.408   33.359  9  AA_C6C7:G3G4_BB       A 6  ? B 4  ? A 7  ? B 3  ? 
1 A C   12 1_555 B G   2  1_555 A G   13 1_555 B C   1  1_555 0.347  -1.960 3.018 4.046   7.705  29.580  -4.977  0.022  2.466 
14.695 -7.717  30.806  10 AA_C7G8:C2G3_BB       A 7  ? B 3  ? A 8  ? B 2  ? 
1 B G   14 1_555 C C   19 1_555 B G   15 1_555 C C   18 1_555 -0.842 -1.102 3.123 -0.912  8.194  34.153  -2.956  1.271  2.813 
13.705 1.525   35.106  11 BB_G15G16:C48C49_CC   B 15 ? C 49 ? B 16 ? C 48 ? 
1 B G   15 1_555 C C   18 1_555 B C   16 1_555 C G   17 1_555 0.277  -1.343 3.395 1.004   7.054  33.968  -3.333  -0.311 3.070 
11.912 -1.696  34.686  12 BB_G16C17:G47C48_CC   B 16 ? C 48 ? B 17 ? C 47 ? 
1 B C   16 1_555 C G   17 1_555 B A   17 1_555 C U   16 1_555 0.348  -1.893 3.250 -2.052  11.477 30.067  -5.232  -0.952 2.359 
21.150 3.781   32.199  13 BB_C17A18:U46G47_CC   B 17 ? C 47 ? B 18 ? C 46 ? 
1 B A   17 1_555 C U   16 1_555 B G   18 1_555 C C   15 1_555 0.116  -2.080 3.584 2.391   7.519  32.058  -4.974  0.213  3.032 
13.363 -4.249  32.990  14 BB_A18G19:C45U46_CC   B 18 ? C 46 ? B 19 ? C 45 ? 
1 B G   18 1_555 C C   15 1_555 B A   19 1_555 C C   14 1_555 1.149  -1.402 3.355 0.895   6.694  36.685  -3.074  -1.679 3.087 
10.525 -1.407  37.281  15 BB_G19A20:C44C45_CC   B 19 ? C 45 ? B 20 ? C 44 ? 
1 B A   19 1_555 C C   14 1_555 B G   20 1_555 C A   13 1_555 -0.772 -1.045 3.237 6.969   5.867  59.716  -1.316  1.097  3.033 
5.855  -6.955  60.343  16 BB_A20G21:A43C44_CC   B 20 ? C 44 ? B 21 ? C 43 ? 
1 B G   20 1_555 C A   13 1_555 B A   21 1_555 C U   11 1_555 -2.290 -0.433 3.330 3.040   0.576  11.272  -2.855  15.084 2.597 
2.864  -15.106 11.688  17 BB_G21A22:U41A43_CC   B 21 ? C 43 ? B 22 ? C 41 ? 
1 B A   21 1_555 C U   11 1_555 B A   22 1_555 C A   10 1_555 -0.116 -2.271 3.486 -10.159 4.440  46.522  -3.174  -0.700 3.225 
5.529  12.651  47.754  18 BB_A22A23:A40U41_CC   B 22 ? C 41 ? B 23 ? C 40 ? 
1 B A   22 1_555 C A   10 1_555 B A   23 1_555 C P5P 8  1_555 -3.172 -2.803 3.690 -5.288  0.882  72.627  -2.395  2.474  3.852 
0.744  4.459   72.798  19 BB_A23A24:P5P38A40_CC B 23 ? C 40 ? B 24 ? C 38 ? 
1 B A   23 1_555 C P5P 8  1_555 B C   24 1_555 A G   6  1_555 2.284  -0.242 2.872 -1.081  3.484  -32.040 -0.118  3.940  2.955 
-6.286 -1.951  -32.242 20 BB_A24C25:G1P5P38_AC  B 24 ? C 38 ? B 25 ? A 1  ? 
1 B C   24 1_555 A G   6  1_555 B A   25 1_555 C G   6  1_555 0.303  -1.946 3.860 6.496   6.269  47.548  -2.937  0.211  3.601 
7.694  -7.973  48.348  21 BB_C25A26:G36G1_CA    B 25 ? A 1  ? B 26 ? C 36 ? 
1 B A   25 1_555 C G   6  1_555 B C   26 1_555 C G   5  1_555 1.101  -0.643 2.906 -6.287  3.863  28.964  -1.922  -3.235 2.512 
7.569  12.319  29.870  22 BB_A26C27:G35G36_CC   B 26 ? C 36 ? B 27 ? C 35 ? 
1 B C   26 1_555 C G   5  1_555 B A   27 1_555 C U   4  1_555 0.158  -1.115 3.214 -0.143  6.327  38.120  -2.432  -0.256 2.997 
9.605  0.217   38.623  23 BB_C27A28:U34G35_CC   B 27 ? C 35 ? B 28 ? C 34 ? 
1 B A   27 1_555 C U   4  1_555 B C   28 1_555 C G   3  1_555 0.542  -1.264 3.238 2.402   1.237  30.777  -2.611  -0.557 3.218 
2.325  -4.514  30.892  24 BB_A28C29:G33U34_CC   B 28 ? C 34 ? B 29 ? C 33 ? 
1 B C   28 1_555 C G   3  1_555 B G   29 1_555 C C   2  1_555 0.287  -1.493 3.337 2.880   9.281  34.146  -3.767  -0.063 2.860 
15.422 -4.785  35.462  25 BB_C29G30:C32G33_CC   B 29 ? C 33 ? B 30 ? C 32 ? 
1 B G   29 1_555 C C   2  1_555 B A   30 1_555 C U   1  1_555 0.877  -1.523 3.090 4.166   4.850  32.998  -3.372  -0.884 2.929 
8.440  -7.251  33.595  26 BB_G30A31:U31C32_CC   B 30 ? C 32 ? B 31 ? C 31 ? 
# 
_atom_sites.entry_id                    4G6P 
_atom_sites.fract_transf_matrix[1][1]   0.00698750 
_atom_sites.fract_transf_matrix[1][2]   0.00920904 
_atom_sites.fract_transf_matrix[1][3]   -0.00428254 
_atom_sites.fract_transf_matrix[2][1]   -0.00481035 
_atom_sites.fract_transf_matrix[2][2]   0.01126896 
_atom_sites.fract_transf_matrix[2][3]   -0.00136036 
_atom_sites.fract_transf_matrix[3][1]   0.00202208 
_atom_sites.fract_transf_matrix[3][2]   0.00170370 
_atom_sites.fract_transf_matrix[3][3]   0.00696285 
_atom_sites.fract_transf_vector[1]      0.435222 
_atom_sites.fract_transf_vector[2]      0.210242 
_atom_sites.fract_transf_vector[3]      0.384685 
# 
loop_
_atom_type.symbol 
C  
CO 
N  
O  
P  
S  
# 
loop_
_atom_site.group_PDB 
_atom_site.id 
_atom_site.type_symbol 
_atom_site.label_atom_id 
_atom_site.label_alt_id 
_atom_site.label_comp_id 
_atom_site.label_asym_id 
_atom_site.label_entity_id 
_atom_site.label_seq_id 
_atom_site.pdbx_PDB_ins_code 
_atom_site.Cartn_x 
_atom_site.Cartn_y 
_atom_site.Cartn_z 
_atom_site.occupancy 
_atom_site.B_iso_or_equiv 
_atom_site.pdbx_formal_charge 
_atom_site.auth_seq_id 
_atom_site.auth_comp_id 
_atom_site.auth_asym_id 
_atom_site.auth_atom_id 
_atom_site.pdbx_PDB_model_num 
ATOM   1    O  "O5'" A U   A 1 1  ? 6.666   17.993  5.055   0.39 72.94  ? -5  U   A "O5'" 1 
ATOM   2    O  "O5'" B U   A 1 1  ? 5.602   16.456  5.351   0.61 71.70  ? -5  U   A "O5'" 1 
ATOM   3    C  "C5'" A U   A 1 1  ? 6.115   18.553  6.239   0.39 71.32  ? -5  U   A "C5'" 1 
ATOM   4    C  "C5'" B U   A 1 1  ? 5.111   17.624  4.696   0.61 70.93  ? -5  U   A "C5'" 1 
ATOM   5    C  "C4'" A U   A 1 1  ? 4.629   18.762  6.107   0.39 69.26  ? -5  U   A "C4'" 1 
ATOM   6    C  "C4'" B U   A 1 1  ? 4.255   18.464  5.616   0.61 69.02  ? -5  U   A "C4'" 1 
ATOM   7    O  "O4'" A U   A 1 1  ? 4.334   19.329  4.809   0.39 69.03  ? -5  U   A "O4'" 1 
ATOM   8    O  "O4'" B U   A 1 1  ? 3.590   19.497  4.847   0.61 70.24  ? -5  U   A "O4'" 1 
ATOM   9    C  "C3'" A U   A 1 1  ? 3.777   17.506  6.158   0.39 73.61  ? -5  U   A "C3'" 1 
ATOM   10   C  "C3'" B U   A 1 1  ? 3.119   17.734  6.324   0.61 74.34  ? -5  U   A "C3'" 1 
ATOM   11   O  "O3'" A U   A 1 1  ? 3.542   17.048  7.482   0.39 79.61  ? -5  U   A "O3'" 1 
ATOM   12   O  "O3'" B U   A 1 1  ? 3.547   17.058  7.500   0.61 79.98  ? -5  U   A "O3'" 1 
ATOM   13   C  "C2'" A U   A 1 1  ? 2.507   17.925  5.416   0.39 71.66  ? -5  U   A "C2'" 1 
ATOM   14   C  "C2'" B U   A 1 1  ? 2.105   18.848  6.584   0.61 72.67  ? -5  U   A "C2'" 1 
ATOM   15   O  "O2'" A U   A 1 1  ? 1.639   18.659  6.274   0.39 72.04  ? -5  U   A "O2'" 1 
ATOM   16   O  "O2'" B U   A 1 1  ? 2.485   19.627  7.712   0.61 71.22  ? -5  U   A "O2'" 1 
ATOM   17   C  "C1'" A U   A 1 1  ? 3.071   18.882  4.362   0.39 69.29  ? -5  U   A "C1'" 1 
ATOM   18   C  "C1'" B U   A 1 1  ? 2.275   19.703  5.327   0.61 70.28  ? -5  U   A "C1'" 1 
ATOM   19   N  N1    A U   A 1 1  ? 3.235   18.243  3.032   0.39 67.19  ? -5  U   A N1    1 
ATOM   20   N  N1    B U   A 1 1  ? 1.322   19.326  4.249   0.61 67.49  ? -5  U   A N1    1 
ATOM   21   C  C2    A U   A 1 1  ? 2.095   18.058  2.265   0.39 66.45  ? -5  U   A C2    1 
ATOM   22   C  C2    B U   A 1 1  ? -0.025  19.594  4.402   0.61 66.44  ? -5  U   A C2    1 
ATOM   23   O  O2    A U   A 1 1  ? 0.982   18.360  2.644   0.39 66.79  ? -5  U   A O2    1 
ATOM   24   O  O2    B U   A 1 1  ? -0.465  20.116  5.405   0.61 68.37  ? -5  U   A O2    1 
ATOM   25   N  N3    A U   A 1 1  ? 2.291   17.492  1.035   0.39 65.36  ? -5  U   A N3    1 
ATOM   26   N  N3    B U   A 1 1  ? -0.833  19.213  3.349   0.61 61.59  ? -5  U   A N3    1 
ATOM   27   C  C4    A U   A 1 1  ? 3.502   17.111  0.500   0.39 68.87  ? -5  U   A C4    1 
ATOM   28   C  C4    B U   A 1 1  ? -0.412  18.600  2.176   0.61 66.27  ? -5  U   A C4    1 
ATOM   29   O  O4    A U   A 1 1  ? 3.511   16.611  -0.625  0.39 70.67  ? -5  U   A O4    1 
ATOM   30   O  O4    B U   A 1 1  ? -1.227  18.306  1.307   0.61 66.21  ? -5  U   A O4    1 
ATOM   31   C  C5    A U   A 1 1  ? 4.642   17.347  1.341   0.39 68.84  ? -5  U   A C5    1 
ATOM   32   C  C5    B U   A 1 1  ? 0.996   18.352  2.084   0.61 66.49  ? -5  U   A C5    1 
ATOM   33   C  C6    A U   A 1 1  ? 4.477   17.898  2.547   0.39 67.74  ? -5  U   A C6    1 
ATOM   34   C  C6    B U   A 1 1  ? 1.788   18.719  3.099   0.61 66.52  ? -5  U   A C6    1 
ATOM   35   P  P     . C   A 1 2  ? 3.162   15.506  7.751   1.00 88.30  ? -4  C   A P     1 
ATOM   36   O  OP1   . C   A 1 2  ? 2.927   15.355  9.209   1.00 81.68  ? -4  C   A OP1   1 
ATOM   37   O  OP2   . C   A 1 2  ? 4.223   14.659  7.107   1.00 63.72  ? -4  C   A OP2   1 
ATOM   38   O  "O5'" . C   A 1 2  ? 1.779   15.340  6.969   1.00 68.95  ? -4  C   A "O5'" 1 
ATOM   39   C  "C5'" . C   A 1 2  ? 0.574   15.824  7.531   1.00 67.28  ? -4  C   A "C5'" 1 
ATOM   40   C  "C4'" . C   A 1 2  ? -0.604  15.512  6.648   1.00 69.26  ? -4  C   A "C4'" 1 
ATOM   41   O  "O4'" . C   A 1 2  ? -0.426  16.162  5.369   1.00 72.51  ? -4  C   A "O4'" 1 
ATOM   42   C  "C3'" . C   A 1 2  ? -0.806  14.049  6.280   1.00 67.89  ? -4  C   A "C3'" 1 
ATOM   43   O  "O3'" . C   A 1 2  ? -1.429  13.293  7.308   1.00 70.00  ? -4  C   A "O3'" 1 
ATOM   44   C  "C2'" . C   A 1 2  ? -1.636  14.155  5.009   1.00 65.76  ? -4  C   A "C2'" 1 
ATOM   45   O  "O2'" . C   A 1 2  ? -2.981  14.478  5.313   1.00 61.39  ? -4  C   A "O2'" 1 
ATOM   46   C  "C1'" . C   A 1 2  ? -0.995  15.372  4.346   1.00 67.25  ? -4  C   A "C1'" 1 
ATOM   47   N  N1    . C   A 1 2  ? 0.074   14.990  3.405   1.00 63.34  ? -4  C   A N1    1 
ATOM   48   C  C2    . C   A 1 2  ? -0.303  14.532  2.139   1.00 65.06  ? -4  C   A C2    1 
ATOM   49   O  O2    . C   A 1 2  ? -1.512  14.460  1.862   1.00 64.49  ? -4  C   A O2    1 
ATOM   50   N  N3    . C   A 1 2  ? 0.642   14.169  1.253   1.00 63.44  ? -4  C   A N3    1 
ATOM   51   C  C4    . C   A 1 2  ? 1.916   14.267  1.603   1.00 65.61  ? -4  C   A C4    1 
ATOM   52   N  N4    . C   A 1 2  ? 2.817   13.903  0.695   1.00 69.61  ? -4  C   A N4    1 
ATOM   53   C  C5    . C   A 1 2  ? 2.326   14.734  2.887   1.00 66.87  ? -4  C   A C5    1 
ATOM   54   C  C6    . C   A 1 2  ? 1.377   15.088  3.762   1.00 62.90  ? -4  C   A C6    1 
ATOM   55   P  P     . C   A 1 3  ? -1.111  11.720  7.481   1.00 66.37  ? -3  C   A P     1 
ATOM   56   O  OP1   . C   A 1 3  ? -1.696  11.308  8.774   1.00 63.20  ? -3  C   A OP1   1 
ATOM   57   O  OP2   . C   A 1 3  ? 0.341   11.521  7.264   1.00 58.35  ? -3  C   A OP2   1 
ATOM   58   O  "O5'" . C   A 1 3  ? -1.922  11.065  6.283   1.00 63.21  ? -3  C   A "O5'" 1 
ATOM   59   C  "C5'" . C   A 1 3  ? -3.328  10.948  6.344   1.00 60.91  ? -3  C   A "C5'" 1 
ATOM   60   C  "C4'" . C   A 1 3  ? -3.862  10.229  5.139   1.00 58.90  ? -3  C   A "C4'" 1 
ATOM   61   O  "O4'" . C   A 1 3  ? -3.455  10.929  3.948   1.00 61.13  ? -3  C   A "O4'" 1 
ATOM   62   C  "C3'" . C   A 1 3  ? -3.334  8.832   4.925   1.00 61.06  ? -3  C   A "C3'" 1 
ATOM   63   O  "O3'" . C   A 1 3  ? -3.979  7.871   5.733   1.00 60.81  ? -3  C   A "O3'" 1 
ATOM   64   C  "C2'" . C   A 1 3  ? -3.544  8.626   3.433   1.00 61.44  ? -3  C   A "C2'" 1 
ATOM   65   O  "O2'" . C   A 1 3  ? -4.900  8.347   3.153   1.00 57.56  ? -3  C   A "O2'" 1 
ATOM   66   C  "C1'" . C   A 1 3  ? -3.236  10.016  2.902   1.00 60.20  ? -3  C   A "C1'" 1 
ATOM   67   N  N1    . C   A 1 3  ? -1.839  10.157  2.438   1.00 61.26  ? -3  C   A N1    1 
ATOM   68   C  C2    . C   A 1 3  ? -1.499  9.700   1.159   1.00 62.57  ? -3  C   A C2    1 
ATOM   69   O  O2    . C   A 1 3  ? -2.368  9.152   0.467   1.00 63.18  ? -3  C   A O2    1 
ATOM   70   N  N3    . C   A 1 3  ? -0.240  9.844   0.702   1.00 61.78  ? -3  C   A N3    1 
ATOM   71   C  C4    . C   A 1 3  ? 0.670   10.437  1.469   1.00 63.33  ? -3  C   A C4    1 
ATOM   72   N  N4    . C   A 1 3  ? 1.916   10.568  0.984   1.00 62.47  ? -3  C   A N4    1 
ATOM   73   C  C5    . C   A 1 3  ? 0.342   10.921  2.768   1.00 61.34  ? -3  C   A C5    1 
ATOM   74   C  C6    . C   A 1 3  ? -0.909  10.774  3.214   1.00 60.19  ? -3  C   A C6    1 
ATOM   75   P  P     . C   A 1 4  ? -3.137  6.662   6.380   1.00 70.16  ? -2  C   A P     1 
ATOM   76   O  OP1   . C   A 1 4  ? -4.082  5.893   7.234   1.00 71.23  ? -2  C   A OP1   1 
ATOM   77   O  OP2   . C   A 1 4  ? -1.922  7.239   6.999   1.00 57.41  ? -2  C   A OP2   1 
ATOM   78   O  "O5'" . C   A 1 4  ? -2.733  5.796   5.113   1.00 63.66  ? -2  C   A "O5'" 1 
ATOM   79   C  "C5'" . C   A 1 4  ? -3.722  5.104   4.371   1.00 63.92  ? -2  C   A "C5'" 1 
ATOM   80   C  "C4'" . C   A 1 4  ? -3.147  4.506   3.123   1.00 66.95  ? -2  C   A "C4'" 1 
ATOM   81   O  "O4'" . C   A 1 4  ? -2.503  5.537   2.343   1.00 67.10  ? -2  C   A "O4'" 1 
ATOM   82   C  "C3'" . C   A 1 4  ? -2.053  3.478   3.326   1.00 68.50  ? -2  C   A "C3'" 1 
ATOM   83   O  "O3'" . C   A 1 4  ? -2.564  2.196   3.667   1.00 71.10  ? -2  C   A "O3'" 1 
ATOM   84   C  "C2'" . C   A 1 4  ? -1.306  3.513   1.990   1.00 63.42  ? -2  C   A "C2'" 1 
ATOM   85   O  "O2'" . C   A 1 4  ? -1.954  2.700   1.034   1.00 68.34  ? -2  C   A "O2'" 1 
ATOM   86   C  "C1'" . C   A 1 4  ? -1.486  4.966   1.557   1.00 63.87  ? -2  C   A "C1'" 1 
ATOM   87   N  N1    . C   A 1 4  ? -0.255  5.763   1.690   1.00 65.03  ? -2  C   A N1    1 
ATOM   88   C  C2    . C   A 1 4  ? 0.605   5.686   0.601   1.00 66.84  ? -2  C   A C2    1 
ATOM   89   O  O2    . C   A 1 4  ? 0.266   4.942   -0.331  1.00 69.41  ? -2  C   A O2    1 
ATOM   90   N  N3    . C   A 1 4  ? 1.759   6.392   0.589   1.00 65.80  ? -2  C   A N3    1 
ATOM   91   C  C4    . C   A 1 4  ? 2.059   7.169   1.627   1.00 65.01  ? -2  C   A C4    1 
ATOM   92   N  N4    . C   A 1 4  ? 3.215   7.844   1.575   1.00 62.13  ? -2  C   A N4    1 
ATOM   93   C  C5    . C   A 1 4  ? 1.184   7.278   2.751   1.00 63.42  ? -2  C   A C5    1 
ATOM   94   C  C6    . C   A 1 4  ? 0.041   6.573   2.742   1.00 65.73  ? -2  C   A C6    1 
HETATM 95   P  P     . A2M A 1 5  ? -2.034  1.422   4.973   1.00 75.22  ? -1  A2M A P     1 
HETATM 96   O  OP1   . A2M A 1 5  ? -3.072  0.328   5.018   1.00 69.07  ? -1  A2M A OP1   1 
HETATM 97   O  "O5'" . A2M A 1 5  ? -0.549  0.983   4.505   1.00 62.04  ? -1  A2M A "O5'" 1 
HETATM 98   C  "C5'" . A2M A 1 5  ? -0.460  -0.126  3.636   1.00 64.48  ? -1  A2M A "C5'" 1 
HETATM 99   C  "C4'" . A2M A 1 5  ? 1.018   -0.404  3.380   1.00 69.21  ? -1  A2M A "C4'" 1 
HETATM 100  O  "O4'" . A2M A 1 5  ? 1.554   0.870   2.920   1.00 64.29  ? -1  A2M A "O4'" 1 
HETATM 101  C  "C3'" . A2M A 1 5  ? 1.834   -0.909  4.593   1.00 65.34  ? -1  A2M A "C3'" 1 
HETATM 102  O  "O3'" A A2M A 1 5  ? 2.866   -1.812  4.035   0.37 71.92  ? -1  A2M A "O3'" 1 
HETATM 103  O  "O3'" B A2M A 1 5  ? 2.620   -2.086  4.367   0.63 71.94  ? -1  A2M A "O3'" 1 
HETATM 104  C  "C2'" . A2M A 1 5  ? 2.478   0.410   5.012   1.00 67.82  ? -1  A2M A "C2'" 1 
HETATM 105  O  "O2'" . A2M A 1 5  ? 3.639   0.337   5.797   1.00 71.45  ? -1  A2M A "O2'" 1 
HETATM 106  C  "C1'" . A2M A 1 5  ? 2.671   1.225   3.737   1.00 67.81  ? -1  A2M A "C1'" 1 
HETATM 107  C  "CM'" . A2M A 1 5  ? 3.242   -0.103  7.089   1.00 70.25  ? -1  A2M A "CM'" 1 
HETATM 108  N  N9    . A2M A 1 5  ? 2.654   2.639   4.091   1.00 71.72  ? -1  A2M A N9    1 
HETATM 109  C  C8    . A2M A 1 5  ? 1.620   3.259   4.759   1.00 74.48  ? -1  A2M A C8    1 
HETATM 110  N  N7    . A2M A 1 5  ? 1.900   4.512   5.072   1.00 71.92  ? -1  A2M A N7    1 
HETATM 111  C  C5    . A2M A 1 5  ? 3.169   4.713   4.599   1.00 69.71  ? -1  A2M A C5    1 
HETATM 112  C  C6    . A2M A 1 5  ? 4.001   5.823   4.627   1.00 74.64  ? -1  A2M A C6    1 
HETATM 113  N  N6    . A2M A 1 5  ? 3.539   7.007   5.216   1.00 77.98  ? -1  A2M A N6    1 
HETATM 114  N  N1    . A2M A 1 5  ? 5.243   5.763   4.079   1.00 74.75  ? -1  A2M A N1    1 
HETATM 115  C  C2    . A2M A 1 5  ? 5.586   4.578   3.521   1.00 76.52  ? -1  A2M A C2    1 
HETATM 116  N  N3    . A2M A 1 5  ? 4.866   3.430   3.431   1.00 76.31  ? -1  A2M A N3    1 
HETATM 117  C  C4    . A2M A 1 5  ? 3.659   3.567   3.994   1.00 71.24  ? -1  A2M A C4    1 
HETATM 118  O  OP2   . A2M A 1 5  ? -1.700  2.079   6.412   1.00 66.55  ? -1  A2M A OP2   1 
ATOM   119  P  P     A G   A 1 6  ? 4.325   -2.068  4.347   0.37 72.13  ? 1   G   A P     1 
ATOM   120  P  P     B G   A 1 6  ? 2.219   -3.487  5.056   0.63 62.22  ? 1   G   A P     1 
ATOM   121  O  OP1   A G   A 1 6  ? 4.329   -2.518  5.762   0.37 67.65  ? 1   G   A OP1   1 
ATOM   122  O  OP1   B G   A 1 6  ? 0.943   -3.968  4.452   0.63 62.16  ? 1   G   A OP1   1 
ATOM   123  O  OP2   A G   A 1 6  ? 5.117   -0.870  3.964   0.37 63.72  ? 1   G   A OP2   1 
ATOM   124  O  OP2   B G   A 1 6  ? 2.325   -3.342  6.523   0.63 68.15  ? 1   G   A OP2   1 
ATOM   125  O  "O5'" A G   A 1 6  ? 4.695   -3.292  3.389   0.37 68.34  ? 1   G   A "O5'" 1 
ATOM   126  O  "O5'" B G   A 1 6  ? 3.437   -4.320  4.512   0.63 66.92  ? 1   G   A "O5'" 1 
ATOM   127  C  "C5'" . G   A 1 6  ? 3.744   -4.321  3.130   1.00 72.04  ? 1   G   A "C5'" 1 
ATOM   128  C  "C4'" . G   A 1 6  ? 4.381   -5.624  2.722   1.00 70.62  ? 1   G   A "C4'" 1 
ATOM   129  O  "O4'" . G   A 1 6  ? 3.641   -6.171  1.598   1.00 71.98  ? 1   G   A "O4'" 1 
ATOM   130  C  "C3'" . G   A 1 6  ? 5.847   -5.561  2.296   1.00 67.94  ? 1   G   A "C3'" 1 
ATOM   131  O  "O3'" . G   A 1 6  ? 6.534   -6.721  2.784   1.00 74.93  ? 1   G   A "O3'" 1 
ATOM   132  C  "C2'" . G   A 1 6  ? 5.757   -5.626  0.771   1.00 66.83  ? 1   G   A "C2'" 1 
ATOM   133  O  "O2'" . G   A 1 6  ? 6.892   -6.173  0.136   1.00 69.97  ? 1   G   A "O2'" 1 
ATOM   134  C  "C1'" . G   A 1 6  ? 4.534   -6.505  0.568   1.00 65.73  ? 1   G   A "C1'" 1 
ATOM   135  N  N9    . G   A 1 6  ? 3.862   -6.323  -0.722  1.00 63.62  ? 1   G   A N9    1 
ATOM   136  C  C8    . G   A 1 6  ? 2.987   -7.223  -1.276  1.00 64.11  ? 1   G   A C8    1 
ATOM   137  N  N7    . G   A 1 6  ? 2.532   -6.861  -2.440  1.00 62.60  ? 1   G   A N7    1 
ATOM   138  C  C5    . G   A 1 6  ? 3.149   -5.639  -2.681  1.00 61.74  ? 1   G   A C5    1 
ATOM   139  C  C6    . G   A 1 6  ? 3.043   -4.768  -3.799  1.00 61.05  ? 1   G   A C6    1 
ATOM   140  O  O6    . G   A 1 6  ? 2.379   -4.919  -4.836  1.00 62.43  ? 1   G   A O6    1 
ATOM   141  N  N1    . G   A 1 6  ? 3.821   -3.633  -3.640  1.00 58.80  ? 1   G   A N1    1 
ATOM   142  C  C2    . G   A 1 6  ? 4.597   -3.378  -2.543  1.00 60.60  ? 1   G   A C2    1 
ATOM   143  N  N2    . G   A 1 6  ? 5.287   -2.233  -2.559  1.00 57.70  ? 1   G   A N2    1 
ATOM   144  N  N3    . G   A 1 6  ? 4.709   -4.183  -1.503  1.00 63.00  ? 1   G   A N3    1 
ATOM   145  C  C4    . G   A 1 6  ? 3.967   -5.294  -1.631  1.00 61.74  ? 1   G   A C4    1 
ATOM   146  P  P     . U   A 1 7  ? 7.564   -6.609  4.029   1.00 81.18  ? 2   U   A P     1 
ATOM   147  O  OP1   . U   A 1 7  ? 7.794   -7.987  4.522   1.00 74.73  ? 2   U   A OP1   1 
ATOM   148  O  OP2   . U   A 1 7  ? 7.018   -5.600  4.968   1.00 73.66  ? 2   U   A OP2   1 
ATOM   149  O  "O5'" . U   A 1 7  ? 8.894   -6.057  3.353   1.00 71.61  ? 2   U   A "O5'" 1 
ATOM   150  C  "C5'" . U   A 1 7  ? 9.680   -6.907  2.543   1.00 69.95  ? 2   U   A "C5'" 1 
ATOM   151  C  "C4'" . U   A 1 7  ? 10.938  -6.232  2.076   1.00 70.19  ? 2   U   A "C4'" 1 
ATOM   152  O  "O4'" . U   A 1 7  ? 10.610  -5.024  1.350   1.00 81.67  ? 2   U   A "O4'" 1 
ATOM   153  C  "C3'" . U   A 1 7  ? 11.892  -5.761  3.153   1.00 72.44  ? 2   U   A "C3'" 1 
ATOM   154  O  "O3'" . U   A 1 7  ? 12.675  -6.810  3.689   1.00 75.54  ? 2   U   A "O3'" 1 
ATOM   155  C  "C2'" . U   A 1 7  ? 12.715  -4.722  2.406   1.00 81.01  ? 2   U   A "C2'" 1 
ATOM   156  O  "O2'" . U   A 1 7  ? 13.685  -5.355  1.580   1.00 84.85  ? 2   U   A "O2'" 1 
ATOM   157  C  "C1'" . U   A 1 7  ? 11.655  -4.088  1.500   1.00 79.93  ? 2   U   A "C1'" 1 
ATOM   158  N  N1    . U   A 1 7  ? 11.107  -2.847  2.081   1.00 82.59  ? 2   U   A N1    1 
ATOM   159  C  C2    . U   A 1 7  ? 11.960  -1.772  2.060   1.00 83.01  ? 2   U   A C2    1 
ATOM   160  O  O2    . U   A 1 7  ? 13.077  -1.845  1.578   1.00 83.81  ? 2   U   A O2    1 
ATOM   161  N  N3    . U   A 1 7  ? 11.455  -0.619  2.612   1.00 84.61  ? 2   U   A N3    1 
ATOM   162  C  C4    . U   A 1 7  ? 10.209  -0.448  3.176   1.00 82.99  ? 2   U   A C4    1 
ATOM   163  O  O4    . U   A 1 7  ? 9.917   0.661   3.628   1.00 88.67  ? 2   U   A O4    1 
ATOM   164  C  C5    . U   A 1 7  ? 9.376   -1.614  3.169   1.00 74.59  ? 2   U   A C5    1 
ATOM   165  C  C6    . U   A 1 7  ? 9.842   -2.748  2.632   1.00 80.90  ? 2   U   A C6    1 
ATOM   166  P  P     . C   A 1 8  ? 13.130  -6.786  5.230   1.00 79.69  ? 3   C   A P     1 
ATOM   167  O  OP1   . C   A 1 8  ? 14.105  -7.886  5.405   1.00 80.24  ? 3   C   A OP1   1 
ATOM   168  O  OP2   . C   A 1 8  ? 11.890  -6.787  6.055   1.00 70.60  ? 3   C   A OP2   1 
ATOM   169  O  "O5'" . C   A 1 8  ? 13.870  -5.386  5.364   1.00 79.71  ? 3   C   A "O5'" 1 
ATOM   170  C  "C5'" . C   A 1 8  ? 15.111  -5.147  4.718   1.00 80.19  ? 3   C   A "C5'" 1 
ATOM   171  C  "C4'" . C   A 1 8  ? 15.671  -3.797  5.091   1.00 87.94  ? 3   C   A "C4'" 1 
ATOM   172  O  "O4'" . C   A 1 8  ? 14.859  -2.747  4.501   1.00 91.36  ? 3   C   A "O4'" 1 
ATOM   173  C  "C3'" . C   A 1 8  ? 15.674  -3.467  6.577   1.00 91.13  ? 3   C   A "C3'" 1 
ATOM   174  O  "O3'" . C   A 1 8  ? 16.769  -4.034  7.268   1.00 87.24  ? 3   C   A "O3'" 1 
ATOM   175  C  "C2'" . C   A 1 8  ? 15.662  -1.944  6.585   1.00 89.86  ? 3   C   A "C2'" 1 
ATOM   176  O  "O2'" . C   A 1 8  ? 16.952  -1.428  6.315   1.00 91.90  ? 3   C   A "O2'" 1 
ATOM   177  C  "C1'" . C   A 1 8  ? 14.770  -1.648  5.386   1.00 88.32  ? 3   C   A "C1'" 1 
ATOM   178  N  N1    . C   A 1 8  ? 13.359  -1.485  5.779   1.00 90.49  ? 3   C   A N1    1 
ATOM   179  C  C2    . C   A 1 8  ? 12.887  -0.197  6.081   1.00 93.25  ? 3   C   A C2    1 
ATOM   180  O  O2    . C   A 1 8  ? 13.672  0.763   6.014   1.00 95.08  ? 3   C   A O2    1 
ATOM   181  N  N3    . C   A 1 8  ? 11.592  -0.027  6.441   1.00 87.97  ? 3   C   A N3    1 
ATOM   182  C  C4    . C   A 1 8  ? 10.787  -1.091  6.497   1.00 89.55  ? 3   C   A C4    1 
ATOM   183  N  N4    . C   A 1 8  ? 9.517   -0.881  6.853   1.00 88.25  ? 3   C   A N4    1 
ATOM   184  C  C5    . C   A 1 8  ? 11.243  -2.412  6.190   1.00 87.10  ? 3   C   A C5    1 
ATOM   185  C  C6    . C   A 1 8  ? 12.527  -2.568  5.835   1.00 84.81  ? 3   C   A C6    1 
ATOM   186  P  P     . C   A 1 9  ? 16.591  -4.533  8.783   1.00 102.22 ? 4   C   A P     1 
ATOM   187  O  OP1   . C   A 1 9  ? 17.862  -5.185  9.175   1.00 101.92 ? 4   C   A OP1   1 
ATOM   188  O  OP2   . C   A 1 9  ? 15.327  -5.334  8.851   1.00 83.95  ? 4   C   A OP2   1 
ATOM   189  O  "O5'" . C   A 1 9  ? 16.419  -3.160  9.575   1.00 95.90  ? 4   C   A "O5'" 1 
ATOM   190  C  "C5'" . C   A 1 9  ? 17.476  -2.217  9.625   1.00 92.44  ? 4   C   A "C5'" 1 
ATOM   191  C  "C4'" . C   A 1 9  ? 17.093  -0.984  10.407  1.00 98.46  ? 4   C   A "C4'" 1 
ATOM   192  O  "O4'" . C   A 1 9  ? 16.006  -0.294  9.738   1.00 97.55  ? 4   C   A "O4'" 1 
ATOM   193  C  "C3'" . C   A 1 9  ? 16.561  -1.209  11.818  1.00 103.17 ? 4   C   A "C3'" 1 
ATOM   194  O  "O3'" . C   A 1 9  ? 17.578  -1.452  12.772  1.00 103.51 ? 4   C   A "O3'" 1 
ATOM   195  C  "C2'" . C   A 1 9  ? 15.777  0.071   12.075  1.00 103.85 ? 4   C   A "C2'" 1 
ATOM   196  O  "O2'" . C   A 1 9  ? 16.651  1.145   12.392  1.00 102.70 ? 4   C   A "O2'" 1 
ATOM   197  C  "C1'" . C   A 1 9  ? 15.170  0.326   10.695  1.00 99.63  ? 4   C   A "C1'" 1 
ATOM   198  N  N1    . C   A 1 9  ? 13.821  -0.254  10.584  1.00 98.91  ? 4   C   A N1    1 
ATOM   199  C  C2    . C   A 1 9  ? 12.755  0.473   11.121  1.00 99.90  ? 4   C   A C2    1 
ATOM   200  O  O2    . C   A 1 9  ? 12.991  1.576   11.652  1.00 101.44 ? 4   C   A O2    1 
ATOM   201  N  N3    . C   A 1 9  ? 11.504  -0.045  11.043  1.00 96.42  ? 4   C   A N3    1 
ATOM   202  C  C4    . C   A 1 9  ? 11.317  -1.233  10.464  1.00 91.71  ? 4   C   A C4    1 
ATOM   203  N  N4    . C   A 1 9  ? 10.073  -1.698  10.410  1.00 86.94  ? 4   C   A N4    1 
ATOM   204  C  C5    . C   A 1 9  ? 12.385  -1.992  9.909   1.00 91.65  ? 4   C   A C5    1 
ATOM   205  C  C6    . C   A 1 9  ? 13.615  -1.471  9.995   1.00 95.94  ? 4   C   A C6    1 
ATOM   206  P  P     . A   A 1 10 ? 17.278  -2.383  14.054  1.00 116.00 ? 5   A   A P     1 
ATOM   207  O  OP1   . A   A 1 10 ? 18.591  -2.696  14.677  1.00 106.84 ? 5   A   A OP1   1 
ATOM   208  O  OP2   . A   A 1 10 ? 16.417  -3.510  13.595  1.00 101.48 ? 5   A   A OP2   1 
ATOM   209  O  "O5'" . A   A 1 10 ? 16.438  -1.421  15.004  1.00 103.36 ? 5   A   A "O5'" 1 
ATOM   210  C  "C5'" . A   A 1 10 ? 16.941  -0.154  15.396  1.00 102.58 ? 5   A   A "C5'" 1 
ATOM   211  C  "C4'" . A   A 1 10 ? 15.944  0.580   16.258  1.00 110.89 ? 5   A   A "C4'" 1 
ATOM   212  O  "O4'" . A   A 1 10 ? 14.851  1.072   15.431  1.00 109.63 ? 5   A   A "O4'" 1 
ATOM   213  C  "C3'" . A   A 1 10 ? 15.255  -0.258  17.328  1.00 113.04 ? 5   A   A "C3'" 1 
ATOM   214  O  "O3'" . A   A 1 10 ? 16.021  -0.404  18.506  1.00 110.43 ? 5   A   A "O3'" 1 
ATOM   215  C  "C2'" . A   A 1 10 ? 13.934  0.469   17.540  1.00 110.94 ? 5   A   A "C2'" 1 
ATOM   216  O  "O2'" . A   A 1 10 ? 14.111  1.611   18.367  1.00 110.11 ? 5   A   A "O2'" 1 
ATOM   217  C  "C1'" . A   A 1 10 ? 13.620  0.935   16.119  1.00 106.98 ? 5   A   A "C1'" 1 
ATOM   218  N  N9    . A   A 1 10 ? 12.788  -0.048  15.392  1.00 104.91 ? 5   A   A N9    1 
ATOM   219  C  C8    . A   A 1 10 ? 13.189  -0.990  14.468  1.00 102.56 ? 5   A   A C8    1 
ATOM   220  N  N7    . A   A 1 10 ? 12.203  -1.721  13.994  1.00 100.14 ? 5   A   A N7    1 
ATOM   221  C  C5    . A   A 1 10 ? 11.077  -1.232  14.651  1.00 99.26  ? 5   A   A C5    1 
ATOM   222  C  C6    . A   A 1 10 ? 9.709   -1.577  14.597  1.00 98.34  ? 5   A   A C6    1 
ATOM   223  N  N6    . A   A 1 10 ? 9.207   -2.543  13.824  1.00 97.76  ? 5   A   A N6    1 
ATOM   224  N  N1    . A   A 1 10 ? 8.851   -0.890  15.383  1.00 99.38  ? 5   A   A N1    1 
ATOM   225  C  C2    . A   A 1 10 ? 9.343   0.081   16.166  1.00 101.04 ? 5   A   A C2    1 
ATOM   226  N  N3    . A   A 1 10 ? 10.601  0.499   16.304  1.00 101.50 ? 5   A   A N3    1 
ATOM   227  C  C4    . A   A 1 10 ? 11.427  -0.203  15.512  1.00 101.90 ? 5   A   A C4    1 
ATOM   228  P  P     . C   A 1 11 ? 15.916  -1.762  19.352  1.00 123.78 ? 6   C   A P     1 
ATOM   229  O  OP1   . C   A 1 11 ? 17.074  -1.784  20.280  1.00 123.85 ? 6   C   A OP1   1 
ATOM   230  O  OP2   . C   A 1 11 ? 15.763  -2.873  18.374  1.00 111.64 ? 6   C   A OP2   1 
ATOM   231  O  "O5'" . C   A 1 11 ? 14.558  -1.573  20.172  1.00 113.32 ? 6   C   A "O5'" 1 
ATOM   232  C  "C5'" . C   A 1 11 ? 14.394  -0.481  21.067  1.00 112.27 ? 6   C   A "C5'" 1 
ATOM   233  C  "C4'" . C   A 1 11 ? 12.950  -0.304  21.471  1.00 112.91 ? 6   C   A "C4'" 1 
ATOM   234  O  "O4'" . C   A 1 11 ? 12.150  0.030   20.305  1.00 110.83 ? 6   C   A "O4'" 1 
ATOM   235  C  "C3'" . C   A 1 11 ? 12.255  -1.531  22.041  1.00 115.60 ? 6   C   A "C3'" 1 
ATOM   236  O  "O3'" . C   A 1 11 ? 12.567  -1.777  23.397  1.00 118.02 ? 6   C   A "O3'" 1 
ATOM   237  C  "C2'" . C   A 1 11 ? 10.787  -1.217  21.794  1.00 113.85 ? 6   C   A "C2'" 1 
ATOM   238  O  "O2'" . C   A 1 11 ? 10.307  -0.254  22.725  1.00 112.84 ? 6   C   A "O2'" 1 
ATOM   239  C  "C1'" . C   A 1 11 ? 10.868  -0.561  20.418  1.00 110.76 ? 6   C   A "C1'" 1 
ATOM   240  N  N1    . C   A 1 11 ? 10.718  -1.561  19.341  1.00 109.72 ? 6   C   A N1    1 
ATOM   241  C  C2    . C   A 1 11 ? 9.417   -1.980  19.028  1.00 108.98 ? 6   C   A C2    1 
ATOM   242  O  O2    . C   A 1 11 ? 8.458   -1.478  19.650  1.00 108.21 ? 6   C   A O2    1 
ATOM   243  N  N3    . C   A 1 11 ? 9.243   -2.910  18.055  1.00 102.98 ? 6   C   A N3    1 
ATOM   244  C  C4    . C   A 1 11 ? 10.308  -3.411  17.422  1.00 102.27 ? 6   C   A C4    1 
ATOM   245  N  N4    . C   A 1 11 ? 10.080  -4.321  16.472  1.00 101.55 ? 6   C   A N4    1 
ATOM   246  C  C5    . C   A 1 11 ? 11.644  -3.006  17.730  1.00 102.31 ? 6   C   A C5    1 
ATOM   247  C  C6    . C   A 1 11 ? 11.805  -2.090  18.694  1.00 106.43 ? 6   C   A C6    1 
ATOM   248  P  P     . C   A 1 12 ? 12.458  -3.270  23.984  1.00 125.80 ? 7   C   A P     1 
ATOM   249  O  OP1   . C   A 1 12 ? 12.912  -3.214  25.393  1.00 125.85 ? 7   C   A OP1   1 
ATOM   250  O  OP2   . C   A 1 12 ? 13.174  -4.164  23.038  1.00 118.70 ? 7   C   A OP2   1 
ATOM   251  O  "O5'" . C   A 1 12 ? 10.894  -3.564  23.929  1.00 112.04 ? 7   C   A "O5'" 1 
ATOM   252  C  "C5'" . C   A 1 12 ? 10.009  -2.912  24.822  1.00 112.16 ? 7   C   A "C5'" 1 
ATOM   253  C  "C4'" . C   A 1 12 ? 8.577   -3.321  24.591  1.00 114.16 ? 7   C   A "C4'" 1 
ATOM   254  O  "O4'" . C   A 1 12 ? 8.189   -3.032  23.221  1.00 112.42 ? 7   C   A "O4'" 1 
ATOM   255  C  "C3'" . C   A 1 12 ? 8.265   -4.800  24.726  1.00 115.49 ? 7   C   A "C3'" 1 
ATOM   256  O  "O3'" . C   A 1 12 ? 8.199   -5.253  26.062  1.00 121.19 ? 7   C   A "O3'" 1 
ATOM   257  C  "C2'" . C   A 1 12 ? 6.949   -4.912  23.970  1.00 111.87 ? 7   C   A "C2'" 1 
ATOM   258  O  "O2'" . C   A 1 12 ? 5.880   -4.350  24.724  1.00 108.04 ? 7   C   A "O2'" 1 
ATOM   259  C  "C1'" . C   A 1 12 ? 7.237   -3.993  22.786  1.00 109.51 ? 7   C   A "C1'" 1 
ATOM   260  N  N1    . C   A 1 12 ? 7.804   -4.742  21.640  1.00 106.31 ? 7   C   A N1    1 
ATOM   261  C  C2    . C   A 1 12 ? 6.957   -5.601  20.898  1.00 102.08 ? 7   C   A C2    1 
ATOM   262  O  O2    . C   A 1 12 ? 5.750   -5.714  21.208  1.00 95.66  ? 7   C   A O2    1 
ATOM   263  N  N3    . C   A 1 12 ? 7.482   -6.290  19.848  1.00 97.64  ? 7   C   A N3    1 
ATOM   264  C  C4    . C   A 1 12 ? 8.780   -6.149  19.539  1.00 99.41  ? 7   C   A C4    1 
ATOM   265  N  N4    . C   A 1 12 ? 9.250   -6.842  18.500  1.00 95.29  ? 7   C   A N4    1 
ATOM   266  C  C5    . C   A 1 12 ? 9.655   -5.292  20.279  1.00 103.65 ? 7   C   A C5    1 
ATOM   267  C  C6    . C   A 1 12 ? 9.133   -4.613  21.313  1.00 105.75 ? 7   C   A C6    1 
ATOM   268  P  P     . G   A 1 13 ? 8.541   -6.790  26.393  1.00 130.07 ? 8   G   A P     1 
ATOM   269  O  OP1   . G   A 1 13 ? 8.457   -6.946  27.866  1.00 123.82 ? 8   G   A OP1   1 
ATOM   270  O  OP2   . G   A 1 13 ? 9.830   -7.109  25.707  1.00 113.60 ? 8   G   A OP2   1 
ATOM   271  O  "O5'" . G   A 1 13 ? 7.341   -7.581  25.697  1.00 111.30 ? 8   G   A "O5'" 1 
ATOM   272  C  "C5'" . G   A 1 13 ? 6.084   -7.719  26.348  1.00 106.08 ? 8   G   A "C5'" 1 
ATOM   273  C  "C4'" . G   A 1 13 ? 5.116   -8.522  25.516  1.00 108.47 ? 8   G   A "C4'" 1 
ATOM   274  O  "O4'" . G   A 1 13 ? 5.181   -8.080  24.139  1.00 108.21 ? 8   G   A "O4'" 1 
ATOM   275  C  "C3'" . G   A 1 13 ? 5.384   -10.022 25.434  1.00 110.47 ? 8   G   A "C3'" 1 
ATOM   276  O  "O3'" . G   A 1 13 ? 4.891   -10.735 26.555  1.00 108.06 ? 8   G   A "O3'" 1 
ATOM   277  C  "C2'" . G   A 1 13 ? 4.718   -10.417 24.117  1.00 108.25 ? 8   G   A "C2'" 1 
ATOM   278  O  "O2'" . G   A 1 13 ? 3.314   -10.584 24.286  1.00 102.85 ? 8   G   A "O2'" 1 
ATOM   279  C  "C1'" . G   A 1 13 ? 4.953   -9.167  23.267  1.00 104.25 ? 8   G   A "C1'" 1 
ATOM   280  N  N9    . G   A 1 13 ? 6.112   -9.300  22.358  1.00 97.47  ? 8   G   A N9    1 
ATOM   281  C  C8    . G   A 1 13 ? 7.362   -8.729  22.485  1.00 98.83  ? 8   G   A C8    1 
ATOM   282  N  N7    . G   A 1 13 ? 8.156   -9.008  21.479  1.00 96.58  ? 8   G   A N7    1 
ATOM   283  C  C5    . G   A 1 13 ? 7.382   -9.798  20.621  1.00 94.44  ? 8   G   A C5    1 
ATOM   284  C  C6    . G   A 1 13 ? 7.690   -10.411 19.360  1.00 92.01  ? 8   G   A C6    1 
ATOM   285  O  O6    . G   A 1 13 ? 8.752   -10.381 18.706  1.00 88.54  ? 8   G   A O6    1 
ATOM   286  N  N1    . G   A 1 13 ? 6.596   -11.120 18.854  1.00 86.27  ? 8   G   A N1    1 
ATOM   287  C  C2    . G   A 1 13 ? 5.368   -11.232 19.477  1.00 92.36  ? 8   G   A C2    1 
ATOM   288  N  N2    . G   A 1 13 ? 4.428   -11.965 18.845  1.00 90.03  ? 8   G   A N2    1 
ATOM   289  N  N3    . G   A 1 13 ? 5.076   -10.669 20.646  1.00 91.44  ? 8   G   A N3    1 
ATOM   290  C  C4    . G   A 1 13 ? 6.115   -9.971  21.153  1.00 92.58  ? 8   G   A C4    1 
ATOM   291  O  "O5'" . C   B 2 1  ? 5.982   -14.381 10.579  1.00 105.21 ? 2   C   B "O5'" 1 
ATOM   292  C  "C5'" . C   B 2 1  ? 4.996   -15.396 10.730  1.00 106.86 ? 2   C   B "C5'" 1 
ATOM   293  C  "C4'" . C   B 2 1  ? 4.231   -15.247 12.026  1.00 104.82 ? 2   C   B "C4'" 1 
ATOM   294  O  "O4'" . C   B 2 1  ? 5.108   -15.524 13.155  1.00 105.71 ? 2   C   B "O4'" 1 
ATOM   295  C  "C3'" . C   B 2 1  ? 3.701   -13.858 12.338  1.00 111.15 ? 2   C   B "C3'" 1 
ATOM   296  O  "O3'" . C   B 2 1  ? 2.540   -13.508 11.604  1.00 117.87 ? 2   C   B "O3'" 1 
ATOM   297  C  "C2'" . C   B 2 1  ? 3.494   -13.932 13.851  1.00 106.48 ? 2   C   B "C2'" 1 
ATOM   298  O  "O2'" . C   B 2 1  ? 2.359   -14.728 14.174  1.00 102.48 ? 2   C   B "O2'" 1 
ATOM   299  C  "C1'" . C   B 2 1  ? 4.742   -14.705 14.260  1.00 99.49  ? 2   C   B "C1'" 1 
ATOM   300  N  N1    . C   B 2 1  ? 5.886   -13.795 14.594  1.00 94.77  ? 2   C   B N1    1 
ATOM   301  C  C2    . C   B 2 1  ? 5.885   -13.122 15.835  1.00 92.35  ? 2   C   B C2    1 
ATOM   302  O  O2    . C   B 2 1  ? 4.921   -13.294 16.610  1.00 89.91  ? 2   C   B O2    1 
ATOM   303  N  N3    . C   B 2 1  ? 6.922   -12.297 16.160  1.00 86.77  ? 2   C   B N3    1 
ATOM   304  C  C4    . C   B 2 1  ? 7.940   -12.132 15.303  1.00 91.94  ? 2   C   B C4    1 
ATOM   305  N  N4    . C   B 2 1  ? 8.946   -11.312 15.645  1.00 90.31  ? 2   C   B N4    1 
ATOM   306  C  C5    . C   B 2 1  ? 7.972   -12.804 14.041  1.00 92.31  ? 2   C   B C5    1 
ATOM   307  C  C6    . C   B 2 1  ? 6.941   -13.611 13.732  1.00 94.04  ? 2   C   B C6    1 
ATOM   308  P  P     . G   B 2 2  ? 2.265   -11.968 11.216  1.00 116.36 ? 3   G   B P     1 
ATOM   309  O  OP1   . G   B 2 2  ? 1.153   -11.965 10.234  1.00 114.34 ? 3   G   B OP1   1 
ATOM   310  O  OP2   . G   B 2 2  ? 3.576   -11.369 10.817  1.00 100.15 ? 3   G   B OP2   1 
ATOM   311  O  "O5'" . G   B 2 2  ? 1.771   -11.339 12.606  1.00 105.39 ? 3   G   B "O5'" 1 
ATOM   312  C  "C5'" . G   B 2 2  ? 0.601   -11.833 13.249  1.00 103.84 ? 3   G   B "C5'" 1 
ATOM   313  C  "C4'" . G   B 2 2  ? 0.418   -11.245 14.629  1.00 106.46 ? 3   G   B "C4'" 1 
ATOM   314  O  "O4'" . G   B 2 2  ? 1.517   -11.638 15.491  1.00 109.19 ? 3   G   B "O4'" 1 
ATOM   315  C  "C3'" . G   B 2 2  ? 0.425   -9.729  14.734  1.00 113.58 ? 3   G   B "C3'" 1 
ATOM   316  O  "O3'" . G   B 2 2  ? -0.783  -9.118  14.307  1.00 124.41 ? 3   G   B "O3'" 1 
ATOM   317  C  "C2'" . G   B 2 2  ? 0.738   -9.522  16.213  1.00 107.84 ? 3   G   B "C2'" 1 
ATOM   318  O  "O2'" . G   B 2 2  ? -0.393  -9.831  17.021  1.00 102.88 ? 3   G   B "O2'" 1 
ATOM   319  C  "C1'" . G   B 2 2  ? 1.784   -10.606 16.427  1.00 101.92 ? 3   G   B "C1'" 1 
ATOM   320  N  N9    . G   B 2 2  ? 3.150   -10.100 16.196  1.00 95.13  ? 3   G   B N9    1 
ATOM   321  C  C8    . G   B 2 2  ? 3.970   -10.395 15.130  1.00 94.52  ? 3   G   B C8    1 
ATOM   322  N  N7    . G   B 2 2  ? 5.138   -9.804  15.197  1.00 91.91  ? 3   G   B N7    1 
ATOM   323  C  C5    . G   B 2 2  ? 5.085   -9.070  16.380  1.00 91.40  ? 3   G   B C5    1 
ATOM   324  C  C6    . G   B 2 2  ? 6.066   -8.222  16.976  1.00 93.01  ? 3   G   B C6    1 
ATOM   325  O  O6    . G   B 2 2  ? 7.206   -7.958  16.549  1.00 92.69  ? 3   G   B O6    1 
ATOM   326  N  N1    . G   B 2 2  ? 5.607   -7.668  18.181  1.00 91.04  ? 3   G   B N1    1 
ATOM   327  C  C2    . G   B 2 2  ? 4.359   -7.892  18.737  1.00 96.71  ? 3   G   B C2    1 
ATOM   328  N  N2    . G   B 2 2  ? 4.097   -7.256  19.899  1.00 93.27  ? 3   G   B N2    1 
ATOM   329  N  N3    . G   B 2 2  ? 3.434   -8.684  18.182  1.00 96.39  ? 3   G   B N3    1 
ATOM   330  C  C4    . G   B 2 2  ? 3.863   -9.240  17.014  1.00 94.94  ? 3   G   B C4    1 
ATOM   331  P  P     . G   B 2 3  ? -0.758  -7.643  13.647  1.00 124.60 ? 4   G   B P     1 
ATOM   332  O  OP1   . G   B 2 3  ? -2.146  -7.358  13.192  1.00 116.95 ? 4   G   B OP1   1 
ATOM   333  O  OP2   . G   B 2 3  ? 0.350   -7.622  12.647  1.00 98.97  ? 4   G   B OP2   1 
ATOM   334  O  "O5'" . G   B 2 3  ? -0.387  -6.702  14.880  1.00 108.77 ? 4   G   B "O5'" 1 
ATOM   335  C  "C5'" . G   B 2 3  ? -1.107  -6.788  16.098  1.00 109.75 ? 4   G   B "C5'" 1 
ATOM   336  C  "C4'" . G   B 2 3  ? -0.654  -5.744  17.078  1.00 109.20 ? 4   G   B "C4'" 1 
ATOM   337  O  "O4'" . G   B 2 3  ? 0.532   -6.199  17.787  1.00 112.29 ? 4   G   B "O4'" 1 
ATOM   338  C  "C3'" . G   B 2 3  ? -0.217  -4.427  16.481  1.00 110.40 ? 4   G   B "C3'" 1 
ATOM   339  O  "O3'" . G   B 2 3  ? -1.303  -3.613  16.081  1.00 118.47 ? 4   G   B "O3'" 1 
ATOM   340  C  "C2'" . G   B 2 3  ? 0.636   -3.846  17.602  1.00 106.66 ? 4   G   B "C2'" 1 
ATOM   341  O  "O2'" . G   B 2 3  ? -0.174  -3.418  18.686  1.00 107.45 ? 4   G   B "O2'" 1 
ATOM   342  C  "C1'" . G   B 2 3  ? 1.384   -5.097  18.041  1.00 104.60 ? 4   G   B "C1'" 1 
ATOM   343  N  N9    . G   B 2 3  ? 2.611   -5.273  17.256  1.00 99.04  ? 4   G   B N9    1 
ATOM   344  C  C8    . G   B 2 3  ? 2.750   -6.010  16.104  1.00 99.05  ? 4   G   B C8    1 
ATOM   345  N  N7    . G   B 2 3  ? 3.967   -5.951  15.615  1.00 96.70  ? 4   G   B N7    1 
ATOM   346  C  C5    . G   B 2 3  ? 4.655   -5.114  16.490  1.00 94.16  ? 4   G   B C5    1 
ATOM   347  C  C6    . G   B 2 3  ? 6.010   -4.680  16.467  1.00 95.43  ? 4   G   B C6    1 
ATOM   348  O  O6    . G   B 2 3  ? 6.899   -4.960  15.643  1.00 92.50  ? 4   G   B O6    1 
ATOM   349  N  N1    . G   B 2 3  ? 6.277   -3.835  17.550  1.00 97.14  ? 4   G   B N1    1 
ATOM   350  C  C2    . G   B 2 3  ? 5.365   -3.460  18.521  1.00 99.19  ? 4   G   B C2    1 
ATOM   351  N  N2    . G   B 2 3  ? 5.825   -2.635  19.480  1.00 96.58  ? 4   G   B N2    1 
ATOM   352  N  N3    . G   B 2 3  ? 4.097   -3.865  18.553  1.00 96.51  ? 4   G   B N3    1 
ATOM   353  C  C4    . G   B 2 3  ? 3.822   -4.681  17.510  1.00 96.46  ? 4   G   B C4    1 
ATOM   354  P  P     . U   B 2 4  ? -1.036  -2.216  15.335  1.00 120.63 ? 5   U   B P     1 
ATOM   355  O  OP1   . U   B 2 4  ? -2.349  -1.738  14.831  1.00 112.77 ? 5   U   B OP1   1 
ATOM   356  O  OP2   . U   B 2 4  ? 0.073   -2.430  14.360  1.00 103.06 ? 5   U   B OP2   1 
ATOM   357  O  "O5'" . U   B 2 4  ? -0.540  -1.286  16.531  1.00 112.90 ? 5   U   B "O5'" 1 
ATOM   358  C  "C5'" . U   B 2 4  ? -0.068  0.022   16.286  1.00 109.19 ? 5   U   B "C5'" 1 
ATOM   359  C  "C4'" . U   B 2 4  ? 0.978   0.430   17.286  1.00 107.29 ? 5   U   B "C4'" 1 
ATOM   360  O  "O4'" . U   B 2 4  ? 1.808   -0.710  17.629  1.00 108.54 ? 5   U   B "O4'" 1 
ATOM   361  C  "C3'" . U   B 2 4  ? 1.972   1.462   16.792  1.00 110.99 ? 5   U   B "C3'" 1 
ATOM   362  O  "O3'" . U   B 2 4  ? 1.465   2.776   16.833  1.00 118.26 ? 5   U   B "O3'" 1 
ATOM   363  C  "C2'" . U   B 2 4  ? 3.175   1.221   17.686  1.00 104.56 ? 5   U   B "C2'" 1 
ATOM   364  O  "O2'" . U   B 2 4  ? 2.940   1.723   18.994  1.00 105.72 ? 5   U   B "O2'" 1 
ATOM   365  C  "C1'" . U   B 2 4  ? 3.160   -0.301  17.746  1.00 104.32 ? 5   U   B "C1'" 1 
ATOM   366  N  N1    . U   B 2 4  ? 3.924   -0.899  16.627  1.00 100.38 ? 5   U   B N1    1 
ATOM   367  C  C2    . U   B 2 4  ? 5.282   -0.616  16.530  1.00 100.78 ? 5   U   B C2    1 
ATOM   368  O  O2    . U   B 2 4  ? 5.880   0.109   17.320  1.00 100.86 ? 5   U   B O2    1 
ATOM   369  N  N3    . U   B 2 4  ? 5.918   -1.213  15.460  1.00 96.54  ? 5   U   B N3    1 
ATOM   370  C  C4    . U   B 2 4  ? 5.348   -2.041  14.506  1.00 96.60  ? 5   U   B C4    1 
ATOM   371  O  O4    . U   B 2 4  ? 6.059   -2.498  13.608  1.00 98.90  ? 5   U   B O4    1 
ATOM   372  C  C5    . U   B 2 4  ? 3.944   -2.285  14.673  1.00 94.90  ? 5   U   B C5    1 
ATOM   373  C  C6    . U   B 2 4  ? 3.298   -1.716  15.702  1.00 100.55 ? 5   U   B C6    1 
ATOM   374  P  P     . G   B 2 5  ? 1.125   3.540   15.464  1.00 113.13 ? 6   G   B P     1 
ATOM   375  O  OP1   . G   B 2 5  ? -0.049  4.403   15.741  1.00 110.00 ? 6   G   B OP1   1 
ATOM   376  O  OP2   . G   B 2 5  ? 1.024   2.514   14.388  1.00 99.85  ? 6   G   B OP2   1 
ATOM   377  O  "O5'" . G   B 2 5  ? 2.425   4.428   15.241  1.00 99.90  ? 6   G   B "O5'" 1 
ATOM   378  C  "C5'" . G   B 2 5  ? 2.985   5.150   16.321  1.00 100.45 ? 6   G   B "C5'" 1 
ATOM   379  C  "C4'" . G   B 2 5  ? 4.486   5.171   16.260  1.00 97.15  ? 6   G   B "C4'" 1 
ATOM   380  O  "O4'" . G   B 2 5  ? 5.016   3.835   16.423  1.00 97.86  ? 6   G   B "O4'" 1 
ATOM   381  C  "C3'" . G   B 2 5  ? 5.093   5.623   14.955  1.00 97.75  ? 6   G   B "C3'" 1 
ATOM   382  O  "O3'" . G   B 2 5  ? 5.016   7.018   14.763  1.00 104.08 ? 6   G   B "O3'" 1 
ATOM   383  C  "C2'" . G   B 2 5  ? 6.513   5.088   15.068  1.00 95.08  ? 6   G   B "C2'" 1 
ATOM   384  O  "O2'" . G   B 2 5  ? 7.292   5.890   15.942  1.00 93.26  ? 6   G   B "O2'" 1 
ATOM   385  C  "C1'" . G   B 2 5  ? 6.257   3.744   15.747  1.00 96.46  ? 6   G   B "C1'" 1 
ATOM   386  N  N9    . G   B 2 5  ? 6.189   2.652   14.764  1.00 95.22  ? 6   G   B N9    1 
ATOM   387  C  C8    . G   B 2 5  ? 5.109   1.921   14.329  1.00 96.06  ? 6   G   B C8    1 
ATOM   388  N  N7    . G   B 2 5  ? 5.443   1.040   13.420  1.00 92.83  ? 6   G   B N7    1 
ATOM   389  C  C5    . G   B 2 5  ? 6.812   1.216   13.255  1.00 92.67  ? 6   G   B C5    1 
ATOM   390  C  C6    . G   B 2 5  ? 7.739   0.558   12.410  1.00 95.51  ? 6   G   B C6    1 
ATOM   391  O  O6    . G   B 2 5  ? 7.508   -0.359  11.614  1.00 96.53  ? 6   G   B O6    1 
ATOM   392  N  N1    . G   B 2 5  ? 9.035   1.058   12.556  1.00 90.16  ? 6   G   B N1    1 
ATOM   393  C  C2    . G   B 2 5  ? 9.388   2.062   13.413  1.00 89.74  ? 6   G   B C2    1 
ATOM   394  N  N2    . G   B 2 5  ? 10.676  2.408   13.422  1.00 90.11  ? 6   G   B N2    1 
ATOM   395  N  N3    . G   B 2 5  ? 8.540   2.686   14.206  1.00 91.05  ? 6   G   B N3    1 
ATOM   396  C  C4    . G   B 2 5  ? 7.283   2.210   14.073  1.00 92.70  ? 6   G   B C4    1 
ATOM   397  P  P     . A   B 2 6  ? 4.620   7.609   13.325  1.00 103.17 ? 7   A   B P     1 
ATOM   398  O  OP1   . A   B 2 6  ? 4.109   8.983   13.546  1.00 103.60 ? 7   A   B OP1   1 
ATOM   399  O  OP2   . A   B 2 6  ? 3.727   6.612   12.665  1.00 90.81  ? 7   A   B OP2   1 
ATOM   400  O  "O5'" . A   B 2 6  ? 6.029   7.670   12.583  1.00 95.53  ? 7   A   B "O5'" 1 
ATOM   401  C  "C5'" . A   B 2 6  ? 7.106   8.400   13.149  1.00 91.01  ? 7   A   B "C5'" 1 
ATOM   402  C  "C4'" . A   B 2 6  ? 8.437   7.827   12.744  1.00 94.46  ? 7   A   B "C4'" 1 
ATOM   403  O  "O4'" . A   B 2 6  ? 8.496   6.422   13.101  1.00 95.27  ? 7   A   B "O4'" 1 
ATOM   404  C  "C3'" . A   B 2 6  ? 8.738   7.833   11.256  1.00 91.31  ? 7   A   B "C3'" 1 
ATOM   405  O  "O3'" . A   B 2 6  ? 9.193   9.082   10.790  1.00 90.69  ? 7   A   B "O3'" 1 
ATOM   406  C  "C2'" . A   B 2 6  ? 9.765   6.724   11.121  1.00 92.76  ? 7   A   B "C2'" 1 
ATOM   407  O  "O2'" . A   B 2 6  ? 11.039  7.163   11.568  1.00 90.60  ? 7   A   B "O2'" 1 
ATOM   408  C  "C1'" . A   B 2 6  ? 9.227   5.711   12.123  1.00 93.48  ? 7   A   B "C1'" 1 
ATOM   409  N  N9    . A   B 2 6  ? 8.325   4.732   11.485  1.00 93.89  ? 7   A   B N9    1 
ATOM   410  C  C8    . A   B 2 6  ? 6.959   4.617   11.634  1.00 92.30  ? 7   A   B C8    1 
ATOM   411  N  N7    . A   B 2 6  ? 6.430   3.629   10.949  1.00 89.78  ? 7   A   B N7    1 
ATOM   412  C  C5    . A   B 2 6  ? 7.530   3.058   10.313  1.00 92.12  ? 7   A   B C5    1 
ATOM   413  C  C6    . A   B 2 6  ? 7.642   1.967   9.435   1.00 90.12  ? 7   A   B C6    1 
ATOM   414  N  N6    . A   B 2 6  ? 6.571   1.250   9.056   1.00 86.39  ? 7   A   B N6    1 
ATOM   415  N  N1    . A   B 2 6  ? 8.882   1.653   8.970   1.00 84.47  ? 7   A   B N1    1 
ATOM   416  C  C2    . A   B 2 6  ? 9.932   2.389   9.365   1.00 85.67  ? 7   A   B C2    1 
ATOM   417  N  N3    . A   B 2 6  ? 9.953   3.438   10.184  1.00 89.00  ? 7   A   B N3    1 
ATOM   418  C  C4    . A   B 2 6  ? 8.708   3.723   10.629  1.00 92.60  ? 7   A   B C4    1 
ATOM   419  P  P     . G   B 2 7  ? 8.568   9.706   9.453   1.00 103.19 ? 8   G   B P     1 
ATOM   420  O  OP1   . G   B 2 7  ? 9.185   11.041  9.267   1.00 100.22 ? 8   G   B OP1   1 
ATOM   421  O  OP2   . G   B 2 7  ? 7.078   9.604   9.571   1.00 83.29  ? 8   G   B OP2   1 
ATOM   422  O  "O5'" . G   B 2 7  ? 9.092   8.718   8.328   1.00 94.67  ? 8   G   B "O5'" 1 
ATOM   423  C  "C5'" . G   B 2 7  ? 10.478  8.483   8.159   1.00 89.35  ? 8   G   B "C5'" 1 
ATOM   424  C  "C4'" . G   B 2 7  ? 10.719  7.320   7.234   1.00 90.84  ? 8   G   B "C4'" 1 
ATOM   425  O  "O4'" . G   B 2 7  ? 10.154  6.119   7.813   1.00 91.35  ? 8   G   B "O4'" 1 
ATOM   426  C  "C3'" . G   B 2 7  ? 10.069  7.428   5.865   1.00 85.79  ? 8   G   B "C3'" 1 
ATOM   427  O  "O3'" . G   B 2 7  ? 10.865  8.164   4.949   1.00 87.46  ? 8   G   B "O3'" 1 
ATOM   428  C  "C2'" . G   B 2 7  ? 9.869   5.975   5.461   1.00 88.84  ? 8   G   B "C2'" 1 
ATOM   429  O  "O2'" . G   B 2 7  ? 11.076  5.434   4.941   1.00 90.19  ? 8   G   B "O2'" 1 
ATOM   430  C  "C1'" . G   B 2 7  ? 9.597   5.309   6.807   1.00 87.43  ? 8   G   B "C1'" 1 
ATOM   431  N  N9    . G   B 2 7  ? 8.162   5.135   7.092   1.00 85.99  ? 8   G   B N9    1 
ATOM   432  C  C8    . G   B 2 7  ? 7.382   5.973   7.852   1.00 85.91  ? 8   G   B C8    1 
ATOM   433  N  N7    . G   B 2 7  ? 6.154   5.547   7.996   1.00 84.04  ? 8   G   B N7    1 
ATOM   434  C  C5    . G   B 2 7  ? 6.128   4.347   7.308   1.00 80.97  ? 8   G   B C5    1 
ATOM   435  C  C6    . G   B 2 7  ? 5.066   3.431   7.115   1.00 79.70  ? 8   G   B C6    1 
ATOM   436  O  O6    . G   B 2 7  ? 3.906   3.491   7.520   1.00 84.76  ? 8   G   B O6    1 
ATOM   437  N  N1    . G   B 2 7  ? 5.441   2.334   6.356   1.00 77.96  ? 8   G   B N1    1 
ATOM   438  C  C2    . G   B 2 7  ? 6.694   2.132   5.841   1.00 80.04  ? 8   G   B C2    1 
ATOM   439  N  N2    . G   B 2 7  ? 6.819   0.988   5.137   1.00 79.71  ? 8   G   B N2    1 
ATOM   440  N  N3    . G   B 2 7  ? 7.713   2.978   6.014   1.00 80.43  ? 8   G   B N3    1 
ATOM   441  C  C4    . G   B 2 7  ? 7.362   4.061   6.755   1.00 83.49  ? 8   G   B C4    1 
ATOM   442  P  P     . A   B 2 8  ? 10.320  8.464   3.473   1.00 93.81  ? 9   A   B P     1 
ATOM   443  O  OP1   . A   B 2 8  ? 10.748  9.840   3.114   1.00 82.80  ? 9   A   B OP1   1 
ATOM   444  O  OP2   . A   B 2 8  ? 8.856   8.133   3.480   1.00 82.01  ? 9   A   B OP2   1 
ATOM   445  O  "O5'" . A   B 2 8  ? 11.109  7.415   2.587   1.00 85.11  ? 9   A   B "O5'" 1 
ATOM   446  C  "C5'" . A   B 2 8  ? 12.516  7.423   2.531   1.00 81.13  ? 9   A   B "C5'" 1 
ATOM   447  C  "C4'" . A   B 2 8  ? 13.022  6.300   1.669   1.00 83.74  ? 9   A   B "C4'" 1 
ATOM   448  O  "O4'" . A   B 2 8  ? 12.644  5.039   2.258   1.00 85.20  ? 9   A   B "O4'" 1 
ATOM   449  C  "C3'" . A   B 2 8  ? 12.455  6.238   0.259   1.00 81.51  ? 9   A   B "C3'" 1 
ATOM   450  O  "O3'" . A   B 2 8  ? 13.140  7.085   -0.640  1.00 81.92  ? 9   A   B "O3'" 1 
ATOM   451  C  "C2'" . A   B 2 8  ? 12.568  4.763   -0.094  1.00 85.16  ? 9   A   B "C2'" 1 
ATOM   452  O  "O2'" . A   B 2 8  ? 13.898  4.438   -0.482  1.00 84.01  ? 9   A   B "O2'" 1 
ATOM   453  C  "C1'" . A   B 2 8  ? 12.300  4.112   1.253   1.00 84.11  ? 9   A   B "C1'" 1 
ATOM   454  N  N9    . A   B 2 8  ? 10.891  3.737   1.440   1.00 80.57  ? 9   A   B N9    1 
ATOM   455  C  C8    . A   B 2 8  ? 10.002  4.357   2.271   1.00 80.14  ? 9   A   B C8    1 
ATOM   456  N  N7    . A   B 2 8  ? 8.822   3.800   2.305   1.00 77.69  ? 9   A   B N7    1 
ATOM   457  C  C5    . A   B 2 8  ? 8.946   2.721   1.456   1.00 78.20  ? 9   A   B C5    1 
ATOM   458  C  C6    . A   B 2 8  ? 8.032   1.728   1.083   1.00 73.93  ? 9   A   B C6    1 
ATOM   459  N  N6    . A   B 2 8  ? 6.779   1.671   1.526   1.00 70.87  ? 9   A   B N6    1 
ATOM   460  N  N1    . A   B 2 8  ? 8.462   0.788   0.227   1.00 73.44  ? 9   A   B N1    1 
ATOM   461  C  C2    . A   B 2 8  ? 9.728   0.866   -0.209  1.00 77.75  ? 9   A   B C2    1 
ATOM   462  N  N3    . A   B 2 8  ? 10.691  1.744   0.072   1.00 81.29  ? 9   A   B N3    1 
ATOM   463  C  C4    . A   B 2 8  ? 10.223  2.660   0.927   1.00 81.43  ? 9   A   B C4    1 
ATOM   464  P  P     . A   B 2 9  ? 12.311  8.051   -1.607  1.00 91.94  ? 10  A   B P     1 
ATOM   465  O  OP1   . A   B 2 9  ? 13.277  9.019   -2.190  1.00 90.46  ? 10  A   B OP1   1 
ATOM   466  O  OP2   . A   B 2 9  ? 11.155  8.572   -0.824  1.00 81.51  ? 10  A   B OP2   1 
ATOM   467  O  "O5'" . A   B 2 9  ? 11.797  7.052   -2.730  1.00 84.40  ? 10  A   B "O5'" 1 
ATOM   468  C  "C5'" . A   B 2 9  ? 12.688  6.157   -3.379  1.00 75.89  ? 10  A   B "C5'" 1 
ATOM   469  C  "C4'" . A   B 2 9  ? 11.929  5.147   -4.199  1.00 73.67  ? 10  A   B "C4'" 1 
ATOM   470  O  "O4'" . A   B 2 9  ? 11.387  4.132   -3.325  1.00 75.80  ? 10  A   B "O4'" 1 
ATOM   471  C  "C3'" . A   B 2 9  ? 10.720  5.687   -4.946  1.00 73.45  ? 10  A   B "C3'" 1 
ATOM   472  O  "O3'" . A   B 2 9  ? 11.057  6.262   -6.191  1.00 73.14  ? 10  A   B "O3'" 1 
ATOM   473  C  "C2'" . A   B 2 9  ? 9.813   4.471   -5.064  1.00 71.60  ? 10  A   B "C2'" 1 
ATOM   474  O  "O2'" . A   B 2 9  ? 10.216  3.647   -6.142  1.00 72.97  ? 10  A   B "O2'" 1 
ATOM   475  C  "C1'" . A   B 2 9  ? 10.111  3.738   -3.761  1.00 71.46  ? 10  A   B "C1'" 1 
ATOM   476  N  N9    . A   B 2 9  ? 9.140   4.070   -2.707  1.00 75.50  ? 10  A   B N9    1 
ATOM   477  C  C8    . A   B 2 9  ? 9.239   5.032   -1.731  1.00 78.08  ? 10  A   B C8    1 
ATOM   478  N  N7    . A   B 2 9  ? 8.198   5.086   -0.928  1.00 75.68  ? 10  A   B N7    1 
ATOM   479  C  C5    . A   B 2 9  ? 7.378   4.085   -1.410  1.00 72.53  ? 10  A   B C5    1 
ATOM   480  C  C6    . A   B 2 9  ? 6.122   3.633   -0.994  1.00 70.36  ? 10  A   B C6    1 
ATOM   481  N  N6    . A   B 2 9  ? 5.478   4.154   0.042   1.00 69.63  ? 10  A   B N6    1 
ATOM   482  N  N1    . A   B 2 9  ? 5.558   2.614   -1.679  1.00 68.82  ? 10  A   B N1    1 
ATOM   483  C  C2    . A   B 2 9  ? 6.236   2.090   -2.718  1.00 68.33  ? 10  A   B C2    1 
ATOM   484  N  N3    . A   B 2 9  ? 7.424   2.434   -3.215  1.00 69.00  ? 10  A   B N3    1 
ATOM   485  C  C4    . A   B 2 9  ? 7.943   3.447   -2.500  1.00 72.30  ? 10  A   B C4    1 
ATOM   486  P  P     . G   B 2 10 ? 10.150  7.427   -6.815  1.00 79.49  ? 11  G   B P     1 
ATOM   487  O  OP1   . G   B 2 10 ? 10.705  7.742   -8.158  1.00 77.38  ? 11  G   B OP1   1 
ATOM   488  O  OP2   . G   B 2 10 ? 10.072  8.510   -5.797  1.00 72.95  ? 11  G   B OP2   1 
ATOM   489  O  "O5'" . G   B 2 10 ? 8.734   6.723   -6.973  1.00 72.22  ? 11  G   B "O5'" 1 
ATOM   490  C  "C5'" . G   B 2 10 ? 8.461   5.866   -8.069  1.00 68.73  ? 11  G   B "C5'" 1 
ATOM   491  C  "C4'" . G   B 2 10 ? 7.090   5.252   -7.953  1.00 69.29  ? 11  G   B "C4'" 1 
ATOM   492  O  "O4'" . G   B 2 10 ? 6.991   4.543   -6.690  1.00 66.92  ? 11  G   B "O4'" 1 
ATOM   493  C  "C3'" . G   B 2 10 ? 5.927   6.236   -7.912  1.00 69.46  ? 11  G   B "C3'" 1 
ATOM   494  O  "O3'" . G   B 2 10 ? 5.512   6.683   -9.190  1.00 70.57  ? 11  G   B "O3'" 1 
ATOM   495  C  "C2'" . G   B 2 10 ? 4.859   5.462   -7.161  1.00 67.16  ? 11  G   B "C2'" 1 
ATOM   496  O  "O2'" . G   B 2 10 ? 4.252   4.492   -8.004  1.00 65.73  ? 11  G   B "O2'" 1 
ATOM   497  C  "C1'" . G   B 2 10 ? 5.711   4.742   -6.126  1.00 68.05  ? 11  G   B "C1'" 1 
ATOM   498  N  N9    . G   B 2 10 ? 5.862   5.539   -4.891  1.00 67.12  ? 11  G   B N9    1 
ATOM   499  C  C8    . G   B 2 10 ? 6.936   6.299   -4.504  1.00 67.58  ? 11  G   B C8    1 
ATOM   500  N  N7    . G   B 2 10 ? 6.757   6.873   -3.341  1.00 70.27  ? 11  G   B N7    1 
ATOM   501  C  C5    . G   B 2 10 ? 5.489   6.465   -2.929  1.00 67.26  ? 11  G   B C5    1 
ATOM   502  C  C6    . G   B 2 10 ? 4.739   6.765   -1.753  1.00 68.81  ? 11  G   B C6    1 
ATOM   503  O  O6    . G   B 2 10 ? 5.057   7.478   -0.785  1.00 69.89  ? 11  G   B O6    1 
ATOM   504  N  N1    . G   B 2 10 ? 3.495   6.139   -1.762  1.00 62.72  ? 11  G   B N1    1 
ATOM   505  C  C2    . G   B 2 10 ? 3.039   5.319   -2.764  1.00 63.15  ? 11  G   B C2    1 
ATOM   506  N  N2    . G   B 2 10 ? 1.817   4.782   -2.599  1.00 59.03  ? 11  G   B N2    1 
ATOM   507  N  N3    . G   B 2 10 ? 3.725   5.038   -3.856  1.00 62.03  ? 11  G   B N3    1 
ATOM   508  C  C4    . G   B 2 10 ? 4.927   5.642   -3.878  1.00 64.78  ? 11  G   B C4    1 
ATOM   509  P  P     . G   B 2 11 ? 4.747   8.093   -9.337  1.00 73.56  ? 12  G   B P     1 
ATOM   510  O  OP1   . G   B 2 11 ? 4.633   8.381   -10.782 1.00 70.22  ? 12  G   B OP1   1 
ATOM   511  O  OP2   . G   B 2 11 ? 5.463   9.061   -8.460  1.00 67.00  ? 12  G   B OP2   1 
ATOM   512  O  "O5'" . G   B 2 11 ? 3.302   7.787   -8.747  1.00 66.54  ? 12  G   B "O5'" 1 
ATOM   513  C  "C5'" . G   B 2 11 ? 2.384   6.994   -9.481  1.00 69.21  ? 12  G   B "C5'" 1 
ATOM   514  C  "C4'" . G   B 2 11 ? 1.136   6.715   -8.691  1.00 64.04  ? 12  G   B "C4'" 1 
ATOM   515  O  "O4'" . G   B 2 11 ? 1.487   6.150   -7.406  1.00 65.95  ? 12  G   B "O4'" 1 
ATOM   516  C  "C3'" . G   B 2 11 ? 0.307   7.924   -8.326  1.00 67.91  ? 12  G   B "C3'" 1 
ATOM   517  O  "O3'" . G   B 2 11 ? -0.497  8.379   -9.392  1.00 78.70  ? 12  G   B "O3'" 1 
ATOM   518  C  "C2'" . G   B 2 11 ? -0.482  7.413   -7.128  1.00 69.50  ? 12  G   B "C2'" 1 
ATOM   519  O  "O2'" . G   B 2 11 ? -1.505  6.508   -7.536  1.00 68.35  ? 12  G   B "O2'" 1 
ATOM   520  C  "C1'" . G   B 2 11 ? 0.593   6.616   -6.419  1.00 63.47  ? 12  G   B "C1'" 1 
ATOM   521  N  N9    . G   B 2 11 ? 1.349   7.437   -5.460  1.00 59.43  ? 12  G   B N9    1 
ATOM   522  C  C8    . G   B 2 11 ? 2.614   7.940   -5.578  1.00 63.13  ? 12  G   B C8    1 
ATOM   523  N  N7    . G   B 2 11 ? 2.992   8.603   -4.516  1.00 65.29  ? 12  G   B N7    1 
ATOM   524  C  C5    . G   B 2 11 ? 1.914   8.514   -3.653  1.00 58.55  ? 12  G   B C5    1 
ATOM   525  C  C6    . G   B 2 11 ? 1.716   9.033   -2.352  1.00 61.24  ? 12  G   B C6    1 
ATOM   526  O  O6    . G   B 2 11 ? 2.479   9.705   -1.653  1.00 64.49  ? 12  G   B O6    1 
ATOM   527  N  N1    . G   B 2 11 ? 0.464   8.714   -1.856  1.00 62.64  ? 12  G   B N1    1 
ATOM   528  C  C2    . G   B 2 11 ? -0.484  7.981   -2.520  1.00 65.15  ? 12  G   B C2    1 
ATOM   529  N  N2    . G   B 2 11 ? -1.643  7.765   -1.877  1.00 62.19  ? 12  G   B N2    1 
ATOM   530  N  N3    . G   B 2 11 ? -0.309  7.495   -3.736  1.00 65.79  ? 12  G   B N3    1 
ATOM   531  C  C4    . G   B 2 11 ? 0.903   7.802   -4.228  1.00 59.10  ? 12  G   B C4    1 
ATOM   532  P  P     . G   B 2 12 ? -0.851  9.937   -9.533  1.00 76.87  ? 13  G   B P     1 
ATOM   533  O  OP1   . G   B 2 12 ? -1.695  10.064  -10.744 1.00 73.36  ? 13  G   B OP1   1 
ATOM   534  O  OP2   . G   B 2 12 ? 0.436   10.696  -9.461  1.00 58.20  ? 13  G   B OP2   1 
ATOM   535  O  "O5'" . G   B 2 12 ? -1.734  10.211  -8.239  1.00 66.88  ? 13  G   B "O5'" 1 
ATOM   536  C  "C5'" . G   B 2 12 ? -2.980  9.548   -8.071  1.00 70.96  ? 13  G   B "C5'" 1 
ATOM   537  C  "C4'" . G   B 2 12 ? -3.595  9.840   -6.727  1.00 73.44  ? 13  G   B "C4'" 1 
ATOM   538  O  "O4'" . G   B 2 12 ? -2.683  9.444   -5.676  1.00 74.58  ? 13  G   B "O4'" 1 
ATOM   539  C  "C3'" . G   B 2 12 ? -3.881  11.300  -6.425  1.00 76.07  ? 13  G   B "C3'" 1 
ATOM   540  O  "O3'" . G   B 2 12 ? -5.081  11.760  -7.027  1.00 82.31  ? 13  G   B "O3'" 1 
ATOM   541  C  "C2'" . G   B 2 12 ? -3.904  11.325  -4.897  1.00 72.44  ? 13  G   B "C2'" 1 
ATOM   542  O  "O2'" . G   B 2 12 ? -5.143  10.842  -4.398  1.00 73.91  ? 13  G   B "O2'" 1 
ATOM   543  C  "C1'" . G   B 2 12 ? -2.828  10.300  -4.565  1.00 68.94  ? 13  G   B "C1'" 1 
ATOM   544  N  N9    . G   B 2 12 ? -1.533  10.927  -4.280  1.00 62.46  ? 13  G   B N9    1 
ATOM   545  C  C8    . G   B 2 12 ? -0.401  11.003  -5.046  1.00 65.24  ? 13  G   B C8    1 
ATOM   546  N  N7    . G   B 2 12 ? 0.576   11.639  -4.439  1.00 64.94  ? 13  G   B N7    1 
ATOM   547  C  C5    . G   B 2 12 ? 0.034   11.993  -3.210  1.00 61.67  ? 13  G   B C5    1 
ATOM   548  C  C6    . G   B 2 12 ? 0.593   12.695  -2.118  1.00 63.52  ? 13  G   B C6    1 
ATOM   549  O  O6    . G   B 2 12 ? 1.730   13.166  -1.995  1.00 68.73  ? 13  G   B O6    1 
ATOM   550  N  N1    . G   B 2 12 ? -0.314  12.820  -1.076  1.00 64.77  ? 13  G   B N1    1 
ATOM   551  C  C2    . G   B 2 12 ? -1.599  12.332  -1.077  1.00 64.75  ? 13  G   B C2    1 
ATOM   552  N  N2    . G   B 2 12 ? -2.315  12.558  0.031   1.00 62.20  ? 13  G   B N2    1 
ATOM   553  N  N3    . G   B 2 12 ? -2.142  11.676  -2.089  1.00 63.61  ? 13  G   B N3    1 
ATOM   554  C  C4    . G   B 2 12 ? -1.261  11.551  -3.102  1.00 64.19  ? 13  G   B C4    1 
HETATM 555  P  P     . S9L B 2 13 ? -5.179  13.189  -7.750  1.00 82.13  ? 14  S9L B P     1 
HETATM 556  O  O1P   . S9L B 2 13 ? -3.955  13.443  -8.758  1.00 71.78  ? 14  S9L B O1P   1 
HETATM 557  O  O2P   . S9L B 2 13 ? -6.714  13.329  -8.188  1.00 78.43  ? 14  S9L B O2P   1 
HETATM 558  O  "O5'" . S9L B 2 13 ? -4.570  14.176  -6.663  1.00 81.09  ? 14  S9L B "O5'" 1 
HETATM 559  C  C12   . S9L B 2 13 ? -5.438  14.504  -5.647  1.00 87.23  ? 14  S9L B C12   1 
HETATM 560  C  C22   . S9L B 2 13 ? -6.669  13.658  -5.538  1.00 85.81  ? 14  S9L B C22   1 
HETATM 561  O  OH3   . S9L B 2 13 ? -7.473  13.800  -4.426  1.00 96.14  ? 14  S9L B OH3   1 
HETATM 562  C  C13   . S9L B 2 13 ? -8.677  15.920  -4.934  1.00 99.31  ? 14  S9L B C13   1 
HETATM 563  C  C23   . S9L B 2 13 ? -7.861  15.063  -4.015  1.00 100.45 ? 14  S9L B C23   1 
HETATM 564  O  OH4   . S9L B 2 13 ? -9.012  17.185  -4.469  1.00 107.60 ? 14  S9L B OH4   1 
HETATM 565  C  C14   . S9L B 2 13 ? -11.444 16.944  -3.936  1.00 92.06  ? 14  S9L B C14   1 
HETATM 566  C  C24   . S9L B 2 13 ? -10.303 17.692  -4.557  1.00 99.08  ? 14  S9L B C24   1 
HETATM 567  O  "O3'" . S9L B 2 13 ? -11.474 16.752  -2.566  1.00 85.38  ? 14  S9L B "O3'" 1 
ATOM   568  P  P     . G   B 2 14 ? -12.134 15.358  -2.110  1.00 88.80  ? 15  G   B P     1 
ATOM   569  O  OP1   . G   B 2 14 ? -11.035 14.385  -1.793  1.00 84.56  ? 15  G   B OP1   1 
ATOM   570  O  OP2   . G   B 2 14 ? -13.112 15.027  -3.173  1.00 79.38  ? 15  G   B OP2   1 
ATOM   571  O  "O5'" . G   B 2 14 ? -12.889 15.810  -0.774  1.00 79.96  ? 15  G   B "O5'" 1 
ATOM   572  C  "C5'" . G   B 2 14 ? -12.283 16.710  0.146   1.00 73.20  ? 15  G   B "C5'" 1 
ATOM   573  C  "C4'" . G   B 2 14 ? -13.024 16.734  1.456   1.00 73.86  ? 15  G   B "C4'" 1 
ATOM   574  O  "O4'" . G   B 2 14 ? -14.326 17.351  1.267   1.00 80.68  ? 15  G   B "O4'" 1 
ATOM   575  C  "C3'" . G   B 2 14 ? -13.325 15.377  2.077   1.00 71.08  ? 15  G   B "C3'" 1 
ATOM   576  O  "O3'" . G   B 2 14 ? -12.248 14.896  2.861   1.00 67.06  ? 15  G   B "O3'" 1 
ATOM   577  C  "C2'" . G   B 2 14 ? -14.590 15.648  2.889   1.00 72.59  ? 15  G   B "C2'" 1 
ATOM   578  O  "O2'" . G   B 2 14 ? -14.267 16.281  4.117   1.00 71.92  ? 15  G   B "O2'" 1 
ATOM   579  C  "C1'" . G   B 2 14 ? -15.305 16.669  2.011   1.00 71.92  ? 15  G   B "C1'" 1 
ATOM   580  N  N9    . G   B 2 14 ? -16.258 16.040  1.071   1.00 72.15  ? 15  G   B N9    1 
ATOM   581  C  C8    . G   B 2 14 ? -16.114 15.790  -0.278  1.00 73.55  ? 15  G   B C8    1 
ATOM   582  N  N7    . G   B 2 14 ? -17.153 15.228  -0.840  1.00 72.82  ? 15  G   B N7    1 
ATOM   583  C  C5    . G   B 2 14 ? -18.056 15.104  0.215   1.00 76.32  ? 15  G   B C5    1 
ATOM   584  C  C6    . G   B 2 14 ? -19.371 14.569  0.259   1.00 73.10  ? 15  G   B C6    1 
ATOM   585  O  O6    . G   B 2 14 ? -20.037 14.082  -0.657  1.00 73.58  ? 15  G   B O6    1 
ATOM   586  N  N1    . G   B 2 14 ? -19.911 14.646  1.533   1.00 71.54  ? 15  G   B N1    1 
ATOM   587  C  C2    . G   B 2 14 ? -19.278 15.171  2.634   1.00 75.18  ? 15  G   B C2    1 
ATOM   588  N  N2    . G   B 2 14 ? -19.942 15.173  3.799   1.00 76.90  ? 15  G   B N2    1 
ATOM   589  N  N3    . G   B 2 14 ? -18.059 15.664  2.616   1.00 77.02  ? 15  G   B N3    1 
ATOM   590  C  C4    . G   B 2 14 ? -17.516 15.605  1.385   1.00 74.99  ? 15  G   B C4    1 
ATOM   591  P  P     . G   B 2 15 ? -12.028 13.321  3.091   1.00 73.00  ? 16  G   B P     1 
ATOM   592  O  OP1   . G   B 2 15 ? -10.664 13.160  3.626   1.00 82.18  ? 16  G   B OP1   1 
ATOM   593  O  OP2   . G   B 2 15 ? -12.399 12.622  1.835   1.00 63.54  ? 16  G   B OP2   1 
ATOM   594  O  "O5'" . G   B 2 15 ? -13.075 12.970  4.217   1.00 74.09  ? 16  G   B "O5'" 1 
ATOM   595  C  "C5'" . G   B 2 15 ? -12.975 13.526  5.510   1.00 69.20  ? 16  G   B "C5'" 1 
ATOM   596  C  "C4'" . G   B 2 15 ? -14.119 13.058  6.350   1.00 71.62  ? 16  G   B "C4'" 1 
ATOM   597  O  "O4'" . G   B 2 15 ? -15.337 13.707  5.893   1.00 72.12  ? 16  G   B "O4'" 1 
ATOM   598  C  "C3'" . G   B 2 15 ? -14.426 11.577  6.230   1.00 75.34  ? 16  G   B "C3'" 1 
ATOM   599  O  "O3'" . G   B 2 15 ? -13.632 10.766  7.065   1.00 74.39  ? 16  G   B "O3'" 1 
ATOM   600  C  "C2'" . G   B 2 15 ? -15.905 11.502  6.542   1.00 73.56  ? 16  G   B "C2'" 1 
ATOM   601  O  "O2'" . G   B 2 15 ? -16.122 11.587  7.943   1.00 74.13  ? 16  G   B "O2'" 1 
ATOM   602  C  "C1'" . G   B 2 15 ? -16.403 12.784  5.885   1.00 75.37  ? 16  G   B "C1'" 1 
ATOM   603  N  N9    . G   B 2 15 ? -16.812 12.555  4.484   1.00 75.26  ? 16  G   B N9    1 
ATOM   604  C  C8    . G   B 2 15 ? -16.066 12.760  3.355   1.00 73.90  ? 16  G   B C8    1 
ATOM   605  N  N7    . G   B 2 15 ? -16.715 12.461  2.257   1.00 76.81  ? 16  G   B N7    1 
ATOM   606  C  C5    . G   B 2 15 ? -17.964 12.046  2.680   1.00 74.78  ? 16  G   B C5    1 
ATOM   607  C  C6    . G   B 2 15 ? -19.094 11.600  1.940   1.00 77.95  ? 16  G   B C6    1 
ATOM   608  O  O6    . G   B 2 15 ? -19.226 11.479  0.717   1.00 79.25  ? 16  G   B O6    1 
ATOM   609  N  N1    . G   B 2 15 ? -20.154 11.262  2.778   1.00 77.47  ? 16  G   B N1    1 
ATOM   610  C  C2    . G   B 2 15 ? -20.129 11.354  4.150   1.00 75.82  ? 16  G   B C2    1 
ATOM   611  N  N2    . G   B 2 15 ? -21.251 10.990  4.783   1.00 75.57  ? 16  G   B N2    1 
ATOM   612  N  N3    . G   B 2 15 ? -19.090 11.780  4.852   1.00 74.09  ? 16  G   B N3    1 
ATOM   613  C  C4    . G   B 2 15 ? -18.042 12.099  4.056   1.00 76.22  ? 16  G   B C4    1 
ATOM   614  P  P     . C   B 2 16 ? -13.252 9.288   6.581   1.00 75.01  ? 17  C   B P     1 
ATOM   615  O  OP1   . C   B 2 16 ? -12.264 8.764   7.550   1.00 70.04  ? 17  C   B OP1   1 
ATOM   616  O  OP2   . C   B 2 16 ? -12.887 9.397   5.137   1.00 69.34  ? 17  C   B OP2   1 
ATOM   617  O  "O5'" . C   B 2 16 ? -14.616 8.480   6.722   1.00 75.20  ? 17  C   B "O5'" 1 
ATOM   618  C  "C5'" . C   B 2 16 ? -15.164 8.181   7.993   1.00 74.09  ? 17  C   B "C5'" 1 
ATOM   619  C  "C4'" . C   B 2 16 ? -16.541 7.596   7.859   1.00 73.94  ? 17  C   B "C4'" 1 
ATOM   620  O  "O4'" . C   B 2 16 ? -17.399 8.527   7.148   1.00 76.87  ? 17  C   B "O4'" 1 
ATOM   621  C  "C3'" . C   B 2 16 ? -16.641 6.332   7.027   1.00 72.62  ? 17  C   B "C3'" 1 
ATOM   622  O  "O3'" . C   B 2 16 ? -16.232 5.177   7.716   1.00 77.54  ? 17  C   B "O3'" 1 
ATOM   623  C  "C2'" . C   B 2 16 ? -18.108 6.328   6.637   1.00 75.72  ? 17  C   B "C2'" 1 
ATOM   624  O  "O2'" . C   B 2 16 ? -18.927 5.981   7.750   1.00 72.01  ? 17  C   B "O2'" 1 
ATOM   625  C  "C1'" . C   B 2 16 ? -18.309 7.810   6.333   1.00 75.97  ? 17  C   B "C1'" 1 
ATOM   626  N  N1    . C   B 2 16 ? -18.007 8.110   4.926   1.00 73.97  ? 17  C   B N1    1 
ATOM   627  C  C2    . C   B 2 16 ? -18.966 7.825   3.953   1.00 76.42  ? 17  C   B C2    1 
ATOM   628  O  O2    . C   B 2 16 ? -20.046 7.341   4.308   1.00 80.13  ? 17  C   B O2    1 
ATOM   629  N  N3    . C   B 2 16 ? -18.697 8.075   2.652   1.00 78.71  ? 17  C   B N3    1 
ATOM   630  C  C4    . C   B 2 16 ? -17.513 8.586   2.315   1.00 75.11  ? 17  C   B C4    1 
ATOM   631  N  N4    . C   B 2 16 ? -17.276 8.824   1.027   1.00 73.86  ? 17  C   B N4    1 
ATOM   632  C  C5    . C   B 2 16 ? -16.524 8.888   3.289   1.00 73.53  ? 17  C   B C5    1 
ATOM   633  C  C6    . C   B 2 16 ? -16.801 8.630   4.572   1.00 74.44  ? 17  C   B C6    1 
ATOM   634  P  P     . A   B 2 17 ? -15.534 3.973   6.915   1.00 82.47  ? 18  A   B P     1 
ATOM   635  O  OP1   . A   B 2 17 ? -15.123 2.969   7.928   1.00 75.43  ? 18  A   B OP1   1 
ATOM   636  O  OP2   . A   B 2 17 ? -14.505 4.566   6.031   1.00 74.37  ? 18  A   B OP2   1 
ATOM   637  O  "O5'" . A   B 2 17 ? -16.719 3.399   6.031   1.00 79.84  ? 18  A   B "O5'" 1 
ATOM   638  C  "C5'" . A   B 2 17 ? -17.825 2.763   6.635   1.00 75.34  ? 18  A   B "C5'" 1 
ATOM   639  C  "C4'" . A   B 2 17 ? -18.837 2.353   5.611   1.00 75.80  ? 18  A   B "C4'" 1 
ATOM   640  O  "O4'" . A   B 2 17 ? -19.373 3.525   4.945   1.00 77.61  ? 18  A   B "O4'" 1 
ATOM   641  C  "C3'" . A   B 2 17 ? -18.318 1.514   4.468   1.00 76.81  ? 18  A   B "C3'" 1 
ATOM   642  O  "O3'" . A   B 2 17 ? -18.108 0.171   4.825   1.00 82.88  ? 18  A   B "O3'" 1 
ATOM   643  C  "C2'" . A   B 2 17 ? -19.409 1.706   3.432   1.00 82.20  ? 18  A   B "C2'" 1 
ATOM   644  O  "O2'" . A   B 2 17 ? -20.574 0.969   3.789   1.00 83.54  ? 18  A   B "O2'" 1 
ATOM   645  C  "C1'" . A   B 2 17 ? -19.703 3.193   3.615   1.00 75.04  ? 18  A   B "C1'" 1 
ATOM   646  N  N9    . A   B 2 17 ? -18.877 4.003   2.724   1.00 77.16  ? 18  A   B N9    1 
ATOM   647  C  C8    . A   B 2 17 ? -17.751 4.738   2.998   1.00 74.70  ? 18  A   B C8    1 
ATOM   648  N  N7    . A   B 2 17 ? -17.261 5.318   1.925   1.00 73.04  ? 18  A   B N7    1 
ATOM   649  C  C5    . A   B 2 17 ? -18.108 4.920   0.892   1.00 74.76  ? 18  A   B C5    1 
ATOM   650  C  C6    . A   B 2 17 ? -18.142 5.184   -0.488  1.00 73.86  ? 18  A   B C6    1 
ATOM   651  N  N6    . A   B 2 17 ? -17.272 5.955   -1.129  1.00 74.51  ? 18  A   B N6    1 
ATOM   652  N  N1    . A   B 2 17 ? -19.127 4.624   -1.209  1.00 75.81  ? 18  A   B N1    1 
ATOM   653  C  C2    . A   B 2 17 ? -20.022 3.843   -0.582  1.00 79.88  ? 18  A   B C2    1 
ATOM   654  N  N3    . A   B 2 17 ? -20.111 3.510   0.708   1.00 77.63  ? 18  A   B N3    1 
ATOM   655  C  C4    . A   B 2 17 ? -19.108 4.100   1.385   1.00 79.26  ? 18  A   B C4    1 
ATOM   656  P  P     . G   B 2 18 ? -17.057 -0.729  4.011   1.00 93.99  ? 19  G   B P     1 
ATOM   657  O  OP1   . G   B 2 18 ? -17.079 -2.077  4.640   1.00 81.69  ? 19  G   B OP1   1 
ATOM   658  O  OP2   . G   B 2 18 ? -15.766 0.022   3.960   1.00 81.53  ? 19  G   B OP2   1 
ATOM   659  O  "O5'" . G   B 2 18 ? -17.704 -0.795  2.552   1.00 89.43  ? 19  G   B "O5'" 1 
ATOM   660  C  "C5'" . G   B 2 18 ? -18.703 -1.756  2.249   1.00 82.60  ? 19  G   B "C5'" 1 
ATOM   661  C  "C4'" . G   B 2 18 ? -19.202 -1.631  0.830   1.00 81.60  ? 19  G   B "C4'" 1 
ATOM   662  O  "O4'" . G   B 2 18 ? -19.421 -0.238  0.493   1.00 84.06  ? 19  G   B "O4'" 1 
ATOM   663  C  "C3'" . G   B 2 18 ? -18.262 -2.096  -0.261  1.00 84.77  ? 19  G   B "C3'" 1 
ATOM   664  O  "O3'" . G   B 2 18 ? -18.177 -3.501  -0.369  1.00 86.51  ? 19  G   B "O3'" 1 
ATOM   665  C  "C2'" . G   B 2 18 ? -18.855 -1.415  -1.488  1.00 85.92  ? 19  G   B "C2'" 1 
ATOM   666  O  "O2'" . G   B 2 18 ? -20.046 -2.070  -1.901  1.00 86.88  ? 19  G   B "O2'" 1 
ATOM   667  C  "C1'" . G   B 2 18 ? -19.239 -0.061  -0.900  1.00 79.25  ? 19  G   B "C1'" 1 
ATOM   668  N  N9    . G   B 2 18 ? -18.191 0.937   -1.113  1.00 74.68  ? 19  G   B N9    1 
ATOM   669  C  C8    . G   B 2 18 ? -17.367 1.494   -0.171  1.00 77.50  ? 19  G   B C8    1 
ATOM   670  N  N7    . G   B 2 18 ? -16.533 2.364   -0.694  1.00 78.00  ? 19  G   B N7    1 
ATOM   671  C  C5    . G   B 2 18 ? -16.833 2.372   -2.053  1.00 75.97  ? 19  G   B C5    1 
ATOM   672  C  C6    . G   B 2 18 ? -16.260 3.112   -3.121  1.00 75.83  ? 19  G   B C6    1 
ATOM   673  O  O6    . G   B 2 18 ? -15.338 3.942   -3.095  1.00 72.59  ? 19  G   B O6    1 
ATOM   674  N  N1    . G   B 2 18 ? -16.875 2.804   -4.329  1.00 75.63  ? 19  G   B N1    1 
ATOM   675  C  C2    . G   B 2 18 ? -17.894 1.903   -4.496  1.00 74.52  ? 19  G   B C2    1 
ATOM   676  N  N2    . G   B 2 18 ? -18.321 1.767   -5.759  1.00 76.04  ? 19  G   B N2    1 
ATOM   677  N  N3    . G   B 2 18 ? -18.441 1.199   -3.514  1.00 75.58  ? 19  G   B N3    1 
ATOM   678  C  C4    . G   B 2 18 ? -17.862 1.488   -2.327  1.00 77.05  ? 19  G   B C4    1 
ATOM   679  P  P     . A   B 2 19 ? -16.744 -4.200  -0.602  1.00 94.31  ? 20  A   B P     1 
ATOM   680  O  OP1   . A   B 2 19 ? -16.964 -5.666  -0.530  1.00 83.96  ? 20  A   B OP1   1 
ATOM   681  O  OP2   . A   B 2 19 ? -15.794 -3.577  0.352   1.00 90.79  ? 20  A   B OP2   1 
ATOM   682  O  "O5'" . A   B 2 19 ? -16.372 -3.763  -2.101  1.00 84.93  ? 20  A   B "O5'" 1 
ATOM   683  C  "C5'" . A   B 2 19 ? -17.106 -4.264  -3.209  1.00 80.32  ? 20  A   B "C5'" 1 
ATOM   684  C  "C4'" . A   B 2 19 ? -16.868 -3.456  -4.461  1.00 79.68  ? 20  A   B "C4'" 1 
ATOM   685  O  "O4'" . A   B 2 19 ? -17.102 -2.053  -4.195  1.00 75.79  ? 20  A   B "O4'" 1 
ATOM   686  C  "C3'" . A   B 2 19 ? -15.455 -3.477  -5.019  1.00 80.13  ? 20  A   B "C3'" 1 
ATOM   687  O  "O3'" . A   B 2 19 ? -15.148 -4.652  -5.737  1.00 79.19  ? 20  A   B "O3'" 1 
ATOM   688  C  "C2'" . A   B 2 19 ? -15.419 -2.209  -5.861  1.00 76.96  ? 20  A   B "C2'" 1 
ATOM   689  O  "O2'" . A   B 2 19 ? -16.130 -2.382  -7.074  1.00 79.05  ? 20  A   B "O2'" 1 
ATOM   690  C  "C1'" . A   B 2 19 ? -16.218 -1.266  -4.975  1.00 76.37  ? 20  A   B "C1'" 1 
ATOM   691  N  N9    . A   B 2 19 ? -15.344 -0.515  -4.068  1.00 75.94  ? 20  A   B N9    1 
ATOM   692  C  C8    . A   B 2 19 ? -15.213 -0.644  -2.704  1.00 77.05  ? 20  A   B C8    1 
ATOM   693  N  N7    . A   B 2 19 ? -14.333 0.193   -2.201  1.00 75.95  ? 20  A   B N7    1 
ATOM   694  C  C5    . A   B 2 19 ? -13.869 0.892   -3.307  1.00 68.59  ? 20  A   B C5    1 
ATOM   695  C  C6    . A   B 2 19 ? -12.928 1.910   -3.434  1.00 69.65  ? 20  A   B C6    1 
ATOM   696  N  N6    . A   B 2 19 ? -12.272 2.406   -2.389  1.00 69.43  ? 20  A   B N6    1 
ATOM   697  N  N1    . A   B 2 19 ? -12.691 2.398   -4.674  1.00 71.62  ? 20  A   B N1    1 
ATOM   698  C  C2    . A   B 2 19 ? -13.366 1.872   -5.707  1.00 73.23  ? 20  A   B C2    1 
ATOM   699  N  N3    . A   B 2 19 ? -14.279 0.901   -5.713  1.00 71.33  ? 20  A   B N3    1 
ATOM   700  C  C4    . A   B 2 19 ? -14.477 0.463   -4.464  1.00 70.02  ? 20  A   B C4    1 
ATOM   701  P  P     . G   B 2 20 ? -13.733 -5.375  -5.497  1.00 89.80  ? 21  G   B P     1 
ATOM   702  O  OP1   . G   B 2 20 ? -13.737 -6.635  -6.283  1.00 87.74  ? 21  G   B OP1   1 
ATOM   703  O  OP2   . G   B 2 20 ? -13.531 -5.447  -4.024  1.00 81.50  ? 21  G   B OP2   1 
ATOM   704  O  "O5'" . G   B 2 20 ? -12.701 -4.349  -6.139  1.00 80.86  ? 21  G   B "O5'" 1 
ATOM   705  C  "C5'" . G   B 2 20 ? -12.694 -4.112  -7.536  1.00 78.36  ? 21  G   B "C5'" 1 
ATOM   706  C  "C4'" . G   B 2 20 ? -11.874 -2.897  -7.883  1.00 79.97  ? 21  G   B "C4'" 1 
ATOM   707  O  "O4'" . G   B 2 20 ? -12.317 -1.763  -7.094  1.00 81.17  ? 21  G   B "O4'" 1 
ATOM   708  C  "C3'" . G   B 2 20 ? -10.388 -2.982  -7.583  1.00 75.90  ? 21  G   B "C3'" 1 
ATOM   709  O  "O3'" . G   B 2 20 ? -9.668  -3.702  -8.566  1.00 80.10  ? 21  G   B "O3'" 1 
ATOM   710  C  "C2'" . G   B 2 20 ? -10.002 -1.518  -7.507  1.00 74.30  ? 21  G   B "C2'" 1 
ATOM   711  O  "O2'" . G   B 2 20 ? -9.959  -0.958  -8.809  1.00 76.84  ? 21  G   B "O2'" 1 
ATOM   712  C  "C1'" . G   B 2 20 ? -11.215 -0.935  -6.791  1.00 74.81  ? 21  G   B "C1'" 1 
ATOM   713  N  N9    . G   B 2 20 ? -11.043 -0.893  -5.321  1.00 74.27  ? 21  G   B N9    1 
ATOM   714  C  C8    . G   B 2 20 ? -11.564 -1.776  -4.391  1.00 73.15  ? 21  G   B C8    1 
ATOM   715  N  N7    . G   B 2 20 ? -11.258 -1.462  -3.156  1.00 72.32  ? 21  G   B N7    1 
ATOM   716  C  C5    . G   B 2 20 ? -10.500 -0.290  -3.277  1.00 69.97  ? 21  G   B C5    1 
ATOM   717  C  C6    . G   B 2 20 ? -9.884  0.538   -2.291  1.00 70.10  ? 21  G   B C6    1 
ATOM   718  O  O6    . G   B 2 20 ? -9.876  0.409   -1.061  1.00 76.89  ? 21  G   B O6    1 
ATOM   719  N  N1    . G   B 2 20 ? -9.208  1.618   -2.835  1.00 61.48  ? 21  G   B N1    1 
ATOM   720  C  C2    . G   B 2 20 ? -9.140  1.889   -4.169  1.00 67.39  ? 21  G   B C2    1 
ATOM   721  N  N2    . G   B 2 20 ? -8.443  2.992   -4.494  1.00 63.97  ? 21  G   B N2    1 
ATOM   722  N  N3    . G   B 2 20 ? -9.707  1.136   -5.105  1.00 67.95  ? 21  G   B N3    1 
ATOM   723  C  C4    . G   B 2 20 ? -10.365 0.073   -4.600  1.00 67.55  ? 21  G   B C4    1 
ATOM   724  P  P     . A   B 2 21 ? -9.030  -5.136  -8.218  1.00 83.84  ? 22  A   B P     1 
ATOM   725  O  OP1   . A   B 2 21 ? -10.072 -6.162  -8.485  1.00 74.49  ? 22  A   B OP1   1 
ATOM   726  O  OP2   . A   B 2 21 ? -8.443  -5.044  -6.849  1.00 76.41  ? 22  A   B OP2   1 
ATOM   727  O  "O5'" . A   B 2 21 ? -7.875  -5.257  -9.290  1.00 74.20  ? 22  A   B "O5'" 1 
ATOM   728  C  "C5'" . A   B 2 21 ? -6.744  -4.417  -9.225  1.00 74.07  ? 22  A   B "C5'" 1 
ATOM   729  C  "C4'" . A   B 2 21 ? -6.694  -3.482  -10.397 1.00 76.03  ? 22  A   B "C4'" 1 
ATOM   730  O  "O4'" . A   B 2 21 ? -7.435  -2.273  -10.086 1.00 76.17  ? 22  A   B "O4'" 1 
ATOM   731  C  "C3'" . A   B 2 21 ? -5.308  -3.001  -10.785 1.00 74.06  ? 22  A   B "C3'" 1 
ATOM   732  O  "O3'" . A   B 2 21 ? -4.641  -3.915  -11.633 1.00 74.68  ? 22  A   B "O3'" 1 
ATOM   733  C  "C2'" . A   B 2 21 ? -5.572  -1.641  -11.425 1.00 76.22  ? 22  A   B "C2'" 1 
ATOM   734  O  "O2'" . A   B 2 21 ? -5.970  -1.785  -12.778 1.00 79.51  ? 22  A   B "O2'" 1 
ATOM   735  C  "C1'" . A   B 2 21 ? -6.769  -1.142  -10.612 1.00 76.38  ? 22  A   B "C1'" 1 
ATOM   736  N  N9    . A   B 2 21 ? -6.345  -0.294  -9.482  1.00 73.82  ? 22  A   B N9    1 
ATOM   737  C  C8    . A   B 2 21 ? -6.435  -0.601  -8.143  1.00 72.59  ? 22  A   B C8    1 
ATOM   738  N  N7    . A   B 2 21 ? -5.965  0.332   -7.352  1.00 69.64  ? 22  A   B N7    1 
ATOM   739  C  C5    . A   B 2 21 ? -5.540  1.311   -8.235  1.00 68.81  ? 22  A   B C5    1 
ATOM   740  C  C6    . A   B 2 21 ? -4.945  2.555   -8.008  1.00 71.89  ? 22  A   B C6    1 
ATOM   741  N  N6    . A   B 2 21 ? -4.689  2.990   -6.771  1.00 70.78  ? 22  A   B N6    1 
ATOM   742  N  N1    . A   B 2 21 ? -4.630  3.320   -9.088  1.00 74.40  ? 22  A   B N1    1 
ATOM   743  C  C2    . A   B 2 21 ? -4.911  2.834   -10.309 1.00 73.76  ? 22  A   B C2    1 
ATOM   744  N  N3    . A   B 2 21 ? -5.469  1.666   -10.651 1.00 74.73  ? 22  A   B N3    1 
ATOM   745  C  C4    . A   B 2 21 ? -5.764  0.947   -9.550  1.00 72.04  ? 22  A   B C4    1 
ATOM   746  P  P     . A   B 2 22 ? -3.045  -4.075  -11.560 1.00 82.41  ? 23  A   B P     1 
ATOM   747  O  OP1   . A   B 2 22 ? -2.653  -5.024  -12.624 1.00 85.63  ? 23  A   B OP1   1 
ATOM   748  O  OP2   . A   B 2 22 ? -2.693  -4.394  -10.156 1.00 71.55  ? 23  A   B OP2   1 
ATOM   749  O  "O5'" . A   B 2 22 ? -2.531  -2.626  -11.929 1.00 77.24  ? 23  A   B "O5'" 1 
ATOM   750  C  "C5'" . A   B 2 22 ? -2.838  -2.047  -13.181 1.00 73.41  ? 23  A   B "C5'" 1 
ATOM   751  C  "C4'" . A   B 2 22 ? -2.249  -0.677  -13.272 1.00 75.30  ? 23  A   B "C4'" 1 
ATOM   752  O  "O4'" . A   B 2 22 ? -2.967  0.204   -12.371 1.00 76.59  ? 23  A   B "O4'" 1 
ATOM   753  C  "C3'" . A   B 2 22 ? -0.794  -0.580  -12.834 1.00 72.65  ? 23  A   B "C3'" 1 
ATOM   754  O  "O3'" . A   B 2 22 ? 0.114   -0.874  -13.878 1.00 69.51  ? 23  A   B "O3'" 1 
ATOM   755  C  "C2'" . A   B 2 22 ? -0.677  0.840   -12.300 1.00 73.06  ? 23  A   B "C2'" 1 
ATOM   756  O  "O2'" . A   B 2 22 ? -0.491  1.762   -13.357 1.00 71.34  ? 23  A   B "O2'" 1 
ATOM   757  C  "C1'" . A   B 2 22 ? -2.067  1.056   -11.700 1.00 77.78  ? 23  A   B "C1'" 1 
ATOM   758  N  N9    . A   B 2 22 ? -2.100  0.730   -10.258 1.00 75.63  ? 23  A   B N9    1 
ATOM   759  C  C8    . A   B 2 22 ? -2.624  -0.373  -9.622  1.00 71.82  ? 23  A   B C8    1 
ATOM   760  N  N7    . A   B 2 22 ? -2.475  -0.326  -8.315  1.00 71.36  ? 23  A   B N7    1 
ATOM   761  C  C5    . A   B 2 22 ? -1.811  0.879   -8.080  1.00 68.86  ? 23  A   B C5    1 
ATOM   762  C  C6    . A   B 2 22 ? -1.353  1.531   -6.918  1.00 66.78  ? 23  A   B C6    1 
ATOM   763  N  N6    . A   B 2 22 ? -1.471  1.073   -5.677  1.00 66.94  ? 23  A   B N6    1 
ATOM   764  N  N1    . A   B 2 22 ? -0.745  2.717   -7.053  1.00 67.49  ? 23  A   B N1    1 
ATOM   765  C  C2    . A   B 2 22 ? -0.601  3.217   -8.280  1.00 72.31  ? 23  A   B C2    1 
ATOM   766  N  N3    . A   B 2 22 ? -0.980  2.706   -9.448  1.00 73.74  ? 23  A   B N3    1 
ATOM   767  C  C4    . A   B 2 22 ? -1.587  1.529   -9.271  1.00 70.50  ? 23  A   B C4    1 
ATOM   768  P  P     . A   B 2 23 ? 1.635   -1.250  -13.541 1.00 80.28  ? 24  A   B P     1 
ATOM   769  O  OP1   . A   B 2 23 ? 2.370   -1.315  -14.835 1.00 75.42  ? 24  A   B OP1   1 
ATOM   770  O  OP2   . A   B 2 23 ? 1.604   -2.458  -12.656 1.00 72.53  ? 24  A   B OP2   1 
ATOM   771  O  "O5'" . A   B 2 23 ? 2.135   0.003   -12.721 1.00 72.02  ? 24  A   B "O5'" 1 
ATOM   772  C  "C5'" . A   B 2 23 ? 2.678   1.124   -13.380 1.00 69.12  ? 24  A   B "C5'" 1 
ATOM   773  C  "C4'" . A   B 2 23 ? 3.250   2.092   -12.392 1.00 70.67  ? 24  A   B "C4'" 1 
ATOM   774  O  "O4'" . A   B 2 23 ? 2.241   2.414   -11.395 1.00 70.11  ? 24  A   B "O4'" 1 
ATOM   775  C  "C3'" . A   B 2 23 ? 4.422   1.576   -11.580 1.00 68.49  ? 24  A   B "C3'" 1 
ATOM   776  O  "O3'" . A   B 2 23 ? 5.652   1.681   -12.269 1.00 67.67  ? 24  A   B "O3'" 1 
ATOM   777  C  "C2'" . A   B 2 23 ? 4.350   2.428   -10.323 1.00 72.08  ? 24  A   B "C2'" 1 
ATOM   778  O  "O2'" . A   B 2 23 ? 4.858   3.727   -10.580 1.00 71.86  ? 24  A   B "O2'" 1 
ATOM   779  C  "C1'" . A   B 2 23 ? 2.838   2.536   -10.126 1.00 67.72  ? 24  A   B "C1'" 1 
ATOM   780  N  N9    . A   B 2 23 ? 2.311   1.457   -9.272  1.00 68.55  ? 24  A   B N9    1 
ATOM   781  C  C8    . A   B 2 23 ? 1.646   0.339   -9.713  1.00 70.02  ? 24  A   B C8    1 
ATOM   782  N  N7    . A   B 2 23 ? 1.277   -0.484  -8.761  1.00 67.89  ? 24  A   B N7    1 
ATOM   783  C  C5    . A   B 2 23 ? 1.718   0.144   -7.605  1.00 66.39  ? 24  A   B C5    1 
ATOM   784  C  C6    . A   B 2 23 ? 1.618   -0.228  -6.252  1.00 66.00  ? 24  A   B C6    1 
ATOM   785  N  N6    . A   B 2 23 ? 1.020   -1.363  -5.852  1.00 64.88  ? 24  A   B N6    1 
ATOM   786  N  N1    . A   B 2 23 ? 2.149   0.613   -5.330  1.00 62.01  ? 24  A   B N1    1 
ATOM   787  C  C2    . A   B 2 23 ? 2.742   1.740   -5.768  1.00 65.76  ? 24  A   B C2    1 
ATOM   788  N  N3    . A   B 2 23 ? 2.907   2.198   -7.014  1.00 66.71  ? 24  A   B N3    1 
ATOM   789  C  C4    . A   B 2 23 ? 2.357   1.343   -7.900  1.00 68.01  ? 24  A   B C4    1 
ATOM   790  P  P     . C   B 2 24 ? 6.759   0.528   -12.124 1.00 75.55  ? 25  C   B P     1 
ATOM   791  O  OP1   . C   B 2 24 ? 7.904   0.905   -12.979 1.00 70.09  ? 25  C   B OP1   1 
ATOM   792  O  OP2   . C   B 2 24 ? 6.071   -0.771  -12.373 1.00 71.29  ? 25  C   B OP2   1 
ATOM   793  O  "O5'" . C   B 2 24 ? 7.177   0.639   -10.597 1.00 71.73  ? 25  C   B "O5'" 1 
ATOM   794  C  "C5'" . C   B 2 24 ? 7.798   1.808   -10.096 1.00 65.68  ? 25  C   B "C5'" 1 
ATOM   795  C  "C4'" . C   B 2 24 ? 7.829   1.801   -8.589  1.00 67.57  ? 25  C   B "C4'" 1 
ATOM   796  O  "O4'" . C   B 2 24 ? 6.486   1.619   -8.082  1.00 69.66  ? 25  C   B "O4'" 1 
ATOM   797  C  "C3'" . C   B 2 24 ? 8.621   0.673   -7.946  1.00 65.47  ? 25  C   B "C3'" 1 
ATOM   798  O  "O3'" . C   B 2 24 ? 10.013  0.941   -7.894  1.00 65.87  ? 25  C   B "O3'" 1 
ATOM   799  C  "C2'" . C   B 2 24 ? 7.975   0.545   -6.575  1.00 62.73  ? 25  C   B "C2'" 1 
ATOM   800  O  "O2'" . C   B 2 24 ? 8.477   1.538   -5.700  1.00 66.35  ? 25  C   B "O2'" 1 
ATOM   801  C  "C1'" . C   B 2 24 ? 6.520   0.881   -6.884  1.00 63.07  ? 25  C   B "C1'" 1 
ATOM   802  N  N1    . C   B 2 24 ? 5.684   -0.311  -7.050  1.00 63.06  ? 25  C   B N1    1 
ATOM   803  C  C2    . C   B 2 24 ? 5.249   -0.990  -5.902  1.00 64.20  ? 25  C   B C2    1 
ATOM   804  O  O2    . C   B 2 24 ? 5.627   -0.579  -4.797  1.00 64.07  ? 25  C   B O2    1 
ATOM   805  N  N3    . C   B 2 24 ? 4.447   -2.079  -6.011  1.00 61.32  ? 25  C   B N3    1 
ATOM   806  C  C4    . C   B 2 24 ? 4.073   -2.483  -7.226  1.00 62.09  ? 25  C   B C4    1 
ATOM   807  N  N4    . C   B 2 24 ? 3.286   -3.558  -7.307  1.00 59.64  ? 25  C   B N4    1 
ATOM   808  C  C5    . C   B 2 24 ? 4.494   -1.800  -8.407  1.00 65.77  ? 25  C   B C5    1 
ATOM   809  C  C6    . C   B 2 24 ? 5.285   -0.717  -8.287  1.00 65.41  ? 25  C   B C6    1 
ATOM   810  P  P     . A   B 2 25 ? 11.082  -0.262  -7.768  1.00 71.68  ? 26  A   B P     1 
ATOM   811  O  OP1   . A   B 2 25 ? 12.419  0.359   -7.811  1.00 71.45  ? 26  A   B OP1   1 
ATOM   812  O  OP2   . A   B 2 25 ? 10.731  -1.287  -8.785  1.00 65.48  ? 26  A   B OP2   1 
ATOM   813  O  "O5'" . A   B 2 25 ? 10.810  -0.846  -6.318  1.00 67.01  ? 26  A   B "O5'" 1 
ATOM   814  C  "C5'" . A   B 2 25 ? 11.385  -0.243  -5.178  1.00 65.60  ? 26  A   B "C5'" 1 
ATOM   815  C  "C4'" . A   B 2 25 ? 10.969  -0.969  -3.942  1.00 65.69  ? 26  A   B "C4'" 1 
ATOM   816  O  "O4'" . A   B 2 25 ? 9.531   -1.107  -3.942  1.00 61.13  ? 26  A   B "O4'" 1 
ATOM   817  C  "C3'" . A   B 2 25 ? 11.458  -2.392  -3.844  1.00 69.93  ? 26  A   B "C3'" 1 
ATOM   818  O  "O3'" . A   B 2 25 ? 12.782  -2.485  -3.380  1.00 73.81  ? 26  A   B "O3'" 1 
ATOM   819  C  "C2'" . A   B 2 25 ? 10.433  -3.047  -2.934  1.00 67.04  ? 26  A   B "C2'" 1 
ATOM   820  O  "O2'" . A   B 2 25 ? 10.666  -2.695  -1.578  1.00 71.89  ? 26  A   B "O2'" 1 
ATOM   821  C  "C1'" . A   B 2 25 ? 9.166   -2.352  -3.397  1.00 62.68  ? 26  A   B "C1'" 1 
ATOM   822  N  N9    . A   B 2 25 ? 8.464   -3.103  -4.435  1.00 60.29  ? 26  A   B N9    1 
ATOM   823  C  C8    . A   B 2 25 ? 8.409   -2.787  -5.764  1.00 61.78  ? 26  A   B C8    1 
ATOM   824  N  N7    . A   B 2 25 ? 7.655   -3.619  -6.447  1.00 60.79  ? 26  A   B N7    1 
ATOM   825  C  C5    . A   B 2 25 ? 7.185   -4.515  -5.496  1.00 56.72  ? 26  A   B C5    1 
ATOM   826  C  C6    . A   B 2 25 ? 6.331   -5.625  -5.593  1.00 60.50  ? 26  A   B C6    1 
ATOM   827  N  N6    . A   B 2 25 ? 5.791   -6.041  -6.744  1.00 60.65  ? 26  A   B N6    1 
ATOM   828  N  N1    . A   B 2 25 ? 6.043   -6.293  -4.453  1.00 61.51  ? 26  A   B N1    1 
ATOM   829  C  C2    . A   B 2 25 ? 6.602   -5.853  -3.309  1.00 65.01  ? 26  A   B C2    1 
ATOM   830  N  N3    . A   B 2 25 ? 7.428   -4.818  -3.089  1.00 62.72  ? 26  A   B N3    1 
ATOM   831  C  C4    . A   B 2 25 ? 7.671   -4.193  -4.248  1.00 58.02  ? 26  A   B C4    1 
ATOM   832  P  P     . C   B 2 26 ? 13.746  -3.621  -3.972  1.00 77.59  ? 27  C   B P     1 
ATOM   833  O  OP1   . C   B 2 26 ? 15.071  -3.423  -3.329  1.00 71.99  ? 27  C   B OP1   1 
ATOM   834  O  OP2   . C   B 2 26 ? 13.648  -3.561  -5.457  1.00 66.88  ? 27  C   B OP2   1 
ATOM   835  O  "O5'" . C   B 2 26 ? 13.070  -4.963  -3.446  1.00 65.73  ? 27  C   B "O5'" 1 
ATOM   836  C  "C5'" . C   B 2 26 ? 12.987  -5.234  -2.058  1.00 67.28  ? 27  C   B "C5'" 1 
ATOM   837  C  "C4'" . C   B 2 26 ? 12.071  -6.394  -1.780  1.00 64.45  ? 27  C   B "C4'" 1 
ATOM   838  O  "O4'" . C   B 2 26 ? 10.764  -6.134  -2.332  1.00 67.24  ? 27  C   B "O4'" 1 
ATOM   839  C  "C3'" . C   B 2 26 ? 12.450  -7.710  -2.410  1.00 65.80  ? 27  C   B "C3'" 1 
ATOM   840  O  "O3'" . C   B 2 26 ? 13.505  -8.357  -1.730  1.00 76.91  ? 27  C   B "O3'" 1 
ATOM   841  C  "C2'" . C   B 2 26 ? 11.130  -8.470  -2.369  1.00 67.84  ? 27  C   B "C2'" 1 
ATOM   842  O  "O2'" . C   B 2 26 ? 10.853  -8.944  -1.058  1.00 64.67  ? 27  C   B "O2'" 1 
ATOM   843  C  "C1'" . C   B 2 26 ? 10.147  -7.353  -2.680  1.00 62.40  ? 27  C   B "C1'" 1 
ATOM   844  N  N1    . C   B 2 26 ? 9.790   -7.311  -4.102  1.00 60.44  ? 27  C   B N1    1 
ATOM   845  C  C2    . C   B 2 26 ? 8.808   -8.205  -4.532  1.00 59.65  ? 27  C   B C2    1 
ATOM   846  O  O2    . C   B 2 26 ? 8.321   -8.988  -3.702  1.00 57.69  ? 27  C   B O2    1 
ATOM   847  N  N3    . C   B 2 26 ? 8.437   -8.198  -5.833  1.00 59.55  ? 27  C   B N3    1 
ATOM   848  C  C4    . C   B 2 26 ? 9.012   -7.324  -6.669  1.00 61.79  ? 27  C   B C4    1 
ATOM   849  N  N4    . C   B 2 26 ? 8.624   -7.338  -7.948  1.00 61.34  ? 27  C   B N4    1 
ATOM   850  C  C5    . C   B 2 26 ? 10.014  -6.395  -6.245  1.00 58.39  ? 27  C   B C5    1 
ATOM   851  C  C6    . C   B 2 26 ? 10.378  -6.418  -4.957  1.00 60.26  ? 27  C   B C6    1 
ATOM   852  P  P     . A   B 2 27 ? 14.556  -9.264  -2.536  1.00 72.39  ? 28  A   B P     1 
ATOM   853  O  OP1   . A   B 2 27 ? 15.652  -9.578  -1.591  1.00 72.67  ? 28  A   B OP1   1 
ATOM   854  O  OP2   . A   B 2 27 ? 14.885  -8.545  -3.800  1.00 61.42  ? 28  A   B OP2   1 
ATOM   855  O  "O5'" . A   B 2 27 ? 13.710  -10.582 -2.854  1.00 62.55  ? 28  A   B "O5'" 1 
ATOM   856  C  "C5'" . A   B 2 27 ? 13.246  -11.409 -1.805  1.00 60.49  ? 28  A   B "C5'" 1 
ATOM   857  C  "C4'" . A   B 2 27 ? 12.300  -12.464 -2.309  1.00 68.35  ? 28  A   B "C4'" 1 
ATOM   858  O  "O4'" . A   B 2 27 ? 11.096  -11.846 -2.834  1.00 71.17  ? 28  A   B "O4'" 1 
ATOM   859  C  "C3'" . A   B 2 27 ? 12.803  -13.320 -3.459  1.00 68.41  ? 28  A   B "C3'" 1 
ATOM   860  O  "O3'" . A   B 2 27 ? 13.657  -14.358 -3.024  1.00 72.27  ? 28  A   B "O3'" 1 
ATOM   861  C  "C2'" . A   B 2 27 ? 11.501  -13.821 -4.070  1.00 68.94  ? 28  A   B "C2'" 1 
ATOM   862  O  "O2'" . A   B 2 27 ? 10.930  -14.833 -3.259  1.00 68.47  ? 28  A   B "O2'" 1 
ATOM   863  C  "C1'" . A   B 2 27 ? 10.628  -12.576 -3.950  1.00 67.40  ? 28  A   B "C1'" 1 
ATOM   864  N  N9    . A   B 2 27 ? 10.725  -11.715 -5.150  1.00 64.18  ? 28  A   B N9    1 
ATOM   865  C  C8    . A   B 2 27 ? 11.553  -10.634 -5.339  1.00 63.89  ? 28  A   B C8    1 
ATOM   866  N  N7    . A   B 2 27 ? 11.412  -10.059 -6.517  1.00 62.36  ? 28  A   B N7    1 
ATOM   867  C  C5    . A   B 2 27 ? 10.427  -10.818 -7.144  1.00 60.02  ? 28  A   B C5    1 
ATOM   868  C  C6    . A   B 2 27 ? 9.822   -10.725 -8.411  1.00 63.12  ? 28  A   B C6    1 
ATOM   869  N  N6    . A   B 2 27 ? 10.125  -9.791  -9.316  1.00 63.60  ? 28  A   B N6    1 
ATOM   870  N  N1    . A   B 2 27 ? 8.874   -11.629 -8.733  1.00 64.49  ? 28  A   B N1    1 
ATOM   871  C  C2    . A   B 2 27 ? 8.555   -12.561 -7.828  1.00 64.87  ? 28  A   B C2    1 
ATOM   872  N  N3    . A   B 2 27 ? 9.051   -12.744 -6.606  1.00 66.31  ? 28  A   B N3    1 
ATOM   873  C  C4    . A   B 2 27 ? 9.996   -11.832 -6.317  1.00 60.80  ? 28  A   B C4    1 
ATOM   874  P  P     . C   B 2 28 ? 14.837  -14.913 -3.967  1.00 75.43  ? 29  C   B P     1 
ATOM   875  O  OP1   . C   B 2 28 ? 15.575  -15.930 -3.169  1.00 75.09  ? 29  C   B OP1   1 
ATOM   876  O  OP2   . C   B 2 28 ? 15.587  -13.742 -4.486  1.00 63.05  ? 29  C   B OP2   1 
ATOM   877  O  "O5'" . C   B 2 28 ? 14.046  -15.628 -5.154  1.00 67.88  ? 29  C   B "O5'" 1 
ATOM   878  C  "C5'" . C   B 2 28 ? 13.514  -16.933 -4.989  1.00 64.25  ? 29  C   B "C5'" 1 
ATOM   879  C  "C4'" . C   B 2 28 ? 12.494  -17.264 -6.053  1.00 68.85  ? 29  C   B "C4'" 1 
ATOM   880  O  "O4'" . C   B 2 28 ? 11.599  -16.135 -6.251  1.00 71.25  ? 29  C   B "O4'" 1 
ATOM   881  C  "C3'" . C   B 2 28 ? 13.038  -17.537 -7.445  1.00 68.61  ? 29  C   B "C3'" 1 
ATOM   882  O  "O3'" . C   B 2 28 ? 13.578  -18.835 -7.585  1.00 64.08  ? 29  C   B "O3'" 1 
ATOM   883  C  "C2'" . C   B 2 28 ? 11.814  -17.274 -8.319  1.00 68.60  ? 29  C   B "C2'" 1 
ATOM   884  O  "O2'" . C   B 2 28 ? 10.881  -18.344 -8.225  1.00 64.27  ? 29  C   B "O2'" 1 
ATOM   885  C  "C1'" . C   B 2 28 ? 11.213  -16.065 -7.612  1.00 66.33  ? 29  C   B "C1'" 1 
ATOM   886  N  N1    . C   B 2 28 ? 11.710  -14.800 -8.178  1.00 64.05  ? 29  C   B N1    1 
ATOM   887  C  C2    . C   B 2 28 ? 11.164  -14.377 -9.388  1.00 65.34  ? 29  C   B C2    1 
ATOM   888  O  O2    . C   B 2 28 ? 10.294  -15.108 -9.894  1.00 65.74  ? 29  C   B O2    1 
ATOM   889  N  N3    . C   B 2 28 ? 11.591  -13.211 -9.949  1.00 62.15  ? 29  C   B N3    1 
ATOM   890  C  C4    . C   B 2 28 ? 12.536  -12.492 -9.323  1.00 64.17  ? 29  C   B C4    1 
ATOM   891  N  N4    . C   B 2 28 ? 12.968  -11.351 -9.871  1.00 60.97  ? 29  C   B N4    1 
ATOM   892  C  C5    . C   B 2 28 ? 13.106  -12.911 -8.086  1.00 64.18  ? 29  C   B C5    1 
ATOM   893  C  C6    . C   B 2 28 ? 12.667  -14.061 -7.551  1.00 65.19  ? 29  C   B C6    1 
ATOM   894  P  P     . G   B 2 29 ? 14.905  -19.076 -8.457  1.00 70.16  ? 30  G   B P     1 
ATOM   895  O  OP1   . G   B 2 29 ? 15.422  -20.415 -8.095  1.00 77.86  ? 30  G   B OP1   1 
ATOM   896  O  OP2   . G   B 2 29 ? 15.791  -17.899 -8.276  1.00 66.59  ? 30  G   B OP2   1 
ATOM   897  O  "O5'" . G   B 2 29 ? 14.341  -19.104 -9.937  1.00 68.90  ? 30  G   B "O5'" 1 
ATOM   898  C  "C5'" . G   B 2 29 ? 13.241  -19.924 -10.266 1.00 63.39  ? 30  G   B "C5'" 1 
ATOM   899  C  "C4'" . G   B 2 29 ? 12.663  -19.556 -11.605 1.00 71.02  ? 30  G   B "C4'" 1 
ATOM   900  O  "O4'" . G   B 2 29 ? 11.938  -18.302 -11.505 1.00 70.14  ? 30  G   B "O4'" 1 
ATOM   901  C  "C3'" . G   B 2 29 ? 13.658  -19.295 -12.726 1.00 73.58  ? 30  G   B "C3'" 1 
ATOM   902  O  "O3'" . G   B 2 29 ? 14.200  -20.480 -13.282 1.00 74.52  ? 30  G   B "O3'" 1 
ATOM   903  C  "C2'" . G   B 2 29 ? 12.796  -18.507 -13.692 1.00 72.70  ? 30  G   B "C2'" 1 
ATOM   904  O  "O2'" . G   B 2 29 ? 11.822  -19.356 -14.283 1.00 73.55  ? 30  G   B "O2'" 1 
ATOM   905  C  "C1'" . G   B 2 29 ? 12.072  -17.587 -12.717 1.00 68.27  ? 30  G   B "C1'" 1 
ATOM   906  N  N9    . G   B 2 29 ? 12.834  -16.344 -12.462 1.00 66.13  ? 30  G   B N9    1 
ATOM   907  C  C8    . G   B 2 29 ? 13.624  -16.030 -11.383 1.00 66.40  ? 30  G   B C8    1 
ATOM   908  N  N7    . G   B 2 29 ? 14.173  -14.842 -11.459 1.00 63.23  ? 30  G   B N7    1 
ATOM   909  C  C5    . G   B 2 29 ? 13.712  -14.336 -12.666 1.00 66.51  ? 30  G   B C5    1 
ATOM   910  C  C6    . G   B 2 29 ? 13.959  -13.083 -13.303 1.00 68.55  ? 30  G   B C6    1 
ATOM   911  O  O6    . G   B 2 29 ? 14.657  -12.143 -12.897 1.00 65.32  ? 30  G   B O6    1 
ATOM   912  N  N1    . G   B 2 29 ? 13.294  -12.977 -14.528 1.00 68.10  ? 30  G   B N1    1 
ATOM   913  C  C2    . G   B 2 29 ? 12.491  -13.956 -15.066 1.00 69.28  ? 30  G   B C2    1 
ATOM   914  N  N2    . G   B 2 29 ? 11.933  -13.694 -16.262 1.00 70.12  ? 30  G   B N2    1 
ATOM   915  N  N3    . G   B 2 29 ? 12.251  -15.115 -14.477 1.00 66.63  ? 30  G   B N3    1 
ATOM   916  C  C4    . G   B 2 29 ? 12.883  -15.243 -13.291 1.00 67.12  ? 30  G   B C4    1 
ATOM   917  P  P     . A   B 2 30 ? 15.703  -20.511 -13.869 1.00 72.94  ? 31  A   B P     1 
ATOM   918  O  OP1   . A   B 2 30 ? 15.901  -21.876 -14.413 1.00 76.79  ? 31  A   B OP1   1 
ATOM   919  O  OP2   . A   B 2 30 ? 16.613  -20.029 -12.803 1.00 70.85  ? 31  A   B OP2   1 
ATOM   920  O  "O5'" . A   B 2 30 ? 15.663  -19.448 -15.061 1.00 73.44  ? 31  A   B "O5'" 1 
ATOM   921  C  "C5'" . A   B 2 30 ? 14.911  -19.702 -16.241 1.00 73.89  ? 31  A   B "C5'" 1 
ATOM   922  C  "C4'" . A   B 2 30 ? 14.943  -18.535 -17.203 1.00 74.93  ? 31  A   B "C4'" 1 
ATOM   923  O  "O4'" . A   B 2 30 ? 14.368  -17.354 -16.584 1.00 78.77  ? 31  A   B "O4'" 1 
ATOM   924  C  "C3'" . A   B 2 30 ? 16.314  -18.056 -17.659 1.00 73.40  ? 31  A   B "C3'" 1 
ATOM   925  O  "O3'" . A   B 2 30 ? 16.896  -18.882 -18.640 1.00 80.10  ? 31  A   B "O3'" 1 
ATOM   926  C  "C2'" . A   B 2 30 ? 16.006  -16.650 -18.156 1.00 75.61  ? 31  A   B "C2'" 1 
ATOM   927  O  "O2'" . A   B 2 30 ? 15.360  -16.683 -19.422 1.00 77.89  ? 31  A   B "O2'" 1 
ATOM   928  C  "C1'" . A   B 2 30 ? 14.993  -16.192 -17.110 1.00 75.36  ? 31  A   B "C1'" 1 
ATOM   929  N  N9    . A   B 2 30 ? 15.667  -15.475 -16.022 1.00 72.58  ? 31  A   B N9    1 
ATOM   930  C  C8    . A   B 2 30 ? 16.170  -15.935 -14.833 1.00 74.32  ? 31  A   B C8    1 
ATOM   931  N  N7    . A   B 2 30 ? 16.761  -14.999 -14.126 1.00 72.61  ? 31  A   B N7    1 
ATOM   932  C  C5    . A   B 2 30 ? 16.651  -13.870 -14.928 1.00 70.25  ? 31  A   B C5    1 
ATOM   933  C  C6    . A   B 2 30 ? 17.069  -12.545 -14.767 1.00 67.20  ? 31  A   B C6    1 
ATOM   934  N  N6    . A   B 2 30 ? 17.717  -12.098 -13.694 1.00 65.83  ? 31  A   B N6    1 
ATOM   935  N  N1    . A   B 2 30 ? 16.800  -11.683 -15.762 1.00 68.35  ? 31  A   B N1    1 
ATOM   936  C  C2    . A   B 2 30 ? 16.148  -12.120 -16.838 1.00 68.38  ? 31  A   B C2    1 
ATOM   937  N  N3    . A   B 2 30 ? 15.696  -13.333 -17.106 1.00 69.69  ? 31  A   B N3    1 
ATOM   938  C  C4    . A   B 2 30 ? 15.986  -14.158 -16.096 1.00 70.38  ? 31  A   B C4    1 
ATOM   939  O  "O5'" . U   C 3 1  ? 16.309  -3.059  -15.680 1.00 70.60  ? 31  U   C "O5'" 1 
ATOM   940  C  "C5'" . U   C 3 1  ? 16.734  -2.618  -16.962 1.00 72.29  ? 31  U   C "C5'" 1 
ATOM   941  C  "C4'" . U   C 3 1  ? 16.374  -3.617  -18.034 1.00 75.77  ? 31  U   C "C4'" 1 
ATOM   942  O  "O4'" . U   C 3 1  ? 17.403  -4.642  -18.106 1.00 73.74  ? 31  U   C "O4'" 1 
ATOM   943  C  "C3'" . U   C 3 1  ? 15.069  -4.387  -17.825 1.00 67.27  ? 31  U   C "C3'" 1 
ATOM   944  O  "O3'" . U   C 3 1  ? 13.930  -3.680  -18.300 1.00 65.87  ? 31  U   C "O3'" 1 
ATOM   945  C  "C2'" . U   C 3 1  ? 15.325  -5.676  -18.583 1.00 68.87  ? 31  U   C "C2'" 1 
ATOM   946  O  "O2'" . U   C 3 1  ? 15.152  -5.473  -19.978 1.00 72.25  ? 31  U   C "O2'" 1 
ATOM   947  C  "C1'" . U   C 3 1  ? 16.817  -5.902  -18.314 1.00 73.43  ? 31  U   C "C1'" 1 
ATOM   948  N  N1    . U   C 3 1  ? 17.050  -6.737  -17.099 1.00 76.13  ? 31  U   C N1    1 
ATOM   949  C  C2    . U   C 3 1  ? 16.806  -8.121  -17.125 1.00 72.83  ? 31  U   C C2    1 
ATOM   950  O  O2    . U   C 3 1  ? 16.399  -8.749  -18.101 1.00 67.66  ? 31  U   C O2    1 
ATOM   951  N  N3    . U   C 3 1  ? 17.052  -8.768  -15.937 1.00 71.51  ? 31  U   C N3    1 
ATOM   952  C  C4    . U   C 3 1  ? 17.517  -8.211  -14.759 1.00 75.21  ? 31  U   C C4    1 
ATOM   953  O  O4    . U   C 3 1  ? 17.696  -8.931  -13.771 1.00 69.32  ? 31  U   C O4    1 
ATOM   954  C  C5    . U   C 3 1  ? 17.750  -6.795  -14.824 1.00 71.75  ? 31  U   C C5    1 
ATOM   955  C  C6    . U   C 3 1  ? 17.521  -6.131  -15.958 1.00 70.29  ? 31  U   C C6    1 
ATOM   956  P  P     . C   C 3 2  ? 12.489  -3.844  -17.585 1.00 72.82  ? 32  C   C P     1 
ATOM   957  O  OP1   . C   C 3 2  ? 11.648  -2.706  -18.053 1.00 71.19  ? 32  C   C OP1   1 
ATOM   958  O  OP2   . C   C 3 2  ? 12.739  -4.007  -16.125 1.00 64.85  ? 32  C   C OP2   1 
ATOM   959  O  "O5'" . C   C 3 2  ? 11.917  -5.204  -18.180 1.00 67.12  ? 32  C   C "O5'" 1 
ATOM   960  C  "C5'" . C   C 3 2  ? 11.791  -5.404  -19.579 1.00 66.27  ? 32  C   C "C5'" 1 
ATOM   961  C  "C4'" . C   C 3 2  ? 11.599  -6.864  -19.903 1.00 71.00  ? 32  C   C "C4'" 1 
ATOM   962  O  "O4'" . C   C 3 2  ? 12.811  -7.604  -19.578 1.00 68.98  ? 32  C   C "O4'" 1 
ATOM   963  C  "C3'" . C   C 3 2  ? 10.509  -7.579  -19.115 1.00 65.19  ? 32  C   C "C3'" 1 
ATOM   964  O  "O3'" . C   C 3 2  ? 9.226   -7.393  -19.666 1.00 63.15  ? 32  C   C "O3'" 1 
ATOM   965  C  "C2'" . C   C 3 2  ? 10.964  -9.024  -19.151 1.00 63.56  ? 32  C   C "C2'" 1 
ATOM   966  O  "O2'" . C   C 3 2  ? 10.673  -9.596  -20.410 1.00 67.54  ? 32  C   C "O2'" 1 
ATOM   967  C  "C1'" . C   C 3 2  ? 12.472  -8.868  -19.048 1.00 63.76  ? 32  C   C "C1'" 1 
ATOM   968  N  N1    . C   C 3 2  ? 12.942  -8.933  -17.658 1.00 66.91  ? 32  C   C N1    1 
ATOM   969  C  C2    . C   C 3 2  ? 12.965  -10.165 -16.998 1.00 67.41  ? 32  C   C C2    1 
ATOM   970  O  O2    . C   C 3 2  ? 12.557  -11.162 -17.597 1.00 69.65  ? 32  C   C O2    1 
ATOM   971  N  N3    . C   C 3 2  ? 13.419  -10.251 -15.728 1.00 67.15  ? 32  C   C N3    1 
ATOM   972  C  C4    . C   C 3 2  ? 13.863  -9.146  -15.133 1.00 70.29  ? 32  C   C C4    1 
ATOM   973  N  N4    . C   C 3 2  ? 14.320  -9.249  -13.888 1.00 68.81  ? 32  C   C N4    1 
ATOM   974  C  C5    . C   C 3 2  ? 13.862  -7.875  -15.784 1.00 70.67  ? 32  C   C C5    1 
ATOM   975  C  C6    . C   C 3 2  ? 13.401  -7.810  -17.039 1.00 67.56  ? 32  C   C C6    1 
ATOM   976  P  P     . G   C 3 3  ? 7.934   -7.421  -18.715 1.00 68.43  ? 33  G   C P     1 
ATOM   977  O  OP1   . G   C 3 3  ? 6.804   -6.902  -19.520 1.00 63.85  ? 33  G   C OP1   1 
ATOM   978  O  OP2   . G   C 3 3  ? 8.311   -6.729  -17.452 1.00 62.58  ? 33  G   C OP2   1 
ATOM   979  O  "O5'" . G   C 3 3  ? 7.714   -8.966  -18.409 1.00 69.84  ? 33  G   C "O5'" 1 
ATOM   980  C  "C5'" . G   C 3 3  ? 7.331   -9.887  -19.417 1.00 68.29  ? 33  G   C "C5'" 1 
ATOM   981  C  "C4'" . G   C 3 3  ? 7.246   -11.276 -18.846 1.00 70.97  ? 33  G   C "C4'" 1 
ATOM   982  O  "O4'" . G   C 3 3  ? 8.540   -11.640 -18.311 1.00 67.11  ? 33  G   C "O4'" 1 
ATOM   983  C  "C3'" . G   C 3 3  ? 6.284   -11.436 -17.675 1.00 69.87  ? 33  G   C "C3'" 1 
ATOM   984  O  "O3'" . G   C 3 3  ? 4.968   -11.747 -18.093 1.00 68.41  ? 33  G   C "O3'" 1 
ATOM   985  C  "C2'" . G   C 3 3  ? 6.924   -12.521 -16.810 1.00 66.83  ? 33  G   C "C2'" 1 
ATOM   986  O  "O2'" . G   C 3 3  ? 6.579   -13.810 -17.277 1.00 64.33  ? 33  G   C "O2'" 1 
ATOM   987  C  "C1'" . G   C 3 3  ? 8.399   -12.311 -17.085 1.00 65.78  ? 33  G   C "C1'" 1 
ATOM   988  N  N9    . G   C 3 3  ? 9.080   -11.527 -16.051 1.00 65.55  ? 33  G   C N9    1 
ATOM   989  C  C8    . G   C 3 3  ? 9.592   -10.269 -16.207 1.00 65.67  ? 33  G   C C8    1 
ATOM   990  N  N7    . G   C 3 3  ? 10.242  -9.858  -15.153 1.00 68.07  ? 33  G   C N7    1 
ATOM   991  C  C5    . G   C 3 3  ? 10.179  -10.927 -14.271 1.00 66.52  ? 33  G   C C5    1 
ATOM   992  C  C6    . G   C 3 3  ? 10.715  -11.063 -12.971 1.00 67.89  ? 33  G   C C6    1 
ATOM   993  O  O6    . G   C 3 3  ? 11.362  -10.204 -12.343 1.00 67.45  ? 33  G   C O6    1 
ATOM   994  N  N1    . G   C 3 3  ? 10.425  -12.322 -12.428 1.00 64.65  ? 33  G   C N1    1 
ATOM   995  C  C2    . G   C 3 3  ? 9.719   -13.309 -13.078 1.00 66.70  ? 33  G   C C2    1 
ATOM   996  N  N2    . G   C 3 3  ? 9.529   -14.465 -12.430 1.00 68.43  ? 33  G   C N2    1 
ATOM   997  N  N3    . G   C 3 3  ? 9.212   -13.187 -14.289 1.00 66.64  ? 33  G   C N3    1 
ATOM   998  C  C4    . G   C 3 3  ? 9.481   -11.977 -14.819 1.00 68.51  ? 33  G   C C4    1 
ATOM   999  P  P     . U   C 3 4  ? 3.720   -11.429 -17.138 1.00 73.63  ? 34  U   C P     1 
ATOM   1000 O  OP1   . U   C 3 4  ? 2.497   -11.888 -17.850 1.00 71.90  ? 34  U   C OP1   1 
ATOM   1001 O  OP2   . U   C 3 4  ? 3.827   -9.998  -16.734 1.00 68.61  ? 34  U   C OP2   1 
ATOM   1002 O  "O5'" . U   C 3 4  ? 3.988   -12.367 -15.892 1.00 66.76  ? 34  U   C "O5'" 1 
ATOM   1003 C  "C5'" . U   C 3 4  ? 3.492   -13.687 -15.877 1.00 65.56  ? 34  U   C "C5'" 1 
ATOM   1004 C  "C4'" . U   C 3 4  ? 3.969   -14.422 -14.666 1.00 70.01  ? 34  U   C "C4'" 1 
ATOM   1005 O  "O4'" . U   C 3 4  ? 5.363   -14.121 -14.438 1.00 72.16  ? 34  U   C "O4'" 1 
ATOM   1006 C  "C3'" . U   C 3 4  ? 3.311   -14.033 -13.367 1.00 67.69  ? 34  U   C "C3'" 1 
ATOM   1007 O  "O3'" . U   C 3 4  ? 2.056   -14.639 -13.202 1.00 70.82  ? 34  U   C "O3'" 1 
ATOM   1008 C  "C2'" . U   C 3 4  ? 4.337   -14.470 -12.336 1.00 65.83  ? 34  U   C "C2'" 1 
ATOM   1009 O  "O2'" . U   C 3 4  ? 4.288   -15.872 -12.156 1.00 71.78  ? 34  U   C "O2'" 1 
ATOM   1010 C  "C1'" . U   C 3 4  ? 5.630   -14.151 -13.058 1.00 66.87  ? 34  U   C "C1'" 1 
ATOM   1011 N  N1    . U   C 3 4  ? 6.194   -12.871 -12.662 1.00 67.40  ? 34  U   C N1    1 
ATOM   1012 C  C2    . U   C 3 4  ? 6.806   -12.883 -11.443 1.00 68.62  ? 34  U   C C2    1 
ATOM   1013 O  O2    . U   C 3 4  ? 6.795   -13.879 -10.746 1.00 73.20  ? 34  U   C O2    1 
ATOM   1014 N  N3    . U   C 3 4  ? 7.395   -11.707 -11.068 1.00 66.96  ? 34  U   C N3    1 
ATOM   1015 C  C4    . U   C 3 4  ? 7.426   -10.555 -11.818 1.00 67.27  ? 34  U   C C4    1 
ATOM   1016 O  O4    . U   C 3 4  ? 7.994   -9.562  -11.356 1.00 67.92  ? 34  U   C O4    1 
ATOM   1017 C  C5    . U   C 3 4  ? 6.773   -10.641 -13.092 1.00 65.77  ? 34  U   C C5    1 
ATOM   1018 C  C6    . U   C 3 4  ? 6.188   -11.774 -13.477 1.00 67.14  ? 34  U   C C6    1 
ATOM   1019 P  P     . G   C 3 5  ? 0.912   -13.883 -12.384 1.00 80.10  ? 35  G   C P     1 
ATOM   1020 O  OP1   . G   C 3 5  ? -0.374  -14.586 -12.684 1.00 68.19  ? 35  G   C OP1   1 
ATOM   1021 O  OP2   . G   C 3 5  ? 1.036   -12.431 -12.704 1.00 68.29  ? 35  G   C OP2   1 
ATOM   1022 O  "O5'" . G   C 3 5  ? 1.335   -14.137 -10.869 1.00 73.27  ? 35  G   C "O5'" 1 
ATOM   1023 C  "C5'" . G   C 3 5  ? 1.515   -15.451 -10.369 1.00 66.19  ? 35  G   C "C5'" 1 
ATOM   1024 C  "C4'" . G   C 3 5  ? 2.196   -15.437 -9.025  1.00 62.52  ? 35  G   C "C4'" 1 
ATOM   1025 O  "O4'" . G   C 3 5  ? 3.515   -14.867 -9.153  1.00 68.19  ? 35  G   C "O4'" 1 
ATOM   1026 C  "C3'" . G   C 3 5  ? 1.526   -14.600 -7.956  1.00 65.62  ? 35  G   C "C3'" 1 
ATOM   1027 O  "O3'" . G   C 3 5  ? 0.488   -15.303 -7.316  1.00 70.24  ? 35  G   C "O3'" 1 
ATOM   1028 C  "C2'" . G   C 3 5  ? 2.682   -14.230 -7.024  1.00 70.05  ? 35  G   C "C2'" 1 
ATOM   1029 O  "O2'" . G   C 3 5  ? 2.941   -15.270 -6.091  1.00 65.96  ? 35  G   C "O2'" 1 
ATOM   1030 C  "C1'" . G   C 3 5  ? 3.857   -14.158 -7.989  1.00 65.31  ? 35  G   C "C1'" 1 
ATOM   1031 N  N9    . G   C 3 5  ? 4.214   -12.780 -8.379  1.00 68.51  ? 35  G   C N9    1 
ATOM   1032 C  C8    . G   C 3 5  ? 3.857   -12.181 -9.565  1.00 67.02  ? 35  G   C C8    1 
ATOM   1033 N  N7    . G   C 3 5  ? 4.369   -10.987 -9.706  1.00 67.55  ? 35  G   C N7    1 
ATOM   1034 C  C5    . G   C 3 5  ? 5.130   -10.796 -8.557  1.00 63.50  ? 35  G   C C5    1 
ATOM   1035 C  C6    . G   C 3 5  ? 5.911   -9.677  -8.160  1.00 65.20  ? 35  G   C C6    1 
ATOM   1036 O  O6    . G   C 3 5  ? 6.086   -8.599  -8.762  1.00 67.22  ? 35  G   C O6    1 
ATOM   1037 N  N1    . G   C 3 5  ? 6.511   -9.891  -6.925  1.00 61.74  ? 35  G   C N1    1 
ATOM   1038 C  C2    . G   C 3 5  ? 6.377   -11.026 -6.173  1.00 62.87  ? 35  G   C C2    1 
ATOM   1039 N  N2    . G   C 3 5  ? 7.039   -11.016 -5.011  1.00 63.91  ? 35  G   C N2    1 
ATOM   1040 N  N3    . G   C 3 5  ? 5.659   -12.082 -6.526  1.00 65.44  ? 35  G   C N3    1 
ATOM   1041 C  C4    . G   C 3 5  ? 5.061   -11.897 -7.728  1.00 66.07  ? 35  G   C C4    1 
ATOM   1042 P  P     . G   C 3 6  ? -0.833  -14.551 -6.810  1.00 75.86  ? 36  G   C P     1 
ATOM   1043 O  OP1   . G   C 3 6  ? -1.932  -15.546 -6.849  1.00 71.30  ? 36  G   C OP1   1 
ATOM   1044 O  OP2   . G   C 3 6  ? -0.972  -13.304 -7.604  1.00 70.39  ? 36  G   C OP2   1 
ATOM   1045 O  "O5'" . G   C 3 6  ? -0.466  -14.211 -5.304  1.00 68.60  ? 36  G   C "O5'" 1 
ATOM   1046 C  "C5'" . G   C 3 6  ? -0.003  -15.237 -4.436  1.00 65.48  ? 36  G   C "C5'" 1 
ATOM   1047 C  "C4'" . G   C 3 6  ? 0.670   -14.674 -3.216  1.00 68.48  ? 36  G   C "C4'" 1 
ATOM   1048 O  "O4'" . G   C 3 6  ? 1.705   -13.741 -3.635  1.00 70.54  ? 36  G   C "O4'" 1 
ATOM   1049 C  "C3'" . G   C 3 6  ? -0.242  -13.894 -2.279  1.00 69.38  ? 36  G   C "C3'" 1 
ATOM   1050 O  "O3'" . G   C 3 6  ? 0.297   -13.954 -0.956  1.00 69.58  ? 36  G   C "O3'" 1 
ATOM   1051 C  "C2'" . G   C 3 6  ? -0.099  -12.475 -2.821  1.00 72.53  ? 36  G   C "C2'" 1 
ATOM   1052 O  "O2'" . G   C 3 6  ? -0.460  -11.450 -1.914  1.00 71.23  ? 36  G   C "O2'" 1 
ATOM   1053 C  "C1'" . G   C 3 6  ? 1.394   -12.442 -3.161  1.00 68.65  ? 36  G   C "C1'" 1 
ATOM   1054 N  N9    . G   C 3 6  ? 1.747   -11.476 -4.203  1.00 64.47  ? 36  G   C N9    1 
ATOM   1055 C  C8    . G   C 3 6  ? 1.109   -11.253 -5.404  1.00 66.78  ? 36  G   C C8    1 
ATOM   1056 N  N7    . G   C 3 6  ? 1.670   -10.309 -6.127  1.00 61.71  ? 36  G   C N7    1 
ATOM   1057 C  C5    . G   C 3 6  ? 2.739   -9.887  -5.346  1.00 58.46  ? 36  G   C C5    1 
ATOM   1058 C  C6    . G   C 3 6  ? 3.711   -8.888  -5.590  1.00 62.02  ? 36  G   C C6    1 
ATOM   1059 O  O6    . G   C 3 6  ? 3.810   -8.147  -6.579  1.00 65.38  ? 36  G   C O6    1 
ATOM   1060 N  N1    . G   C 3 6  ? 4.621   -8.778  -4.541  1.00 62.14  ? 36  G   C N1    1 
ATOM   1061 C  C2    . G   C 3 6  ? 4.592   -9.547  -3.401  1.00 65.19  ? 36  G   C C2    1 
ATOM   1062 N  N2    . G   C 3 6  ? 5.548   -9.305  -2.491  1.00 64.00  ? 36  G   C N2    1 
ATOM   1063 N  N3    . G   C 3 6  ? 3.680   -10.475 -3.158  1.00 65.39  ? 36  G   C N3    1 
ATOM   1064 C  C4    . G   C 3 6  ? 2.795   -10.590 -4.163  1.00 60.89  ? 36  G   C C4    1 
ATOM   1065 P  P     . U   C 3 7  ? -0.631  -14.348 0.295   1.00 78.53  ? 37  U   C P     1 
ATOM   1066 O  OP1   . U   C 3 7  ? 0.243   -15.026 1.282   1.00 68.82  ? 37  U   C OP1   1 
ATOM   1067 O  OP2   . U   C 3 7  ? -1.812  -15.073 -0.240  1.00 73.50  ? 37  U   C OP2   1 
ATOM   1068 O  "O5'" . U   C 3 7  ? -1.081  -12.931 0.855   1.00 76.09  ? 37  U   C "O5'" 1 
ATOM   1069 C  "C5'" . U   C 3 7  ? -1.314  -12.731 2.240   1.00 71.89  ? 37  U   C "C5'" 1 
ATOM   1070 C  "C4'" . U   C 3 7  ? -0.724  -11.430 2.715   1.00 73.66  ? 37  U   C "C4'" 1 
ATOM   1071 O  "O4'" . U   C 3 7  ? 0.722   -11.554 2.754   1.00 75.31  ? 37  U   C "O4'" 1 
ATOM   1072 C  "C3'" . U   C 3 7  ? -1.031  -10.207 1.840   1.00 72.73  ? 37  U   C "C3'" 1 
ATOM   1073 O  "O3'" . U   C 3 7  ? -1.224  -9.062  2.662   1.00 72.15  ? 37  U   C "O3'" 1 
ATOM   1074 C  "C2'" . U   C 3 7  ? 0.247   -10.018 1.042   1.00 72.79  ? 37  U   C "C2'" 1 
ATOM   1075 O  "O2'" . U   C 3 7  ? 0.487   -8.683  0.641   1.00 71.96  ? 37  U   C "O2'" 1 
ATOM   1076 C  "C1'" . U   C 3 7  ? 1.309   -10.503 2.026   1.00 71.64  ? 37  U   C "C1'" 1 
ATOM   1077 N  N1    . U   C 3 7  ? 2.503   -11.014 1.363   1.00 73.95  ? 37  U   C N1    1 
ATOM   1078 C  C2    . U   C 3 7  ? 3.676   -10.347 1.618   1.00 76.24  ? 37  U   C C2    1 
ATOM   1079 O  O2    . U   C 3 7  ? 3.710   -9.421  2.408   1.00 76.56  ? 37  U   C O2    1 
ATOM   1080 N  N3    . U   C 3 7  ? 4.778   -10.820 0.935   1.00 76.88  ? 37  U   C N3    1 
ATOM   1081 C  C4    . U   C 3 7  ? 4.789   -11.875 0.033   1.00 77.55  ? 37  U   C C4    1 
ATOM   1082 O  O4    . U   C 3 7  ? 5.849   -12.207 -0.520  1.00 86.48  ? 37  U   C O4    1 
ATOM   1083 C  C5    . U   C 3 7  ? 3.511   -12.494 -0.184  1.00 73.19  ? 37  U   C C5    1 
ATOM   1084 C  C6    . U   C 3 7  ? 2.428   -12.053 0.467   1.00 74.75  ? 37  U   C C6    1 
HETATM 1085 N  N1    . P5P C 3 8  ? 1.993   -2.803  0.556   1.00 63.30  ? 38  P5P C N1    1 
HETATM 1086 C  C2    . P5P C 3 8  ? 1.294   -3.887  0.860   1.00 66.76  ? 38  P5P C C2    1 
HETATM 1087 N  N3    . P5P C 3 8  ? 0.479   -4.493  0.013   1.00 63.97  ? 38  P5P C N3    1 
HETATM 1088 C  C4    . P5P C 3 8  ? 0.344   -4.012  -1.201  1.00 60.83  ? 38  P5P C C4    1 
HETATM 1089 C  C5    . P5P C 3 8  ? 1.072   -2.860  -1.576  1.00 58.91  ? 38  P5P C C5    1 
HETATM 1090 C  C6    . P5P C 3 8  ? 1.918   -2.261  -0.643  1.00 56.40  ? 38  P5P C C6    1 
HETATM 1091 N  N7    . P5P C 3 8  ? 0.740   -2.589  -2.863  1.00 58.70  ? 38  P5P C N7    1 
HETATM 1092 C  C8    . P5P C 3 8  ? -0.107  -3.483  -3.288  1.00 62.96  ? 38  P5P C C8    1 
HETATM 1093 N  N9    . P5P C 3 8  ? -0.369  -4.379  -2.300  1.00 60.16  ? 38  P5P C N9    1 
HETATM 1094 C  "C1'" . P5P C 3 8  ? -1.244  -5.532  -2.403  1.00 61.78  ? 38  P5P C "C1'" 1 
HETATM 1095 C  "C2'" . P5P C 3 8  ? -0.546  -6.880  -2.188  1.00 67.69  ? 38  P5P C "C2'" 1 
HETATM 1096 O  "O2'" . P5P C 3 8  ? 0.153   -7.315  -3.344  1.00 63.24  ? 38  P5P C "O2'" 1 
HETATM 1097 C  "C3'" . P5P C 3 8  ? -1.739  -7.743  -1.790  1.00 66.69  ? 38  P5P C "C3'" 1 
HETATM 1098 O  "O3'" . P5P C 3 8  ? -2.509  -8.052  -2.966  1.00 66.28  ? 38  P5P C "O3'" 1 
HETATM 1099 C  "C4'" . P5P C 3 8  ? -2.527  -6.771  -0.900  1.00 68.85  ? 38  P5P C "C4'" 1 
HETATM 1100 O  "O4'" . P5P C 3 8  ? -2.194  -5.439  -1.371  1.00 63.37  ? 38  P5P C "O4'" 1 
HETATM 1101 C  "C5'" . P5P C 3 8  ? -2.224  -6.848  0.576   1.00 66.64  ? 38  P5P C "C5'" 1 
HETATM 1102 O  "O5'" . P5P C 3 8  ? -2.919  -7.920  1.189   1.00 71.66  ? 38  P5P C "O5'" 1 
HETATM 1103 P  P     . P5P C 3 8  ? -2.645  -8.329  2.701   1.00 71.13  ? 38  P5P C P     1 
HETATM 1104 O  OP1   . P5P C 3 8  ? -2.442  -7.206  3.639   1.00 66.00  ? 38  P5P C OP1   1 
HETATM 1105 O  OP2   . P5P C 3 8  ? -3.817  -9.344  3.118   1.00 75.01  ? 38  P5P C OP2   1 
ATOM   1106 P  P     . C   C 3 9  ? -3.488  -9.337  -3.018  1.00 74.18  ? 39  C   C P     1 
ATOM   1107 O  OP1   . C   C 3 9  ? -2.738  -10.489 -2.460  1.00 73.75  ? 39  C   C OP1   1 
ATOM   1108 O  OP2   . C   C 3 9  ? -4.024  -9.437  -4.406  1.00 69.54  ? 39  C   C OP2   1 
ATOM   1109 O  "O5'" . C   C 3 9  ? -4.654  -8.928  -2.029  1.00 73.49  ? 39  C   C "O5'" 1 
ATOM   1110 C  "C5'" . C   C 3 9  ? -5.946  -8.590  -2.523  1.00 72.87  ? 39  C   C "C5'" 1 
ATOM   1111 C  "C4'" . C   C 3 9  ? -6.981  -8.715  -1.443  1.00 77.55  ? 39  C   C "C4'" 1 
ATOM   1112 O  "O4'" . C   C 3 9  ? -7.100  -10.124 -1.071  1.00 76.73  ? 39  C   C "O4'" 1 
ATOM   1113 C  "C3'" . C   C 3 9  ? -6.644  -7.967  -0.151  1.00 75.37  ? 39  C   C "C3'" 1 
ATOM   1114 O  "O3'" . C   C 3 9  ? -7.848  -7.567  0.499   1.00 75.22  ? 39  C   C "O3'" 1 
ATOM   1115 C  "C2'" . C   C 3 9  ? -5.969  -9.050  0.677   1.00 76.22  ? 39  C   C "C2'" 1 
ATOM   1116 O  "O2'" . C   C 3 9  ? -5.983  -8.814  2.065   1.00 74.59  ? 39  C   C "O2'" 1 
ATOM   1117 C  "C1'" . C   C 3 9  ? -6.801  -10.273 0.302   1.00 74.62  ? 39  C   C "C1'" 1 
ATOM   1118 N  N1    . C   C 3 9  ? -6.106  -11.559 0.496   1.00 79.96  ? 39  C   C N1    1 
ATOM   1119 C  C2    . C   C 3 9  ? -6.686  -12.464 1.389   1.00 83.92  ? 39  C   C C2    1 
ATOM   1120 O  O2    . C   C 3 9  ? -7.749  -12.138 1.939   1.00 83.80  ? 39  C   C O2    1 
ATOM   1121 N  N3    . C   C 3 9  ? -6.085  -13.658 1.627   1.00 82.48  ? 39  C   C N3    1 
ATOM   1122 C  C4    . C   C 3 9  ? -4.943  -13.960 1.002   1.00 83.35  ? 39  C   C C4    1 
ATOM   1123 N  N4    . C   C 3 9  ? -4.388  -15.148 1.271   1.00 85.44  ? 39  C   C N4    1 
ATOM   1124 C  C5    . C   C 3 9  ? -4.320  -13.056 0.083   1.00 80.52  ? 39  C   C C5    1 
ATOM   1125 C  C6    . C   C 3 9  ? -4.929  -11.873 -0.134  1.00 81.83  ? 39  C   C C6    1 
ATOM   1126 P  P     . A   C 3 10 ? -8.386  -6.055  0.395   1.00 82.68  ? 40  A   C P     1 
ATOM   1127 O  OP1   . A   C 3 10 ? -9.320  -5.855  1.534   1.00 77.77  ? 40  A   C OP1   1 
ATOM   1128 O  OP2   . A   C 3 10 ? -8.892  -5.852  -0.998  1.00 74.21  ? 40  A   C OP2   1 
ATOM   1129 O  "O5'" . A   C 3 10 ? -7.078  -5.192  0.616   1.00 74.05  ? 40  A   C "O5'" 1 
ATOM   1130 C  "C5'" . A   C 3 10 ? -6.511  -5.042  1.902   1.00 69.98  ? 40  A   C "C5'" 1 
ATOM   1131 C  "C4'" . A   C 3 10 ? -5.332  -4.109  1.851   1.00 72.38  ? 40  A   C "C4'" 1 
ATOM   1132 O  "O4'" . A   C 3 10 ? -4.459  -4.502  0.768   1.00 70.66  ? 40  A   C "O4'" 1 
ATOM   1133 C  "C3'" . A   C 3 10 ? -5.653  -2.657  1.550   1.00 69.85  ? 40  A   C "C3'" 1 
ATOM   1134 O  "O3'" . A   C 3 10 ? -6.043  -1.948  2.700   1.00 75.00  ? 40  A   C "O3'" 1 
ATOM   1135 C  "C2'" . A   C 3 10 ? -4.359  -2.140  0.949   1.00 64.91  ? 40  A   C "C2'" 1 
ATOM   1136 O  "O2'" . A   C 3 10 ? -3.431  -1.832  1.976   1.00 65.36  ? 40  A   C "O2'" 1 
ATOM   1137 C  "C1'" . A   C 3 10 ? -3.856  -3.367  0.202   1.00 64.87  ? 40  A   C "C1'" 1 
ATOM   1138 N  N9    . A   C 3 10 ? -4.173  -3.336  -1.233  1.00 64.74  ? 40  A   C N9    1 
ATOM   1139 C  C8    . A   C 3 10 ? -5.035  -4.129  -1.954  1.00 65.82  ? 40  A   C C8    1 
ATOM   1140 N  N7    . A   C 3 10 ? -5.041  -3.869  -3.247  1.00 60.70  ? 40  A   C N7    1 
ATOM   1141 C  C5    . A   C 3 10 ? -4.107  -2.853  -3.368  1.00 59.91  ? 40  A   C C5    1 
ATOM   1142 C  C6    . A   C 3 10 ? -3.634  -2.138  -4.475  1.00 64.22  ? 40  A   C C6    1 
ATOM   1143 N  N6    . A   C 3 10 ? -4.069  -2.340  -5.721  1.00 66.62  ? 40  A   C N6    1 
ATOM   1144 N  N1    . A   C 3 10 ? -2.694  -1.195  -4.258  1.00 60.47  ? 40  A   C N1    1 
ATOM   1145 C  C2    . A   C 3 10 ? -2.264  -0.997  -3.006  1.00 61.94  ? 40  A   C C2    1 
ATOM   1146 N  N3    . A   C 3 10 ? -2.626  -1.601  -1.877  1.00 64.10  ? 40  A   C N3    1 
ATOM   1147 C  C4    . A   C 3 10 ? -3.560  -2.527  -2.144  1.00 63.40  ? 40  A   C C4    1 
ATOM   1148 P  P     . U   C 3 11 ? -7.208  -0.857  2.618   1.00 71.97  ? 41  U   C P     1 
ATOM   1149 O  OP1   . U   C 3 11 ? -7.372  -0.318  3.988   1.00 68.77  ? 41  U   C OP1   1 
ATOM   1150 O  OP2   . U   C 3 11 ? -8.368  -1.496  1.952   1.00 70.75  ? 41  U   C OP2   1 
ATOM   1151 O  "O5'" . U   C 3 11 ? -6.587  0.250   1.668   1.00 62.30  ? 41  U   C "O5'" 1 
ATOM   1152 C  "C5'" . U   C 3 11 ? -5.458  0.999   2.082   1.00 65.50  ? 41  U   C "C5'" 1 
ATOM   1153 C  "C4'" . U   C 3 11 ? -5.057  1.994   1.036   1.00 66.01  ? 41  U   C "C4'" 1 
ATOM   1154 O  "O4'" . U   C 3 11 ? -4.835  1.291   -0.219  1.00 64.51  ? 41  U   C "O4'" 1 
ATOM   1155 C  "C3'" . U   C 3 11 ? -6.102  3.069   0.739   1.00 66.08  ? 41  U   C "C3'" 1 
ATOM   1156 O  "O3'" . U   C 3 11 ? -5.435  4.271   0.382   1.00 69.37  ? 41  U   C "O3'" 1 
ATOM   1157 C  "C2'" . U   C 3 11 ? -6.807  2.507   -0.481  1.00 64.33  ? 41  U   C "C2'" 1 
ATOM   1158 O  "O2'" . U   C 3 11 ? -7.450  3.464   -1.284  1.00 66.25  ? 41  U   C "O2'" 1 
ATOM   1159 C  "C1'" . U   C 3 11 ? -5.652  1.850   -1.220  1.00 64.72  ? 41  U   C "C1'" 1 
ATOM   1160 N  N1    . U   C 3 11 ? -6.090  0.787   -2.133  1.00 65.25  ? 41  U   C N1    1 
ATOM   1161 C  C2    . U   C 3 11 ? -5.857  0.992   -3.476  1.00 65.72  ? 41  U   C C2    1 
ATOM   1162 O  O2    . U   C 3 11 ? -5.244  1.962   -3.883  1.00 66.92  ? 41  U   C O2    1 
ATOM   1163 N  N3    . U   C 3 11 ? -6.330  0.019   -4.318  1.00 61.51  ? 41  U   C N3    1 
ATOM   1164 C  C4    . U   C 3 11 ? -7.030  -1.102  -3.933  1.00 66.71  ? 41  U   C C4    1 
ATOM   1165 O  O4    . U   C 3 11 ? -7.405  -1.894  -4.802  1.00 73.99  ? 41  U   C O4    1 
ATOM   1166 C  C5    . U   C 3 11 ? -7.258  -1.232  -2.518  1.00 66.28  ? 41  U   C C5    1 
ATOM   1167 C  C6    . U   C 3 11 ? -6.800  -0.298  -1.677  1.00 66.53  ? 41  U   C C6    1 
ATOM   1168 P  P     . U   C 3 12 ? -6.136  5.700   0.586   1.00 65.79  ? 42  U   C P     1 
ATOM   1169 O  OP1   . U   C 3 12 ? -6.040  6.039   2.027   1.00 62.29  ? 42  U   C OP1   1 
ATOM   1170 O  OP2   . U   C 3 12 ? -7.471  5.630   -0.036  1.00 64.26  ? 42  U   C OP2   1 
ATOM   1171 O  "O5'" . U   C 3 12 ? -5.188  6.648   -0.256  1.00 62.43  ? 42  U   C "O5'" 1 
ATOM   1172 C  "C5'" . U   C 3 12 ? -5.654  7.870   -0.783  1.00 64.84  ? 42  U   C "C5'" 1 
ATOM   1173 C  "C4'" . U   C 3 12 ? -5.656  7.846   -2.282  1.00 69.29  ? 42  U   C "C4'" 1 
ATOM   1174 O  "O4'" . U   C 3 12 ? -4.366  7.370   -2.760  1.00 69.59  ? 42  U   C "O4'" 1 
ATOM   1175 C  "C3'" . U   C 3 12 ? -6.697  6.926   -2.913  1.00 66.78  ? 42  U   C "C3'" 1 
ATOM   1176 O  "O3'" . U   C 3 12 ? -7.091  7.469   -4.161  1.00 74.27  ? 42  U   C "O3'" 1 
ATOM   1177 C  "C2'" . U   C 3 12 ? -5.898  5.679   -3.192  1.00 64.33  ? 42  U   C "C2'" 1 
ATOM   1178 O  "O2'" . U   C 3 12 ? -6.444  4.873   -4.204  1.00 71.99  ? 42  U   C "O2'" 1 
ATOM   1179 C  "C1'" . U   C 3 12 ? -4.581  6.284   -3.632  1.00 67.21  ? 42  U   C "C1'" 1 
ATOM   1180 N  N1    . U   C 3 12 ? -3.453  5.365   -3.534  1.00 71.33  ? 42  U   C N1    1 
ATOM   1181 C  C2    . U   C 3 12 ? -2.882  4.972   -4.721  1.00 72.37  ? 42  U   C C2    1 
ATOM   1182 O  O2    . U   C 3 12 ? -3.260  5.381   -5.798  1.00 75.37  ? 42  U   C O2    1 
ATOM   1183 N  N3    . U   C 3 12 ? -1.842  4.093   -4.594  1.00 71.31  ? 42  U   C N3    1 
ATOM   1184 C  C4    . U   C 3 12 ? -1.346  3.579   -3.419  1.00 68.88  ? 42  U   C C4    1 
ATOM   1185 O  O4    . U   C 3 12 ? -0.408  2.790   -3.466  1.00 72.86  ? 42  U   C O4    1 
ATOM   1186 C  C5    . U   C 3 12 ? -1.997  4.028   -2.228  1.00 68.52  ? 42  U   C C5    1 
ATOM   1187 C  C6    . U   C 3 12 ? -3.017  4.880   -2.327  1.00 71.47  ? 42  U   C C6    1 
ATOM   1188 P  P     . A   C 3 13 ? -8.602  7.906   -4.426  1.00 73.22  ? 43  A   C P     1 
ATOM   1189 O  OP1   . A   C 3 13 ? -8.867  9.082   -3.558  1.00 76.35  ? 43  A   C OP1   1 
ATOM   1190 O  OP2   . A   C 3 13 ? -9.458  6.699   -4.268  1.00 64.15  ? 43  A   C OP2   1 
ATOM   1191 O  "O5'" . A   C 3 13 ? -8.542  8.347   -5.961  1.00 68.30  ? 43  A   C "O5'" 1 
ATOM   1192 C  "C5'" . A   C 3 13 ? -7.672  9.391   -6.386  1.00 68.95  ? 43  A   C "C5'" 1 
ATOM   1193 C  "C4'" . A   C 3 13 ? -7.108  9.113   -7.754  1.00 76.24  ? 43  A   C "C4'" 1 
ATOM   1194 O  "O4'" . A   C 3 13 ? -6.354  7.877   -7.720  1.00 80.71  ? 43  A   C "O4'" 1 
ATOM   1195 C  "C3'" . A   C 3 13 ? -8.127  8.900   -8.865  1.00 78.70  ? 43  A   C "C3'" 1 
ATOM   1196 O  "O3'" . A   C 3 13 ? -8.580  10.120  -9.430  1.00 79.83  ? 43  A   C "O3'" 1 
ATOM   1197 C  "C2'" . A   C 3 13 ? -7.377  8.004   -9.851  1.00 78.41  ? 43  A   C "C2'" 1 
ATOM   1198 O  "O2'" . A   C 3 13 ? -6.472  8.766   -10.644 1.00 72.47  ? 43  A   C "O2'" 1 
ATOM   1199 C  "C1'" . A   C 3 13 ? -6.558  7.141   -8.905  1.00 74.20  ? 43  A   C "C1'" 1 
ATOM   1200 N  N9    . A   C 3 13 ? -7.232  5.877   -8.553  1.00 73.23  ? 43  A   C N9    1 
ATOM   1201 C  C8    . A   C 3 13 ? -7.489  5.419   -7.283  1.00 71.81  ? 43  A   C C8    1 
ATOM   1202 N  N7    . A   C 3 13 ? -8.074  4.240   -7.236  1.00 70.28  ? 43  A   C N7    1 
ATOM   1203 C  C5    . A   C 3 13 ? -8.202  3.893   -8.569  1.00 72.45  ? 43  A   C C5    1 
ATOM   1204 C  C6    . A   C 3 13 ? -8.748  2.754   -9.182  1.00 72.36  ? 43  A   C C6    1 
ATOM   1205 N  N6    . A   C 3 13 ? -9.274  1.738   -8.498  1.00 70.82  ? 43  A   C N6    1 
ATOM   1206 N  N1    . A   C 3 13 ? -8.727  2.695   -10.533 1.00 72.27  ? 43  A   C N1    1 
ATOM   1207 C  C2    . A   C 3 13 ? -8.188  3.732   -11.200 1.00 75.84  ? 43  A   C C2    1 
ATOM   1208 N  N3    . A   C 3 13 ? -7.638  4.865   -10.743 1.00 76.05  ? 43  A   C N3    1 
ATOM   1209 C  C4    . A   C 3 13 ? -7.674  4.882   -9.396  1.00 75.82  ? 43  A   C C4    1 
ATOM   1210 P  P     . C   C 3 14 ? -10.156 10.450  -9.513  1.00 85.92  ? 44  C   C P     1 
ATOM   1211 O  OP1   . C   C 3 14 ? -10.280 11.635  -10.384 1.00 83.54  ? 44  C   C OP1   1 
ATOM   1212 O  OP2   . C   C 3 14 ? -10.682 10.524  -8.118  1.00 65.59  ? 44  C   C OP2   1 
ATOM   1213 O  "O5'" . C   C 3 14 ? -10.762 9.164   -10.241 1.00 81.96  ? 44  C   C "O5'" 1 
ATOM   1214 C  "C5'" . C   C 3 14 ? -10.544 8.925   -11.627 1.00 80.78  ? 44  C   C "C5'" 1 
ATOM   1215 C  "C4'" . C   C 3 14 ? -11.287 7.697   -12.095 1.00 79.02  ? 44  C   C "C4'" 1 
ATOM   1216 O  "O4'" . C   C 3 14 ? -10.612 6.504   -11.611 1.00 81.70  ? 44  C   C "O4'" 1 
ATOM   1217 C  "C3'" . C   C 3 14 ? -12.713 7.556   -11.585 1.00 81.43  ? 44  C   C "C3'" 1 
ATOM   1218 O  "O3'" . C   C 3 14 ? -13.648 8.273   -12.368 1.00 84.47  ? 44  C   C "O3'" 1 
ATOM   1219 C  "C2'" . C   C 3 14 ? -12.939 6.050   -11.592 1.00 82.83  ? 44  C   C "C2'" 1 
ATOM   1220 O  "O2'" . C   C 3 14 ? -13.254 5.592   -12.899 1.00 88.60  ? 44  C   C "O2'" 1 
ATOM   1221 C  "C1'" . C   C 3 14 ? -11.554 5.532   -11.216 1.00 78.68  ? 44  C   C "C1'" 1 
ATOM   1222 N  N1    . C   C 3 14 ? -11.427 5.342   -9.765  1.00 76.99  ? 44  C   C N1    1 
ATOM   1223 C  C2    . C   C 3 14 ? -11.979 4.205   -9.168  1.00 78.41  ? 44  C   C C2    1 
ATOM   1224 O  O2    . C   C 3 14 ? -12.560 3.363   -9.877  1.00 78.79  ? 44  C   C O2    1 
ATOM   1225 N  N3    . C   C 3 14 ? -11.870 4.058   -7.825  1.00 76.66  ? 44  C   C N3    1 
ATOM   1226 C  C4    . C   C 3 14 ? -11.241 4.991   -7.097  1.00 75.17  ? 44  C   C C4    1 
ATOM   1227 N  N4    . C   C 3 14 ? -11.150 4.800   -5.772  1.00 74.39  ? 44  C   C N4    1 
ATOM   1228 C  C5    . C   C 3 14 ? -10.670 6.159   -7.692  1.00 75.09  ? 44  C   C C5    1 
ATOM   1229 C  C6    . C   C 3 14 ? -10.792 6.296   -9.017  1.00 75.89  ? 44  C   C C6    1 
ATOM   1230 P  P     . C   C 3 15 ? -14.864 9.055   -11.664 1.00 86.03  ? 45  C   C P     1 
ATOM   1231 O  OP1   . C   C 3 15 ? -15.375 10.024  -12.659 1.00 88.08  ? 45  C   C OP1   1 
ATOM   1232 O  OP2   . C   C 3 15 ? -14.371 9.568   -10.368 1.00 82.84  ? 45  C   C OP2   1 
ATOM   1233 O  "O5'" . C   C 3 15 ? -15.936 7.902   -11.406 1.00 72.76  ? 45  C   C "O5'" 1 
ATOM   1234 C  "C5'" . C   C 3 15 ? -16.335 7.032   -12.445 1.00 73.11  ? 45  C   C "C5'" 1 
ATOM   1235 C  "C4'" . C   C 3 15 ? -17.072 5.839   -11.902 1.00 81.95  ? 45  C   C "C4'" 1 
ATOM   1236 O  "O4'" . C   C 3 15 ? -16.152 4.966   -11.201 1.00 83.18  ? 45  C   C "O4'" 1 
ATOM   1237 C  "C3'" . C   C 3 15 ? -18.148 6.126   -10.865 1.00 85.34  ? 45  C   C "C3'" 1 
ATOM   1238 O  "O3'" . C   C 3 15 ? -19.358 6.596   -11.424 1.00 91.34  ? 45  C   C "O3'" 1 
ATOM   1239 C  "C2'" . C   C 3 15 ? -18.281 4.787   -10.147 1.00 83.56  ? 45  C   C "C2'" 1 
ATOM   1240 O  "O2'" . C   C 3 15 ? -19.053 3.866   -10.905 1.00 79.93  ? 45  C   C "O2'" 1 
ATOM   1241 C  "C1'" . C   C 3 15 ? -16.830 4.314   -10.138 1.00 83.64  ? 45  C   C "C1'" 1 
ATOM   1242 N  N1    . C   C 3 15 ? -16.168 4.658   -8.872  1.00 81.95  ? 45  C   C N1    1 
ATOM   1243 C  C2    . C   C 3 15 ? -16.434 3.829   -7.778  1.00 79.86  ? 45  C   C C2    1 
ATOM   1244 O  O2    . C   C 3 15 ? -17.196 2.853   -7.938  1.00 80.24  ? 45  C   C O2    1 
ATOM   1245 N  N3    . C   C 3 15 ? -15.853 4.122   -6.591  1.00 75.88  ? 45  C   C N3    1 
ATOM   1246 C  C4    . C   C 3 15 ? -15.051 5.192   -6.497  1.00 79.86  ? 45  C   C C4    1 
ATOM   1247 N  N4    . C   C 3 15 ? -14.490 5.450   -5.313  1.00 80.34  ? 45  C   C N4    1 
ATOM   1248 C  C5    . C   C 3 15 ? -14.773 6.054   -7.603  1.00 77.59  ? 45  C   C C5    1 
ATOM   1249 C  C6    . C   C 3 15 ? -15.357 5.756   -8.769  1.00 80.87  ? 45  C   C C6    1 
ATOM   1250 P  P     . U   C 3 16 ? -20.354 7.486   -10.539 1.00 91.69  ? 46  U   C P     1 
ATOM   1251 O  OP1   . U   C 3 16 ? -21.445 7.934   -11.436 1.00 92.96  ? 46  U   C OP1   1 
ATOM   1252 O  OP2   . U   C 3 16 ? -19.529 8.518   -9.846  1.00 74.41  ? 46  U   C OP2   1 
ATOM   1253 O  "O5'" . U   C 3 16 ? -20.921 6.432   -9.492  1.00 76.46  ? 46  U   C "O5'" 1 
ATOM   1254 C  "C5'" . U   C 3 16 ? -21.986 5.580   -9.846  1.00 76.90  ? 46  U   C "C5'" 1 
ATOM   1255 C  "C4'" . U   C 3 16 ? -22.370 4.685   -8.705  1.00 85.87  ? 46  U   C "C4'" 1 
ATOM   1256 O  "O4'" . U   C 3 16 ? -21.180 4.067   -8.156  1.00 86.98  ? 46  U   C "O4'" 1 
ATOM   1257 C  "C3'" . U   C 3 16 ? -23.008 5.362   -7.499  1.00 89.23  ? 46  U   C "C3'" 1 
ATOM   1258 O  "O3'" . U   C 3 16 ? -24.382 5.660   -7.676  1.00 92.70  ? 46  U   C "O3'" 1 
ATOM   1259 C  "C2'" . U   C 3 16 ? -22.738 4.356   -6.390  1.00 89.03  ? 46  U   C "C2'" 1 
ATOM   1260 O  "O2'" . U   C 3 16 ? -23.605 3.235   -6.495  1.00 82.70  ? 46  U   C "O2'" 1 
ATOM   1261 C  "C1'" . U   C 3 16 ? -21.326 3.906   -6.756  1.00 86.97  ? 46  U   C "C1'" 1 
ATOM   1262 N  N1    . U   C 3 16 ? -20.301 4.729   -6.080  1.00 82.89  ? 46  U   C N1    1 
ATOM   1263 C  C2    . U   C 3 16 ? -20.131 4.526   -4.718  1.00 81.91  ? 46  U   C C2    1 
ATOM   1264 O  O2    . U   C 3 16 ? -20.788 3.705   -4.075  1.00 79.72  ? 46  U   C O2    1 
ATOM   1265 N  N3    . U   C 3 16 ? -19.165 5.325   -4.145  1.00 78.56  ? 46  U   C N3    1 
ATOM   1266 C  C4    . U   C 3 16 ? -18.382 6.280   -4.777  1.00 79.31  ? 46  U   C C4    1 
ATOM   1267 O  O4    . U   C 3 16 ? -17.548 6.920   -4.119  1.00 76.29  ? 46  U   C O4    1 
ATOM   1268 C  C5    . U   C 3 16 ? -18.633 6.426   -6.184  1.00 79.45  ? 46  U   C C5    1 
ATOM   1269 C  C6    . U   C 3 16 ? -19.566 5.666   -6.770  1.00 81.46  ? 46  U   C C6    1 
ATOM   1270 P  P     . G   C 3 17 ? -25.003 7.000   -7.033  1.00 99.31  ? 47  G   C P     1 
ATOM   1271 O  OP1   . G   C 3 17 ? -26.292 7.253   -7.717  1.00 102.21 ? 47  G   C OP1   1 
ATOM   1272 O  OP2   . G   C 3 17 ? -23.950 8.049   -7.088  1.00 85.36  ? 47  G   C OP2   1 
ATOM   1273 O  "O5'" . G   C 3 17 ? -25.270 6.572   -5.527  1.00 81.15  ? 47  G   C "O5'" 1 
ATOM   1274 C  "C5'" . G   C 3 17 ? -26.141 5.499   -5.231  1.00 80.16  ? 47  G   C "C5'" 1 
ATOM   1275 C  "C4'" . G   C 3 17 ? -26.156 5.190   -3.757  1.00 85.63  ? 47  G   C "C4'" 1 
ATOM   1276 O  "O4'" . G   C 3 17 ? -24.863 4.663   -3.350  1.00 85.51  ? 47  G   C "O4'" 1 
ATOM   1277 C  "C3'" . G   C 3 17 ? -26.392 6.371   -2.823  1.00 84.11  ? 47  G   C "C3'" 1 
ATOM   1278 O  "O3'" . G   C 3 17 ? -27.767 6.709   -2.708  1.00 81.12  ? 47  G   C "O3'" 1 
ATOM   1279 C  "C2'" . G   C 3 17 ? -25.754 5.886   -1.520  1.00 87.09  ? 47  G   C "C2'" 1 
ATOM   1280 O  "O2'" . G   C 3 17 ? -26.592 4.949   -0.852  1.00 81.60  ? 47  G   C "O2'" 1 
ATOM   1281 C  "C1'" . G   C 3 17 ? -24.535 5.133   -2.055  1.00 84.78  ? 47  G   C "C1'" 1 
ATOM   1282 N  N9    . G   C 3 17 ? -23.341 6.006   -2.157  1.00 81.66  ? 47  G   C N9    1 
ATOM   1283 C  C8    . G   C 3 17 ? -22.837 6.608   -3.291  1.00 81.82  ? 47  G   C C8    1 
ATOM   1284 N  N7    . G   C 3 17 ? -21.769 7.330   -3.069  1.00 81.63  ? 47  G   C N7    1 
ATOM   1285 C  C5    . G   C 3 17 ? -21.540 7.199   -1.698  1.00 81.74  ? 47  G   C C5    1 
ATOM   1286 C  C6    . G   C 3 17 ? -20.516 7.754   -0.862  1.00 83.21  ? 47  G   C C6    1 
ATOM   1287 O  O6    . G   C 3 17 ? -19.568 8.510   -1.178  1.00 80.64  ? 47  G   C O6    1 
ATOM   1288 N  N1    . G   C 3 17 ? -20.682 7.350   0.465   1.00 76.54  ? 47  G   C N1    1 
ATOM   1289 C  C2    . G   C 3 17 ? -21.690 6.535   0.920   1.00 77.01  ? 47  G   C C2    1 
ATOM   1290 N  N2    . G   C 3 17 ? -21.701 6.247   2.232   1.00 78.08  ? 47  G   C N2    1 
ATOM   1291 N  N3    . G   C 3 17 ? -22.633 6.019   0.154   1.00 76.76  ? 47  G   C N3    1 
ATOM   1292 C  C4    . G   C 3 17 ? -22.501 6.386   -1.131  1.00 77.13  ? 47  G   C C4    1 
ATOM   1293 P  P     . C   C 3 18 ? -28.232 8.176   -2.231  1.00 89.89  ? 48  C   C P     1 
ATOM   1294 O  OP1   . C   C 3 18 ? -29.710 8.171   -2.230  1.00 93.90  ? 48  C   C OP1   1 
ATOM   1295 O  OP2   . C   C 3 18 ? -27.525 9.184   -3.080  1.00 75.41  ? 48  C   C OP2   1 
ATOM   1296 O  "O5'" . C   C 3 18 ? -27.696 8.245   -0.737  1.00 83.82  ? 48  C   C "O5'" 1 
ATOM   1297 C  "C5'" . C   C 3 18 ? -28.271 7.441   0.276   1.00 73.34  ? 48  C   C "C5'" 1 
ATOM   1298 C  "C4'" . C   C 3 18 ? -27.680 7.756   1.624   1.00 80.47  ? 48  C   C "C4'" 1 
ATOM   1299 O  "O4'" . C   C 3 18 ? -26.288 7.329   1.659   1.00 79.73  ? 48  C   C "O4'" 1 
ATOM   1300 C  "C3'" . C   C 3 18 ? -27.618 9.232   2.005   1.00 79.73  ? 48  C   C "C3'" 1 
ATOM   1301 O  "O3'" . C   C 3 18 ? -28.843 9.741   2.490   1.00 75.95  ? 48  C   C "O3'" 1 
ATOM   1302 C  "C2'" . C   C 3 18 ? -26.501 9.251   3.035   1.00 82.82  ? 48  C   C "C2'" 1 
ATOM   1303 O  "O2'" . C   C 3 18 ? -26.951 8.733   4.276   1.00 79.21  ? 48  C   C "O2'" 1 
ATOM   1304 C  "C1'" . C   C 3 18 ? -25.526 8.248   2.418   1.00 82.62  ? 48  C   C "C1'" 1 
ATOM   1305 N  N1    . C   C 3 18 ? -24.563 8.925   1.516   1.00 82.89  ? 48  C   C N1    1 
ATOM   1306 C  C2    . C   C 3 18 ? -23.452 9.551   2.105   1.00 82.36  ? 48  C   C C2    1 
ATOM   1307 O  O2    . C   C 3 18 ? -23.326 9.472   3.340   1.00 82.14  ? 48  C   C O2    1 
ATOM   1308 N  N3    . C   C 3 18 ? -22.547 10.206  1.330   1.00 81.97  ? 48  C   C N3    1 
ATOM   1309 C  C4    . C   C 3 18 ? -22.723 10.254  0.010   1.00 81.77  ? 48  C   C C4    1 
ATOM   1310 N  N4    . C   C 3 18 ? -21.809 10.906  -0.718  1.00 75.46  ? 48  C   C N4    1 
ATOM   1311 C  C5    . C   C 3 18 ? -23.859 9.636   -0.611  1.00 83.71  ? 48  C   C C5    1 
ATOM   1312 C  C6    . C   C 3 18 ? -24.751 8.992   0.162   1.00 80.21  ? 48  C   C C6    1 
ATOM   1313 P  P     . C   C 3 19 ? -29.318 11.234  2.099   1.00 88.21  ? 49  C   C P     1 
ATOM   1314 O  OP1   . C   C 3 19 ? -30.773 11.295  2.349   1.00 87.57  ? 49  C   C OP1   1 
ATOM   1315 O  OP2   . C   C 3 19 ? -28.812 11.522  0.728   1.00 84.65  ? 49  C   C OP2   1 
ATOM   1316 O  "O5'" . C   C 3 19 ? -28.554 12.148  3.155   1.00 78.41  ? 49  C   C "O5'" 1 
ATOM   1317 C  "C5'" . C   C 3 19 ? -28.419 11.740  4.505   1.00 76.62  ? 49  C   C "C5'" 1 
ATOM   1318 C  "C4'" . C   C 3 19 ? -27.247 12.418  5.169   1.00 84.77  ? 49  C   C "C4'" 1 
ATOM   1319 O  "O4'" . C   C 3 19 ? -25.995 11.842  4.692   1.00 85.10  ? 49  C   C "O4'" 1 
ATOM   1320 C  "C3'" . C   C 3 19 ? -27.084 13.903  4.884   1.00 78.98  ? 49  C   C "C3'" 1 
ATOM   1321 O  "O3'" . C   C 3 19 ? -27.964 14.715  5.639   1.00 77.84  ? 49  C   C "O3'" 1 
ATOM   1322 C  "C2'" . C   C 3 19 ? -25.616 14.119  5.216   1.00 73.16  ? 49  C   C "C2'" 1 
ATOM   1323 O  "O2'" . C   C 3 19 ? -25.418 14.085  6.620   1.00 71.67  ? 49  C   C "O2'" 1 
ATOM   1324 C  "C1'" . C   C 3 19 ? -25.003 12.852  4.634   1.00 77.43  ? 49  C   C "C1'" 1 
ATOM   1325 N  N1    . C   C 3 19 ? -24.582 13.038  3.220   1.00 81.53  ? 49  C   C N1    1 
ATOM   1326 C  C2    . C   C 3 19 ? -23.347 13.652  2.949   1.00 78.20  ? 49  C   C C2    1 
ATOM   1327 O  O2    . C   C 3 19 ? -22.633 14.034  3.889   1.00 77.33  ? 49  C   C O2    1 
ATOM   1328 N  N3    . C   C 3 19 ? -22.950 13.833  1.672   1.00 77.48  ? 49  C   C N3    1 
ATOM   1329 C  C4    . C   C 3 19 ? -23.719 13.413  0.677   1.00 78.24  ? 49  C   C C4    1 
ATOM   1330 N  N4    . C   C 3 19 ? -23.283 13.607  -0.564  1.00 78.36  ? 49  C   C N4    1 
ATOM   1331 C  C5    . C   C 3 19 ? -24.970 12.777  0.909   1.00 81.63  ? 49  C   C C5    1 
ATOM   1332 C  C6    . C   C 3 19 ? -25.361 12.612  2.181   1.00 82.41  ? 49  C   C C6    1 
HETATM 1333 S  S     . SO4 D 4 .  ? 6.376   13.855  1.928   0.67 100.07 ? 201 SO4 A S     1 
HETATM 1334 O  O1    . SO4 D 4 .  ? 7.563   12.986  1.934   0.67 87.25  ? 201 SO4 A O1    1 
HETATM 1335 O  O2    . SO4 D 4 .  ? 5.947   14.145  3.311   0.67 77.92  ? 201 SO4 A O2    1 
HETATM 1336 O  O3    . SO4 D 4 .  ? 5.291   13.162  1.226   0.67 81.01  ? 201 SO4 A O3    1 
HETATM 1337 O  O4    . SO4 D 4 .  ? 6.694   15.105  1.210   0.67 85.09  ? 201 SO4 A O4    1 
HETATM 1338 CO CO    . NCO E 5 .  ? 5.931   11.912  -2.900  0.77 135.54 ? 101 NCO B CO    1 
HETATM 1339 N  N1    . NCO E 5 .  ? 6.472   10.405  -4.081  0.77 81.19  ? 101 NCO B N1    1 
HETATM 1340 N  N2    . NCO E 5 .  ? 5.369   10.562  -1.556  0.77 78.39  ? 101 NCO B N2    1 
HETATM 1341 N  N3    . NCO E 5 .  ? 5.413   13.415  -1.705  0.77 88.20  ? 101 NCO B N3    1 
HETATM 1342 N  N4    . NCO E 5 .  ? 6.523   13.257  -4.242  0.77 86.15  ? 101 NCO B N4    1 
HETATM 1343 N  N5    . NCO E 5 .  ? 7.753   11.907  -2.109  0.77 91.40  ? 101 NCO B N5    1 
HETATM 1344 N  N6    . NCO E 5 .  ? 4.085   11.936  -3.665  0.77 74.82  ? 101 NCO B N6    1 
HETATM 1345 CO CO    . NCO F 5 .  ? -11.758 -2.890  0.811   1.00 104.76 ? 101 NCO C CO    1 
HETATM 1346 N  N1    . NCO F 5 .  ? -11.964 -4.858  0.872   1.00 76.23  ? 101 NCO C N1    1 
HETATM 1347 N  N2    . NCO F 5 .  ? -13.641 -2.622  1.372   1.00 87.94  ? 101 NCO C N2    1 
HETATM 1348 N  N3    . NCO F 5 .  ? -11.559 -0.926  0.755   1.00 84.90  ? 101 NCO C N3    1 
HETATM 1349 N  N4    . NCO F 5 .  ? -9.873  -3.049  0.204   1.00 86.61  ? 101 NCO C N4    1 
HETATM 1350 N  N5    . NCO F 5 .  ? -11.244 -2.901  2.725   1.00 71.13  ? 101 NCO C N5    1 
HETATM 1351 N  N6    . NCO F 5 .  ? -12.225 -2.921  -1.121  1.00 80.96  ? 101 NCO C N6    1 
HETATM 1352 O  O     . HOH G 6 .  ? 13.549  1.594   -1.474  1.00 68.57  ? 201 HOH B O     1 
HETATM 1353 O  O     . HOH H 6 .  ? -6.715  -16.521 3.357   1.00 72.76  ? 201 HOH C O     1 
HETATM 1354 O  O     . HOH H 6 .  ? 5.168   -14.284 -3.605  1.00 58.21  ? 202 HOH C O     1 
# 
